data_9J9J
#
_entry.id   9J9J
#
_cell.length_a   149.561
_cell.length_b   149.561
_cell.length_c   322.141
_cell.angle_alpha   90.00
_cell.angle_beta   90.00
_cell.angle_gamma   90.00
#
_symmetry.space_group_name_H-M   'I 41 2 2'
#
loop_
_entity.id
_entity.type
_entity.pdbx_description
1 polymer '4-nitrophenol 4-monooxygenase/4-nitrocatechol 2-monooxygenase, oxygenase component'
2 water water
#
_entity_poly.entity_id   1
_entity_poly.type   'polypeptide(L)'
_entity_poly.pdbx_seq_one_letter_code
;MRTGQQYLESLRDGRQVYVGGELIDDVTTHPKTSGYAKAIAEYYDLHLDPEHQDVLTFVDDDGVRKSMHWFLPRSKADAA
RRRAYHEFWFRHFQGGIFTRPPAGMHVVMYAQIDDPEPWGDNAVVAGGRTISFADNIRSQWQRVTTDDVALSPMFVDVQF
DRGRDDALVETPMLSIVEQNDQGIVVRGWKAMGTSLPFVNELLVGNLWRPGQTSDQTVYAIVPVNTPGLSLVCRQSNATP
DADPYDHPLSTIGDELDGMAYFDDVFIPWENVQHIGNPDHAKWYPQRQFDWVHIETQIRHAVHAELIVGLALLLTNALGT
NNNPIVQSQLADLVRFRETCKAFAIAAEETGFTTAGGLFKPNNIYVDLGRAHYLENIHNAVNQLIEFCGRGVVMSPTKAD
FDHPFLGPKLEEALRGTSISARDRVSIFRQISERYLTQWGARHEMFEKFNGTPLYLVRLLTMQRTEYQVDGPLTDLARQV
LGFGDTEALAARAAEVEKNSNWASVAYQPEYAREQDVRDGYYKETEKVLEHHHHHH
;
_entity_poly.pdbx_strand_id   A,B,C
#
# COMPACT_ATOMS: atom_id res chain seq x y z
N MET A 1 11.10 -27.71 -12.18
CA MET A 1 10.60 -26.73 -13.18
C MET A 1 11.69 -26.48 -14.20
N ARG A 2 11.40 -26.67 -15.50
CA ARG A 2 12.41 -26.51 -16.53
C ARG A 2 12.54 -25.04 -16.95
N THR A 3 13.70 -24.74 -17.53
CA THR A 3 14.00 -23.46 -18.14
C THR A 3 13.53 -23.47 -19.59
N GLY A 4 13.34 -22.27 -20.13
CA GLY A 4 13.18 -22.08 -21.55
C GLY A 4 14.25 -22.83 -22.34
N GLN A 5 15.52 -22.65 -21.96
CA GLN A 5 16.60 -23.31 -22.69
C GLN A 5 16.44 -24.83 -22.60
N GLN A 6 16.05 -25.36 -21.45
CA GLN A 6 15.93 -26.81 -21.35
C GLN A 6 14.76 -27.26 -22.23
N TYR A 7 13.70 -26.43 -22.29
CA TYR A 7 12.54 -26.75 -23.10
C TYR A 7 12.93 -26.76 -24.56
N LEU A 8 13.66 -25.74 -25.00
CA LEU A 8 14.04 -25.70 -26.41
C LEU A 8 14.89 -26.92 -26.74
N GLU A 9 15.89 -27.20 -25.90
CA GLU A 9 16.80 -28.32 -26.18
C GLU A 9 16.00 -29.60 -26.32
N SER A 10 14.96 -29.78 -25.50
CA SER A 10 14.20 -31.03 -25.51
C SER A 10 13.47 -31.26 -26.84
N LEU A 11 13.27 -30.19 -27.63
CA LEU A 11 12.61 -30.26 -28.94
C LEU A 11 13.56 -30.71 -30.05
N ARG A 12 14.86 -30.69 -29.78
CA ARG A 12 15.85 -31.12 -30.74
C ARG A 12 16.16 -32.59 -30.50
N ASP A 13 15.26 -33.48 -30.90
CA ASP A 13 15.30 -34.86 -30.46
C ASP A 13 15.02 -35.82 -31.61
N GLY A 14 15.22 -35.36 -32.84
CA GLY A 14 15.04 -36.21 -34.03
C GLY A 14 13.58 -36.49 -34.41
N ARG A 15 12.63 -35.78 -33.77
CA ARG A 15 11.22 -35.86 -34.16
C ARG A 15 11.04 -35.61 -35.64
N GLN A 16 10.10 -36.32 -36.23
CA GLN A 16 9.76 -36.20 -37.62
C GLN A 16 8.53 -35.29 -37.76
N VAL A 17 8.73 -34.08 -38.29
CA VAL A 17 7.72 -33.05 -38.25
C VAL A 17 7.55 -32.44 -39.61
N TYR A 18 6.31 -32.54 -40.11
CA TYR A 18 5.92 -31.98 -41.39
C TYR A 18 5.01 -30.76 -41.15
N VAL A 19 5.35 -29.66 -41.81
CA VAL A 19 4.60 -28.42 -41.75
C VAL A 19 4.36 -27.93 -43.17
N GLY A 20 3.11 -28.01 -43.64
CA GLY A 20 2.79 -27.66 -45.00
C GLY A 20 3.35 -28.68 -45.99
N GLY A 21 3.83 -29.80 -45.47
CA GLY A 21 4.45 -30.82 -46.32
C GLY A 21 5.98 -30.76 -46.32
N GLU A 22 6.57 -29.75 -45.70
CA GLU A 22 8.01 -29.69 -45.62
C GLU A 22 8.47 -30.40 -44.36
N LEU A 23 9.50 -31.23 -44.46
CA LEU A 23 10.07 -31.87 -43.29
C LEU A 23 10.95 -30.89 -42.54
N ILE A 24 10.70 -30.62 -41.27
CA ILE A 24 11.40 -29.59 -40.51
C ILE A 24 12.56 -30.23 -39.77
N ASP A 25 13.77 -29.86 -40.14
CA ASP A 25 15.00 -30.34 -39.53
C ASP A 25 15.02 -30.06 -38.03
N ASP A 26 14.73 -28.82 -37.65
CA ASP A 26 14.89 -28.34 -36.29
C ASP A 26 13.81 -27.30 -36.03
N VAL A 27 12.90 -27.66 -35.13
CA VAL A 27 11.72 -26.89 -34.85
C VAL A 27 12.07 -25.59 -34.14
N THR A 28 13.20 -25.56 -33.43
CA THR A 28 13.61 -24.36 -32.71
C THR A 28 14.28 -23.33 -33.61
N THR A 29 14.69 -23.68 -34.84
CA THR A 29 15.36 -22.71 -35.70
C THR A 29 14.61 -22.43 -37.00
N HIS A 30 13.77 -23.36 -37.47
CA HIS A 30 13.08 -23.17 -38.73
C HIS A 30 12.14 -21.96 -38.61
N PRO A 31 12.16 -21.05 -39.58
CA PRO A 31 11.26 -19.91 -39.55
C PRO A 31 9.80 -20.27 -39.34
N LYS A 32 9.36 -21.44 -39.83
CA LYS A 32 7.95 -21.76 -39.74
C LYS A 32 7.55 -22.02 -38.30
N THR A 33 8.47 -22.47 -37.45
CA THR A 33 8.08 -22.99 -36.14
C THR A 33 8.72 -22.26 -34.96
N SER A 34 9.71 -21.41 -35.20
CA SER A 34 10.63 -21.02 -34.16
C SER A 34 10.03 -19.96 -33.26
N GLY A 35 9.22 -19.03 -33.78
CA GLY A 35 8.57 -18.03 -32.95
C GLY A 35 7.70 -18.67 -31.86
N TYR A 36 6.88 -19.66 -32.23
CA TYR A 36 6.05 -20.30 -31.23
C TYR A 36 6.90 -21.05 -30.22
N ALA A 37 7.93 -21.75 -30.69
CA ALA A 37 8.86 -22.43 -29.80
C ALA A 37 9.41 -21.46 -28.76
N LYS A 38 9.84 -20.27 -29.22
CA LYS A 38 10.38 -19.24 -28.36
C LYS A 38 9.29 -18.74 -27.40
N ALA A 39 8.03 -18.72 -27.82
CA ALA A 39 7.00 -18.18 -26.95
C ALA A 39 6.73 -19.15 -25.79
N ILE A 40 6.79 -20.45 -26.05
CA ILE A 40 6.61 -21.42 -24.98
C ILE A 40 7.87 -21.43 -24.09
N ALA A 41 9.04 -21.17 -24.65
CA ALA A 41 10.26 -21.14 -23.88
C ALA A 41 10.22 -20.02 -22.84
N GLU A 42 9.77 -18.85 -23.27
CA GLU A 42 9.49 -17.74 -22.37
C GLU A 42 8.45 -18.13 -21.32
N TYR A 43 7.42 -18.88 -21.73
CA TYR A 43 6.39 -19.37 -20.81
C TYR A 43 7.08 -20.08 -19.65
N TYR A 44 8.02 -20.98 -19.96
CA TYR A 44 8.73 -21.72 -18.91
C TYR A 44 9.58 -20.77 -18.06
N ASP A 45 10.20 -19.75 -18.66
CA ASP A 45 11.10 -18.88 -17.92
C ASP A 45 10.32 -18.00 -16.93
N LEU A 46 9.13 -17.55 -17.33
CA LEU A 46 8.30 -16.79 -16.43
C LEU A 46 7.95 -17.59 -15.17
N HIS A 47 7.69 -18.89 -15.29
CA HIS A 47 7.36 -19.64 -14.09
C HIS A 47 8.49 -19.58 -13.06
N LEU A 48 9.74 -19.48 -13.54
CA LEU A 48 10.92 -19.47 -12.69
C LEU A 48 11.18 -18.08 -12.15
N ASP A 49 10.50 -17.06 -12.69
CA ASP A 49 10.73 -15.69 -12.28
C ASP A 49 10.10 -15.43 -10.92
N PRO A 50 10.89 -15.08 -9.88
CA PRO A 50 10.35 -14.75 -8.56
C PRO A 50 9.16 -13.78 -8.51
N GLU A 51 9.13 -12.82 -9.42
CA GLU A 51 8.07 -11.82 -9.41
C GLU A 51 6.71 -12.50 -9.59
N HIS A 52 6.64 -13.64 -10.28
CA HIS A 52 5.34 -14.23 -10.57
C HIS A 52 5.12 -15.52 -9.80
N GLN A 53 5.91 -15.74 -8.73
CA GLN A 53 5.81 -16.96 -7.93
C GLN A 53 4.41 -17.18 -7.36
N ASP A 54 3.76 -16.13 -6.88
CA ASP A 54 2.49 -16.33 -6.18
C ASP A 54 1.45 -16.89 -7.12
N VAL A 55 1.34 -16.32 -8.34
CA VAL A 55 0.27 -16.72 -9.24
C VAL A 55 0.69 -17.92 -10.08
N LEU A 56 1.99 -18.20 -10.29
CA LEU A 56 2.40 -19.19 -11.27
C LEU A 56 2.81 -20.52 -10.65
N THR A 57 3.18 -20.58 -9.36
CA THR A 57 3.81 -21.77 -8.82
C THR A 57 3.14 -22.21 -7.53
N PHE A 58 3.42 -23.43 -7.09
CA PHE A 58 2.93 -23.90 -5.82
C PHE A 58 3.88 -24.95 -5.28
N VAL A 59 3.73 -25.30 -3.98
CA VAL A 59 4.50 -26.35 -3.34
C VAL A 59 3.69 -27.63 -3.20
N ASP A 60 4.15 -28.73 -3.80
CA ASP A 60 3.35 -29.93 -4.00
C ASP A 60 3.43 -30.77 -2.72
N ASP A 61 2.72 -31.90 -2.73
CA ASP A 61 2.69 -32.83 -1.61
C ASP A 61 4.11 -33.22 -1.23
N ASP A 62 4.85 -33.75 -2.21
CA ASP A 62 6.27 -34.11 -2.03
C ASP A 62 7.16 -32.95 -1.55
N GLY A 63 6.65 -31.73 -1.34
CA GLY A 63 7.47 -30.64 -0.82
C GLY A 63 8.20 -29.83 -1.89
N VAL A 64 8.08 -30.21 -3.17
CA VAL A 64 8.81 -29.56 -4.26
C VAL A 64 7.98 -28.40 -4.85
N ARG A 65 8.62 -27.30 -5.25
CA ARG A 65 7.94 -26.20 -5.92
C ARG A 65 7.77 -26.50 -7.41
N LYS A 66 6.50 -26.46 -7.88
CA LYS A 66 6.15 -26.80 -9.25
C LYS A 66 5.23 -25.75 -9.86
N SER A 67 5.10 -25.81 -11.18
CA SER A 67 4.25 -24.92 -11.96
C SER A 67 2.78 -25.28 -11.74
N MET A 68 1.91 -24.26 -11.74
CA MET A 68 0.49 -24.44 -11.55
C MET A 68 -0.14 -25.28 -12.67
N HIS A 69 0.58 -25.47 -13.78
CA HIS A 69 0.04 -26.37 -14.78
C HIS A 69 -0.03 -27.79 -14.23
N TRP A 70 0.57 -28.04 -13.05
CA TRP A 70 0.44 -29.37 -12.43
C TRP A 70 -0.43 -29.35 -11.18
N PHE A 71 -1.14 -28.26 -10.89
CA PHE A 71 -1.86 -28.09 -9.64
C PHE A 71 -3.28 -28.67 -9.73
N LEU A 72 -3.57 -29.72 -8.96
CA LEU A 72 -4.91 -30.25 -8.82
C LEU A 72 -5.69 -29.51 -7.75
N PRO A 73 -6.82 -28.84 -8.07
CA PRO A 73 -7.58 -28.10 -7.08
C PRO A 73 -8.43 -28.97 -6.16
N ARG A 74 -8.47 -28.61 -4.88
CA ARG A 74 -9.16 -29.43 -3.89
C ARG A 74 -10.19 -28.60 -3.12
N SER A 75 -10.43 -27.38 -3.57
CA SER A 75 -11.41 -26.53 -2.94
C SER A 75 -11.85 -25.49 -3.95
N LYS A 76 -12.91 -24.76 -3.62
CA LYS A 76 -13.36 -23.66 -4.44
C LYS A 76 -12.23 -22.64 -4.57
N ALA A 77 -11.47 -22.45 -3.49
CA ALA A 77 -10.46 -21.40 -3.51
C ALA A 77 -9.31 -21.82 -4.42
N ASP A 78 -9.01 -23.11 -4.45
CA ASP A 78 -8.02 -23.65 -5.36
C ASP A 78 -8.44 -23.43 -6.82
N ALA A 79 -9.70 -23.77 -7.13
CA ALA A 79 -10.26 -23.52 -8.44
C ALA A 79 -10.13 -22.06 -8.84
N ALA A 80 -10.30 -21.13 -7.90
CA ALA A 80 -10.26 -19.70 -8.21
C ALA A 80 -8.83 -19.29 -8.53
N ARG A 81 -7.88 -20.00 -7.93
CA ARG A 81 -6.46 -19.71 -8.10
C ARG A 81 -6.05 -20.27 -9.47
N ARG A 82 -6.66 -21.39 -9.85
CA ARG A 82 -6.43 -21.92 -11.19
C ARG A 82 -7.01 -20.97 -12.24
N ARG A 83 -8.17 -20.40 -11.93
CA ARG A 83 -8.80 -19.48 -12.85
C ARG A 83 -7.87 -18.30 -13.07
N ALA A 84 -7.30 -17.78 -11.98
CA ALA A 84 -6.38 -16.65 -12.08
C ALA A 84 -5.16 -17.01 -12.90
N TYR A 85 -4.72 -18.26 -12.75
CA TYR A 85 -3.59 -18.76 -13.52
C TYR A 85 -3.92 -18.84 -15.00
N HIS A 86 -5.10 -19.34 -15.37
CA HIS A 86 -5.44 -19.43 -16.79
C HIS A 86 -5.54 -18.00 -17.35
N GLU A 87 -6.04 -17.06 -16.55
CA GLU A 87 -6.21 -15.68 -16.99
C GLU A 87 -4.86 -15.03 -17.23
N PHE A 88 -3.92 -15.29 -16.32
CA PHE A 88 -2.57 -14.74 -16.50
C PHE A 88 -2.14 -15.07 -17.91
N TRP A 89 -2.30 -16.34 -18.30
CA TRP A 89 -1.78 -16.79 -19.57
C TRP A 89 -2.58 -16.24 -20.75
N PHE A 90 -3.89 -16.11 -20.62
CA PHE A 90 -4.69 -15.62 -21.74
C PHE A 90 -4.36 -14.17 -21.96
N ARG A 91 -4.04 -13.47 -20.88
CA ARG A 91 -3.64 -12.07 -20.91
C ARG A 91 -2.24 -11.92 -21.49
N HIS A 92 -1.30 -12.72 -21.00
CA HIS A 92 0.06 -12.69 -21.50
C HIS A 92 0.12 -12.99 -23.00
N PHE A 93 -0.79 -13.85 -23.49
CA PHE A 93 -0.92 -14.17 -24.91
C PHE A 93 -2.08 -13.41 -25.58
N GLN A 94 -2.33 -12.17 -25.14
CA GLN A 94 -3.04 -11.17 -25.92
C GLN A 94 -4.45 -11.63 -26.24
N GLY A 95 -5.15 -12.00 -25.18
CA GLY A 95 -6.55 -12.34 -25.31
C GLY A 95 -6.70 -13.83 -25.49
N GLY A 96 -5.59 -14.46 -25.91
CA GLY A 96 -5.54 -15.91 -26.02
C GLY A 96 -5.25 -16.37 -27.44
N ILE A 97 -4.28 -15.73 -28.11
CA ILE A 97 -3.96 -16.05 -29.48
C ILE A 97 -3.43 -17.48 -29.58
N PHE A 98 -2.71 -17.91 -28.53
CA PHE A 98 -2.29 -19.28 -28.39
C PHE A 98 -3.16 -19.96 -27.35
N THR A 99 -3.93 -20.98 -27.74
CA THR A 99 -4.92 -21.58 -26.87
C THR A 99 -4.38 -22.80 -26.11
N ARG A 100 -3.14 -23.23 -26.38
CA ARG A 100 -2.69 -24.52 -25.92
C ARG A 100 -1.22 -24.52 -25.53
N PRO A 101 -0.82 -23.64 -24.60
CA PRO A 101 0.44 -23.79 -23.89
C PRO A 101 0.24 -24.98 -22.96
N PRO A 102 1.26 -25.46 -22.23
CA PRO A 102 1.06 -26.55 -21.26
C PRO A 102 -0.09 -26.35 -20.28
N ALA A 103 -0.32 -25.11 -19.85
CA ALA A 103 -1.38 -24.79 -18.91
C ALA A 103 -2.75 -25.19 -19.43
N GLY A 104 -2.95 -25.12 -20.75
CA GLY A 104 -4.23 -25.46 -21.34
C GLY A 104 -4.30 -26.94 -21.71
N MET A 105 -3.17 -27.54 -22.03
CA MET A 105 -3.17 -28.91 -22.48
C MET A 105 -3.13 -29.92 -21.34
N HIS A 106 -2.48 -29.59 -20.23
CA HIS A 106 -2.17 -30.60 -19.24
C HIS A 106 -3.41 -30.96 -18.43
N VAL A 107 -4.42 -30.08 -18.46
CA VAL A 107 -5.61 -30.20 -17.65
C VAL A 107 -6.32 -31.50 -18.02
N VAL A 108 -6.02 -32.06 -19.18
CA VAL A 108 -6.70 -33.28 -19.61
C VAL A 108 -6.31 -34.47 -18.71
N MET A 109 -5.19 -34.38 -18.00
CA MET A 109 -4.78 -35.52 -17.19
C MET A 109 -5.45 -35.48 -15.82
N TYR A 110 -5.97 -34.32 -15.42
CA TYR A 110 -6.39 -34.15 -14.04
C TYR A 110 -7.41 -35.22 -13.63
N ALA A 111 -8.27 -35.68 -14.53
CA ALA A 111 -9.30 -36.61 -14.09
C ALA A 111 -8.73 -38.01 -13.99
N GLN A 112 -7.64 -38.27 -14.73
CA GLN A 112 -7.07 -39.61 -14.75
C GLN A 112 -6.41 -39.91 -13.41
N ILE A 113 -5.57 -38.99 -12.95
CA ILE A 113 -4.81 -39.16 -11.73
C ILE A 113 -5.75 -39.05 -10.53
N ASP A 114 -6.89 -38.34 -10.65
CA ASP A 114 -7.88 -38.26 -9.58
C ASP A 114 -8.54 -39.61 -9.32
N ASP A 115 -8.72 -40.40 -10.38
CA ASP A 115 -9.50 -41.62 -10.30
C ASP A 115 -8.90 -42.64 -11.26
N PRO A 116 -7.70 -43.18 -10.94
CA PRO A 116 -7.03 -44.11 -11.85
C PRO A 116 -7.56 -45.53 -11.92
N GLU A 117 -8.17 -46.00 -10.82
CA GLU A 117 -8.38 -47.44 -10.67
C GLU A 117 -9.26 -47.93 -11.82
N PRO A 118 -10.34 -47.20 -12.19
CA PRO A 118 -11.23 -47.69 -13.24
C PRO A 118 -10.50 -47.92 -14.55
N TRP A 119 -9.44 -47.14 -14.79
CA TRP A 119 -8.71 -47.24 -16.04
C TRP A 119 -8.13 -48.64 -16.18
N GLY A 120 -7.60 -49.17 -15.06
CA GLY A 120 -7.19 -50.56 -14.97
C GLY A 120 -8.38 -51.53 -14.88
N ASP A 121 -9.31 -51.25 -13.97
CA ASP A 121 -10.39 -52.19 -13.69
C ASP A 121 -11.16 -52.46 -14.98
N ASN A 122 -11.33 -51.46 -15.85
CA ASN A 122 -12.17 -51.61 -17.04
C ASN A 122 -11.39 -52.22 -18.21
N ALA A 123 -10.07 -52.33 -18.10
CA ALA A 123 -9.24 -52.68 -19.23
C ALA A 123 -9.52 -54.09 -19.74
N VAL A 124 -9.22 -54.35 -21.02
CA VAL A 124 -9.32 -55.66 -21.63
C VAL A 124 -8.02 -55.92 -22.38
N VAL A 125 -7.23 -56.84 -21.83
CA VAL A 125 -5.86 -57.12 -22.26
C VAL A 125 -5.81 -58.52 -22.87
N ALA A 126 -4.81 -58.83 -23.67
CA ALA A 126 -4.82 -60.12 -24.35
C ALA A 126 -3.88 -61.09 -23.64
N GLY A 127 -4.21 -62.39 -23.75
CA GLY A 127 -3.26 -63.46 -23.44
C GLY A 127 -2.91 -63.51 -21.95
N GLY A 128 -3.85 -63.14 -21.09
CA GLY A 128 -3.63 -63.28 -19.66
C GLY A 128 -2.56 -62.33 -19.11
N ARG A 129 -2.04 -61.40 -19.88
CA ARG A 129 -1.09 -60.48 -19.28
C ARG A 129 -1.86 -59.64 -18.28
N THR A 130 -1.22 -59.22 -17.19
CA THR A 130 -1.88 -58.31 -16.27
C THR A 130 -0.96 -57.13 -16.06
N ILE A 131 -1.52 -55.93 -16.27
CA ILE A 131 -0.76 -54.70 -16.34
C ILE A 131 -1.30 -53.82 -15.24
N SER A 132 -0.44 -53.09 -14.52
CA SER A 132 -0.90 -52.23 -13.45
C SER A 132 -1.18 -50.82 -13.96
N PHE A 133 -2.24 -50.70 -14.75
CA PHE A 133 -2.61 -49.43 -15.36
C PHE A 133 -2.70 -48.32 -14.33
N ALA A 134 -3.37 -48.57 -13.22
CA ALA A 134 -3.53 -47.53 -12.23
C ALA A 134 -2.17 -47.07 -11.71
N ASP A 135 -1.29 -48.05 -11.44
CA ASP A 135 0.08 -47.74 -11.04
C ASP A 135 0.78 -46.92 -12.12
N ASN A 136 0.60 -47.33 -13.37
CA ASN A 136 1.15 -46.61 -14.50
C ASN A 136 0.76 -45.14 -14.46
N ILE A 137 -0.52 -44.85 -14.20
CA ILE A 137 -1.01 -43.49 -14.17
C ILE A 137 -0.31 -42.73 -13.04
N ARG A 138 -0.16 -43.37 -11.89
CA ARG A 138 0.41 -42.67 -10.75
C ARG A 138 1.86 -42.32 -11.04
N SER A 139 2.58 -43.23 -11.69
CA SER A 139 4.01 -43.00 -11.87
C SER A 139 4.25 -42.09 -13.08
N GLN A 140 3.42 -42.25 -14.13
CA GLN A 140 3.34 -41.23 -15.19
C GLN A 140 3.23 -39.84 -14.55
N TRP A 141 2.26 -39.65 -13.65
CA TRP A 141 2.06 -38.34 -13.04
C TRP A 141 3.31 -37.88 -12.28
N GLN A 142 3.96 -38.82 -11.58
CA GLN A 142 5.12 -38.49 -10.78
C GLN A 142 6.27 -38.07 -11.69
N ARG A 143 6.42 -38.71 -12.83
CA ARG A 143 7.52 -38.37 -13.74
C ARG A 143 7.25 -37.03 -14.45
N VAL A 144 6.05 -36.85 -14.97
CA VAL A 144 5.86 -35.67 -15.80
C VAL A 144 5.85 -34.42 -14.93
N THR A 145 5.47 -34.52 -13.65
CA THR A 145 5.38 -33.35 -12.77
C THR A 145 6.76 -32.98 -12.25
N THR A 146 7.58 -33.99 -12.02
CA THR A 146 8.92 -33.81 -11.48
C THR A 146 9.82 -33.28 -12.57
N ASP A 147 9.78 -33.89 -13.76
CA ASP A 147 10.65 -33.50 -14.87
C ASP A 147 10.08 -32.33 -15.68
N ASP A 148 8.83 -31.90 -15.38
CA ASP A 148 8.14 -30.82 -16.09
C ASP A 148 8.04 -31.08 -17.59
N VAL A 149 7.55 -32.26 -17.98
CA VAL A 149 7.39 -32.58 -19.38
C VAL A 149 6.22 -31.80 -19.99
N ALA A 150 6.28 -31.57 -21.31
CA ALA A 150 5.19 -30.93 -22.01
C ALA A 150 4.44 -32.00 -22.78
N LEU A 151 3.12 -32.01 -22.64
CA LEU A 151 2.27 -33.06 -23.16
C LEU A 151 1.12 -32.44 -23.94
N SER A 152 0.73 -33.09 -25.04
CA SER A 152 -0.43 -32.62 -25.73
C SER A 152 -1.33 -33.80 -26.06
N PRO A 153 -2.64 -33.65 -25.86
CA PRO A 153 -3.57 -34.72 -26.15
C PRO A 153 -3.89 -34.89 -27.62
N MET A 154 -4.06 -36.13 -28.05
CA MET A 154 -4.63 -36.42 -29.34
C MET A 154 -5.71 -37.47 -29.09
N PHE A 155 -6.98 -37.05 -29.14
CA PHE A 155 -8.10 -37.95 -28.84
C PHE A 155 -9.03 -38.15 -30.03
N VAL A 156 -9.06 -37.20 -30.97
CA VAL A 156 -9.98 -37.27 -32.09
C VAL A 156 -9.52 -38.26 -33.16
N ASP A 157 -10.50 -39.00 -33.70
CA ASP A 157 -10.26 -40.06 -34.68
C ASP A 157 -10.82 -39.68 -36.05
N VAL A 158 -10.20 -40.24 -37.09
CA VAL A 158 -10.63 -40.07 -38.47
C VAL A 158 -11.98 -40.77 -38.63
N GLN A 159 -12.83 -40.21 -39.50
CA GLN A 159 -14.25 -40.53 -39.53
C GLN A 159 -14.45 -42.03 -39.82
N PHE A 160 -14.18 -42.45 -41.05
CA PHE A 160 -14.55 -43.78 -41.50
C PHE A 160 -15.92 -44.17 -40.93
N GLU A 170 -8.92 -53.74 -41.73
CA GLU A 170 -8.16 -52.78 -40.87
C GLU A 170 -8.55 -51.34 -41.22
N THR A 171 -9.07 -50.60 -40.23
CA THR A 171 -9.41 -49.20 -40.36
C THR A 171 -8.13 -48.36 -40.38
N PRO A 172 -8.14 -47.11 -40.92
CA PRO A 172 -7.01 -46.19 -40.81
C PRO A 172 -6.84 -45.57 -39.44
N MET A 173 -7.89 -45.62 -38.62
CA MET A 173 -7.85 -45.22 -37.22
C MET A 173 -6.71 -45.95 -36.51
N LEU A 174 -6.10 -45.30 -35.52
CA LEU A 174 -5.09 -45.95 -34.71
C LEU A 174 -5.69 -47.17 -34.03
N SER A 175 -4.96 -48.29 -34.04
CA SER A 175 -5.40 -49.53 -33.41
C SER A 175 -4.21 -50.42 -33.12
N ILE A 176 -4.40 -51.29 -32.11
CA ILE A 176 -3.38 -52.22 -31.66
C ILE A 176 -3.24 -53.33 -32.70
N VAL A 177 -2.01 -53.64 -33.12
CA VAL A 177 -1.80 -54.70 -34.09
C VAL A 177 -0.90 -55.81 -33.54
N GLU A 178 -0.30 -55.58 -32.38
CA GLU A 178 0.38 -56.61 -31.61
C GLU A 178 0.37 -56.24 -30.13
N GLN A 179 0.20 -57.27 -29.27
CA GLN A 179 0.47 -57.19 -27.84
C GLN A 179 1.58 -58.18 -27.52
N ASN A 180 2.53 -57.78 -26.67
CA ASN A 180 3.60 -58.67 -26.25
C ASN A 180 4.03 -58.29 -24.84
N ASP A 181 4.97 -59.05 -24.26
CA ASP A 181 5.33 -58.95 -22.86
C ASP A 181 5.93 -57.59 -22.56
N GLN A 182 6.51 -56.95 -23.59
CA GLN A 182 7.18 -55.67 -23.40
C GLN A 182 6.16 -54.53 -23.47
N GLY A 183 5.09 -54.69 -24.27
CA GLY A 183 4.16 -53.59 -24.47
C GLY A 183 3.28 -53.82 -25.70
N ILE A 184 2.84 -52.73 -26.36
CA ILE A 184 1.93 -52.86 -27.50
C ILE A 184 2.54 -52.19 -28.72
N VAL A 185 2.04 -52.58 -29.89
CA VAL A 185 2.34 -51.93 -31.15
C VAL A 185 1.03 -51.43 -31.76
N VAL A 186 1.04 -50.18 -32.26
CA VAL A 186 -0.15 -49.51 -32.76
C VAL A 186 0.14 -48.98 -34.16
N ARG A 187 -0.89 -49.00 -35.01
CA ARG A 187 -0.75 -48.51 -36.35
C ARG A 187 -1.99 -47.71 -36.73
N GLY A 188 -1.78 -46.61 -37.48
CA GLY A 188 -2.84 -45.74 -38.01
C GLY A 188 -2.69 -44.29 -37.55
N TRP A 189 -3.77 -43.52 -37.72
CA TRP A 189 -3.78 -42.09 -37.54
C TRP A 189 -4.46 -41.67 -36.25
N LYS A 190 -3.96 -40.60 -35.61
CA LYS A 190 -4.80 -39.76 -34.78
C LYS A 190 -5.11 -38.48 -35.55
N ALA A 191 -6.37 -38.01 -35.48
CA ALA A 191 -6.88 -37.08 -36.48
C ALA A 191 -6.54 -35.65 -36.16
N MET A 192 -6.38 -35.28 -34.89
CA MET A 192 -6.08 -33.89 -34.66
C MET A 192 -5.57 -33.66 -33.26
N GLY A 193 -4.67 -32.69 -33.18
CA GLY A 193 -3.99 -32.33 -31.96
C GLY A 193 -3.28 -31.00 -32.18
N THR A 194 -2.97 -30.33 -31.08
CA THR A 194 -2.48 -28.97 -31.09
C THR A 194 -1.14 -28.91 -30.37
N SER A 195 -0.28 -28.06 -30.95
CA SER A 195 1.06 -27.82 -30.49
C SER A 195 1.97 -29.04 -30.63
N LEU A 196 1.66 -29.97 -31.52
CA LEU A 196 2.35 -31.26 -31.59
C LEU A 196 3.85 -31.09 -31.70
N PRO A 197 4.37 -30.22 -32.59
CA PRO A 197 5.80 -30.08 -32.74
C PRO A 197 6.49 -29.47 -31.53
N PHE A 198 5.74 -29.00 -30.53
CA PHE A 198 6.29 -28.21 -29.45
C PHE A 198 6.12 -28.88 -28.09
N VAL A 199 5.79 -30.18 -28.08
CA VAL A 199 5.71 -30.94 -26.85
C VAL A 199 6.65 -32.15 -26.87
N ASN A 200 6.84 -32.75 -25.72
CA ASN A 200 7.75 -33.87 -25.56
C ASN A 200 7.01 -35.18 -25.78
N GLU A 201 5.73 -35.25 -25.36
CA GLU A 201 4.99 -36.50 -25.39
C GLU A 201 3.55 -36.21 -25.75
N LEU A 202 2.88 -37.15 -26.44
CA LEU A 202 1.46 -37.13 -26.69
C LEU A 202 0.68 -37.96 -25.67
N LEU A 203 -0.51 -37.46 -25.29
CA LEU A 203 -1.48 -38.27 -24.56
C LEU A 203 -2.50 -38.80 -25.55
N VAL A 204 -2.38 -40.04 -26.04
CA VAL A 204 -3.33 -40.45 -27.05
C VAL A 204 -4.49 -41.10 -26.33
N GLY A 205 -5.68 -40.96 -26.91
CA GLY A 205 -6.89 -41.56 -26.38
C GLY A 205 -8.01 -41.55 -27.42
N ASN A 206 -9.18 -42.03 -27.01
CA ASN A 206 -10.37 -42.08 -27.84
C ASN A 206 -11.55 -41.46 -27.12
N LEU A 207 -12.48 -40.90 -27.90
CA LEU A 207 -13.83 -40.59 -27.47
C LEU A 207 -14.77 -41.51 -28.23
N TRP A 208 -15.69 -42.17 -27.52
CA TRP A 208 -16.42 -43.29 -28.10
C TRP A 208 -17.17 -42.83 -29.33
N ARG A 209 -17.16 -43.69 -30.36
CA ARG A 209 -17.97 -43.51 -31.55
C ARG A 209 -18.54 -44.87 -31.91
N PRO A 210 -19.77 -44.93 -32.47
CA PRO A 210 -20.38 -46.21 -32.82
C PRO A 210 -19.45 -47.07 -33.68
N GLY A 211 -19.26 -48.34 -33.28
CA GLY A 211 -18.53 -49.30 -34.10
C GLY A 211 -17.08 -49.48 -33.62
N GLN A 212 -16.67 -48.62 -32.67
CA GLN A 212 -15.32 -48.68 -32.15
C GLN A 212 -15.08 -50.06 -31.54
N THR A 213 -13.95 -50.67 -31.92
CA THR A 213 -13.57 -52.01 -31.48
C THR A 213 -12.64 -51.91 -30.28
N SER A 214 -12.27 -53.08 -29.78
CA SER A 214 -11.45 -53.21 -28.60
C SER A 214 -10.04 -52.73 -28.92
N ASP A 215 -9.56 -53.19 -30.07
CA ASP A 215 -8.23 -52.87 -30.56
C ASP A 215 -8.09 -51.41 -30.91
N GLN A 216 -9.21 -50.67 -31.12
CA GLN A 216 -9.17 -49.24 -31.38
C GLN A 216 -9.22 -48.45 -30.08
N THR A 217 -9.35 -49.12 -28.94
CA THR A 217 -9.39 -48.37 -27.69
C THR A 217 -8.01 -48.34 -27.04
N VAL A 218 -7.32 -47.19 -27.14
CA VAL A 218 -5.98 -47.03 -26.62
C VAL A 218 -5.80 -45.70 -25.93
N TYR A 219 -5.40 -45.72 -24.66
CA TYR A 219 -4.97 -44.53 -23.94
C TYR A 219 -3.52 -44.72 -23.50
N ALA A 220 -2.62 -43.80 -23.88
CA ALA A 220 -1.20 -44.03 -23.61
C ALA A 220 -0.40 -42.74 -23.77
N ILE A 221 0.69 -42.62 -23.01
CA ILE A 221 1.68 -41.59 -23.26
C ILE A 221 2.66 -42.12 -24.29
N VAL A 222 3.00 -41.29 -25.28
CA VAL A 222 3.88 -41.66 -26.37
C VAL A 222 4.85 -40.52 -26.69
N PRO A 223 6.16 -40.71 -26.51
CA PRO A 223 7.10 -39.63 -26.79
C PRO A 223 7.01 -39.16 -28.22
N VAL A 224 7.21 -37.85 -28.48
CA VAL A 224 7.02 -37.33 -29.83
C VAL A 224 8.08 -37.88 -30.79
N ASN A 225 9.29 -38.22 -30.31
CA ASN A 225 10.31 -38.76 -31.21
C ASN A 225 10.38 -40.28 -31.21
N THR A 226 9.28 -40.95 -30.90
CA THR A 226 9.27 -42.39 -30.95
C THR A 226 9.45 -42.82 -32.40
N PRO A 227 10.24 -43.88 -32.68
CA PRO A 227 10.38 -44.42 -34.02
C PRO A 227 9.05 -44.76 -34.64
N GLY A 228 8.81 -44.25 -35.85
CA GLY A 228 7.63 -44.58 -36.63
C GLY A 228 6.51 -43.55 -36.51
N LEU A 229 6.64 -42.59 -35.57
CA LEU A 229 5.65 -41.53 -35.37
C LEU A 229 5.95 -40.32 -36.25
N SER A 230 5.03 -39.95 -37.12
CA SER A 230 5.16 -38.76 -37.95
C SER A 230 4.06 -37.76 -37.59
N LEU A 231 4.47 -36.53 -37.29
CA LEU A 231 3.57 -35.42 -37.06
C LEU A 231 3.30 -34.69 -38.38
N VAL A 232 2.05 -34.73 -38.85
CA VAL A 232 1.68 -34.08 -40.10
C VAL A 232 0.88 -32.82 -39.78
N CYS A 233 1.56 -31.67 -39.76
CA CYS A 233 0.93 -30.43 -39.36
C CYS A 233 0.54 -29.58 -40.57
N ARG A 234 -0.41 -28.67 -40.32
CA ARG A 234 -0.88 -27.68 -41.28
C ARG A 234 0.25 -26.71 -41.61
N GLN A 235 0.11 -25.96 -42.69
CA GLN A 235 1.10 -24.97 -43.04
C GLN A 235 1.21 -23.92 -41.93
N SER A 236 2.39 -23.34 -41.77
CA SER A 236 2.56 -22.26 -40.82
C SER A 236 2.08 -20.94 -41.45
N ASN A 237 1.39 -20.15 -40.63
CA ASN A 237 0.99 -18.83 -41.00
C ASN A 237 1.90 -17.86 -40.26
N ALA A 238 2.98 -18.35 -39.66
CA ALA A 238 3.91 -17.41 -39.02
C ALA A 238 4.56 -16.51 -40.07
N THR A 239 4.86 -15.27 -39.67
CA THR A 239 5.51 -14.33 -40.58
C THR A 239 6.68 -13.69 -39.84
N PRO A 240 7.74 -14.49 -39.54
CA PRO A 240 8.89 -14.00 -38.78
C PRO A 240 9.64 -12.84 -39.42
N ASP A 241 9.50 -12.64 -40.74
CA ASP A 241 10.22 -11.56 -41.41
C ASP A 241 9.32 -10.35 -41.69
N ALA A 242 8.01 -10.45 -41.49
CA ALA A 242 7.19 -9.27 -41.69
C ALA A 242 7.57 -8.22 -40.65
N ASP A 243 7.19 -6.95 -40.92
CA ASP A 243 7.25 -5.87 -39.97
C ASP A 243 6.13 -6.01 -38.92
N PRO A 244 6.49 -5.93 -37.62
CA PRO A 244 5.51 -6.01 -36.54
C PRO A 244 4.38 -4.99 -36.60
N TYR A 245 4.64 -3.82 -37.18
CA TYR A 245 3.58 -2.83 -37.33
C TYR A 245 2.51 -3.37 -38.28
N ASP A 246 2.94 -4.02 -39.36
CA ASP A 246 2.06 -4.58 -40.36
C ASP A 246 1.31 -5.81 -39.84
N HIS A 247 2.06 -6.74 -39.21
CA HIS A 247 1.50 -8.00 -38.73
C HIS A 247 1.96 -8.20 -37.29
N PRO A 248 1.26 -7.61 -36.28
CA PRO A 248 1.73 -7.62 -34.90
C PRO A 248 1.65 -8.96 -34.21
N LEU A 249 0.88 -9.89 -34.79
CA LEU A 249 0.65 -11.14 -34.09
C LEU A 249 1.32 -12.28 -34.85
N SER A 250 1.16 -12.32 -36.17
CA SER A 250 1.76 -13.40 -36.93
C SER A 250 3.29 -13.35 -36.87
N THR A 251 3.85 -12.19 -36.53
CA THR A 251 5.29 -12.11 -36.33
C THR A 251 5.72 -12.87 -35.07
N ILE A 252 4.82 -13.10 -34.12
CA ILE A 252 5.20 -13.78 -32.88
C ILE A 252 5.37 -15.26 -33.16
N GLY A 253 4.40 -15.86 -33.84
CA GLY A 253 4.48 -17.27 -34.13
C GLY A 253 3.10 -17.82 -34.45
N ASP A 254 3.04 -19.12 -34.69
CA ASP A 254 1.80 -19.78 -35.02
C ASP A 254 1.77 -21.12 -34.28
N GLU A 255 0.74 -21.32 -33.43
CA GLU A 255 0.48 -22.56 -32.71
C GLU A 255 -0.10 -23.62 -33.64
N LEU A 256 0.77 -24.43 -34.25
CA LEU A 256 0.34 -25.36 -35.28
C LEU A 256 -0.52 -26.49 -34.70
N ASP A 257 -1.38 -27.02 -35.56
CA ASP A 257 -2.28 -28.14 -35.30
C ASP A 257 -1.90 -29.22 -36.30
N GLY A 258 -2.21 -30.48 -36.00
CA GLY A 258 -1.94 -31.51 -36.96
C GLY A 258 -2.53 -32.86 -36.63
N MET A 259 -2.27 -33.75 -37.59
CA MET A 259 -2.56 -35.16 -37.53
C MET A 259 -1.26 -35.87 -37.18
N ALA A 260 -1.35 -37.16 -36.84
CA ALA A 260 -0.15 -37.94 -36.57
C ALA A 260 -0.33 -39.35 -37.09
N TYR A 261 0.68 -39.90 -37.78
CA TYR A 261 0.67 -41.27 -38.28
C TYR A 261 1.61 -42.13 -37.44
N PHE A 262 1.08 -43.26 -36.97
CA PHE A 262 1.82 -44.23 -36.16
C PHE A 262 2.12 -45.46 -37.04
N ASP A 263 3.36 -45.57 -37.47
CA ASP A 263 3.79 -46.68 -38.30
C ASP A 263 4.42 -47.79 -37.46
N ASP A 264 3.60 -48.76 -37.03
CA ASP A 264 4.01 -49.80 -36.09
C ASP A 264 4.77 -49.15 -34.96
N VAL A 265 4.16 -48.22 -34.26
CA VAL A 265 4.84 -47.59 -33.15
C VAL A 265 4.69 -48.52 -31.96
N PHE A 266 5.79 -48.68 -31.22
CA PHE A 266 5.83 -49.51 -30.04
C PHE A 266 5.64 -48.60 -28.84
N ILE A 267 4.80 -49.03 -27.89
CA ILE A 267 4.56 -48.34 -26.64
C ILE A 267 4.79 -49.36 -25.53
N PRO A 268 5.69 -49.10 -24.56
CA PRO A 268 5.89 -50.00 -23.42
C PRO A 268 4.72 -49.94 -22.45
N TRP A 269 4.44 -51.07 -21.77
CA TRP A 269 3.30 -51.18 -20.87
C TRP A 269 3.25 -50.05 -19.86
N GLU A 270 4.39 -49.59 -19.40
CA GLU A 270 4.41 -48.62 -18.33
C GLU A 270 3.78 -47.31 -18.82
N ASN A 271 3.74 -47.12 -20.14
CA ASN A 271 3.21 -45.89 -20.73
C ASN A 271 1.74 -46.03 -21.10
N VAL A 272 1.17 -47.20 -20.86
CA VAL A 272 -0.19 -47.46 -21.27
C VAL A 272 -1.05 -47.17 -20.05
N GLN A 273 -2.20 -46.55 -20.28
CA GLN A 273 -3.11 -46.16 -19.23
C GLN A 273 -4.40 -46.98 -19.28
N HIS A 274 -4.78 -47.48 -20.46
CA HIS A 274 -5.93 -48.36 -20.62
C HIS A 274 -5.98 -48.86 -22.05
N ILE A 275 -6.39 -50.11 -22.28
CA ILE A 275 -6.71 -50.55 -23.63
C ILE A 275 -7.93 -51.44 -23.58
N GLY A 276 -8.64 -51.56 -24.71
CA GLY A 276 -9.46 -52.74 -24.96
C GLY A 276 -10.96 -52.59 -24.70
N ASN A 277 -11.42 -51.55 -23.98
CA ASN A 277 -12.80 -51.50 -23.55
C ASN A 277 -13.52 -50.27 -24.10
N PRO A 278 -14.20 -50.43 -25.25
CA PRO A 278 -15.00 -49.37 -25.86
C PRO A 278 -15.93 -48.59 -24.94
N ASP A 279 -16.49 -49.26 -23.94
CA ASP A 279 -17.45 -48.60 -23.05
C ASP A 279 -16.73 -47.68 -22.05
N HIS A 280 -15.50 -48.02 -21.69
CA HIS A 280 -14.66 -47.10 -20.94
C HIS A 280 -14.61 -45.74 -21.66
N ALA A 281 -14.58 -45.78 -22.99
CA ALA A 281 -14.38 -44.58 -23.77
C ALA A 281 -15.63 -43.72 -23.84
N LYS A 282 -16.74 -44.22 -23.28
CA LYS A 282 -18.01 -43.53 -23.33
C LYS A 282 -18.16 -42.58 -22.15
N TRP A 283 -17.53 -42.89 -21.01
CA TRP A 283 -17.78 -42.11 -19.81
C TRP A 283 -16.53 -41.35 -19.39
N TYR A 284 -15.35 -41.99 -19.44
CA TYR A 284 -14.19 -41.44 -18.76
C TYR A 284 -13.49 -40.35 -19.56
N PRO A 285 -13.31 -40.41 -20.89
CA PRO A 285 -12.71 -39.26 -21.61
C PRO A 285 -13.48 -37.93 -21.50
N GLN A 286 -14.80 -38.02 -21.35
CA GLN A 286 -15.67 -36.86 -21.21
C GLN A 286 -15.35 -36.14 -19.89
N ARG A 287 -14.92 -36.89 -18.88
CA ARG A 287 -14.54 -36.29 -17.61
C ARG A 287 -13.19 -35.63 -17.71
N GLN A 288 -12.36 -36.11 -18.63
CA GLN A 288 -11.12 -35.44 -18.94
C GLN A 288 -11.43 -34.15 -19.71
N PHE A 289 -12.34 -34.22 -20.69
CA PHE A 289 -12.56 -33.05 -21.51
C PHE A 289 -13.29 -31.99 -20.71
N ASP A 290 -13.90 -32.33 -19.58
CA ASP A 290 -14.53 -31.32 -18.73
C ASP A 290 -13.53 -30.23 -18.35
N TRP A 291 -12.28 -30.63 -18.15
CA TRP A 291 -11.28 -29.71 -17.61
C TRP A 291 -10.75 -28.79 -18.71
N VAL A 292 -10.76 -29.28 -19.94
CA VAL A 292 -10.42 -28.44 -21.06
C VAL A 292 -11.49 -27.37 -21.23
N HIS A 293 -12.76 -27.81 -21.23
CA HIS A 293 -13.91 -26.94 -21.35
C HIS A 293 -13.88 -25.83 -20.32
N ILE A 294 -13.51 -26.16 -19.09
CA ILE A 294 -13.37 -25.18 -18.03
C ILE A 294 -12.38 -24.10 -18.43
N GLU A 295 -11.20 -24.54 -18.87
CA GLU A 295 -10.10 -23.65 -19.27
C GLU A 295 -10.53 -22.79 -20.48
N THR A 296 -11.10 -23.47 -21.48
CA THR A 296 -11.58 -22.81 -22.67
C THR A 296 -12.57 -21.74 -22.29
N GLN A 297 -13.53 -22.06 -21.43
CA GLN A 297 -14.64 -21.16 -21.14
C GLN A 297 -14.12 -19.92 -20.44
N ILE A 298 -13.04 -20.07 -19.69
CA ILE A 298 -12.43 -18.88 -19.10
C ILE A 298 -11.80 -18.05 -20.20
N ARG A 299 -11.14 -18.69 -21.17
CA ARG A 299 -10.57 -17.97 -22.28
C ARG A 299 -11.62 -17.17 -23.05
N HIS A 300 -12.81 -17.77 -23.23
CA HIS A 300 -13.92 -17.13 -23.92
C HIS A 300 -14.14 -15.75 -23.34
N ALA A 301 -14.22 -15.73 -22.01
CA ALA A 301 -14.58 -14.50 -21.35
C ALA A 301 -13.48 -13.47 -21.57
N VAL A 302 -12.23 -13.91 -21.60
CA VAL A 302 -11.12 -12.98 -21.78
C VAL A 302 -11.11 -12.46 -23.21
N HIS A 303 -11.47 -13.31 -24.17
CA HIS A 303 -11.48 -12.92 -25.56
C HIS A 303 -12.56 -11.85 -25.73
N ALA A 304 -13.76 -12.12 -25.19
CA ALA A 304 -14.84 -11.13 -25.20
C ALA A 304 -14.40 -9.84 -24.51
N GLU A 305 -13.60 -9.93 -23.46
CA GLU A 305 -13.08 -8.68 -22.88
C GLU A 305 -12.23 -7.96 -23.90
N LEU A 306 -11.40 -8.73 -24.61
CA LEU A 306 -10.50 -8.10 -25.56
C LEU A 306 -11.30 -7.44 -26.67
N ILE A 307 -12.36 -8.09 -27.11
CA ILE A 307 -13.18 -7.59 -28.19
C ILE A 307 -13.86 -6.29 -27.79
N VAL A 308 -14.51 -6.27 -26.64
CA VAL A 308 -15.17 -5.04 -26.24
C VAL A 308 -14.13 -3.94 -26.02
N GLY A 309 -12.97 -4.29 -25.50
CA GLY A 309 -11.92 -3.28 -25.33
C GLY A 309 -11.53 -2.64 -26.64
N LEU A 310 -11.25 -3.49 -27.65
CA LEU A 310 -10.86 -2.99 -28.96
C LEU A 310 -11.97 -2.11 -29.53
N ALA A 311 -13.21 -2.52 -29.28
CA ALA A 311 -14.33 -1.81 -29.86
C ALA A 311 -14.44 -0.43 -29.23
N LEU A 312 -14.23 -0.37 -27.92
CA LEU A 312 -14.25 0.92 -27.24
C LEU A 312 -13.18 1.84 -27.80
N LEU A 313 -11.96 1.33 -27.98
CA LEU A 313 -10.87 2.15 -28.44
C LEU A 313 -11.16 2.59 -29.86
N LEU A 314 -11.64 1.63 -30.66
CA LEU A 314 -11.88 1.88 -32.07
C LEU A 314 -12.95 2.96 -32.25
N THR A 315 -14.09 2.83 -31.58
CA THR A 315 -15.17 3.76 -31.85
C THR A 315 -14.81 5.12 -31.27
N ASN A 316 -14.05 5.11 -30.18
CA ASN A 316 -13.53 6.34 -29.64
C ASN A 316 -12.58 6.97 -30.65
N ALA A 317 -11.67 6.18 -31.20
CA ALA A 317 -10.71 6.76 -32.11
C ALA A 317 -11.38 7.31 -33.36
N LEU A 318 -12.52 6.73 -33.76
CA LEU A 318 -13.18 7.10 -34.99
C LEU A 318 -14.19 8.21 -34.74
N GLY A 319 -14.59 8.47 -33.50
CA GLY A 319 -15.55 9.52 -33.20
C GLY A 319 -17.00 9.04 -33.18
N THR A 320 -17.23 7.71 -33.14
CA THR A 320 -18.57 7.20 -33.34
C THR A 320 -19.18 6.69 -32.04
N ASN A 321 -18.47 6.82 -30.93
CA ASN A 321 -18.95 6.14 -29.72
C ASN A 321 -20.08 6.92 -29.05
N ASN A 322 -20.46 8.09 -29.61
CA ASN A 322 -21.60 8.86 -29.12
C ASN A 322 -22.86 8.65 -29.94
N ASN A 323 -22.75 8.03 -31.13
CA ASN A 323 -23.92 7.55 -31.86
C ASN A 323 -24.72 6.60 -30.96
N PRO A 324 -26.02 6.83 -30.76
CA PRO A 324 -26.80 5.91 -29.95
C PRO A 324 -26.82 4.47 -30.46
N ILE A 325 -26.72 4.28 -31.78
CA ILE A 325 -26.73 2.93 -32.32
C ILE A 325 -25.45 2.23 -31.90
N VAL A 326 -24.34 2.93 -32.07
CA VAL A 326 -23.04 2.42 -31.69
C VAL A 326 -23.02 2.12 -30.19
N GLN A 327 -23.53 3.05 -29.39
CA GLN A 327 -23.61 2.83 -27.96
C GLN A 327 -24.34 1.51 -27.71
N SER A 328 -25.44 1.37 -28.41
CA SER A 328 -26.30 0.23 -28.21
C SER A 328 -25.57 -1.07 -28.56
N GLN A 329 -24.82 -1.08 -29.65
CA GLN A 329 -24.11 -2.28 -30.02
C GLN A 329 -22.98 -2.57 -29.03
N LEU A 330 -22.28 -1.52 -28.55
CA LEU A 330 -21.21 -1.69 -27.56
C LEU A 330 -21.77 -2.33 -26.30
N ALA A 331 -22.91 -1.80 -25.87
CA ALA A 331 -23.59 -2.38 -24.72
C ALA A 331 -23.81 -3.88 -24.89
N ASP A 332 -24.17 -4.33 -26.10
CA ASP A 332 -24.35 -5.76 -26.33
C ASP A 332 -23.00 -6.48 -26.38
N LEU A 333 -21.93 -5.82 -26.80
CA LEU A 333 -20.63 -6.44 -26.64
C LEU A 333 -20.29 -6.57 -25.16
N VAL A 334 -20.65 -5.57 -24.36
CA VAL A 334 -20.35 -5.66 -22.95
C VAL A 334 -21.12 -6.83 -22.36
N ARG A 335 -22.39 -6.96 -22.76
CA ARG A 335 -23.25 -8.02 -22.27
C ARG A 335 -22.73 -9.37 -22.71
N PHE A 336 -22.12 -9.45 -23.89
CA PHE A 336 -21.55 -10.72 -24.32
C PHE A 336 -20.40 -11.11 -23.38
N ARG A 337 -19.58 -10.15 -23.00
CA ARG A 337 -18.51 -10.42 -22.07
C ARG A 337 -19.06 -10.84 -20.73
N GLU A 338 -20.02 -10.08 -20.22
CA GLU A 338 -20.45 -10.36 -18.86
C GLU A 338 -21.22 -11.68 -18.77
N THR A 339 -21.88 -12.09 -19.85
CA THR A 339 -22.51 -13.42 -19.90
C THR A 339 -21.47 -14.51 -19.72
N CYS A 340 -20.39 -14.47 -20.48
CA CYS A 340 -19.35 -15.49 -20.36
C CYS A 340 -18.77 -15.47 -18.95
N LYS A 341 -18.51 -14.28 -18.44
CA LYS A 341 -17.97 -14.17 -17.09
C LYS A 341 -18.93 -14.76 -16.06
N ALA A 342 -20.23 -14.48 -16.19
CA ALA A 342 -21.21 -15.01 -15.24
C ALA A 342 -21.29 -16.52 -15.26
N PHE A 343 -21.20 -17.14 -16.45
CA PHE A 343 -21.23 -18.59 -16.47
C PHE A 343 -19.98 -19.14 -15.77
N ALA A 344 -18.83 -18.51 -15.95
CA ALA A 344 -17.61 -18.94 -15.28
C ALA A 344 -17.74 -18.84 -13.76
N ILE A 345 -18.32 -17.74 -13.28
CA ILE A 345 -18.55 -17.59 -11.85
C ILE A 345 -19.56 -18.61 -11.34
N ALA A 346 -20.65 -18.83 -12.10
CA ALA A 346 -21.66 -19.76 -11.62
C ALA A 346 -21.10 -21.17 -11.58
N ALA A 347 -20.22 -21.48 -12.54
CA ALA A 347 -19.66 -22.81 -12.62
C ALA A 347 -18.79 -23.07 -11.39
N GLU A 348 -17.91 -22.14 -11.07
CA GLU A 348 -17.03 -22.29 -9.93
C GLU A 348 -17.85 -22.37 -8.66
N GLU A 349 -18.77 -21.44 -8.52
CA GLU A 349 -19.56 -21.31 -7.30
C GLU A 349 -20.44 -22.52 -7.04
N THR A 350 -20.85 -23.28 -8.05
CA THR A 350 -21.69 -24.43 -7.78
C THR A 350 -20.94 -25.73 -8.02
N GLY A 351 -19.61 -25.68 -7.99
CA GLY A 351 -18.82 -26.89 -8.16
C GLY A 351 -18.91 -27.78 -6.92
N PHE A 352 -18.27 -28.95 -7.00
CA PHE A 352 -18.34 -29.96 -5.97
C PHE A 352 -17.07 -30.81 -6.04
N THR A 353 -16.77 -31.59 -4.99
CA THR A 353 -15.54 -32.36 -5.02
C THR A 353 -15.87 -33.72 -5.61
N THR A 354 -14.97 -34.28 -6.41
CA THR A 354 -15.07 -35.67 -6.87
C THR A 354 -14.93 -36.64 -5.68
N ALA A 355 -15.09 -37.94 -5.91
CA ALA A 355 -14.77 -38.90 -4.86
C ALA A 355 -13.29 -38.79 -4.46
N GLY A 356 -12.40 -38.61 -5.44
CA GLY A 356 -10.98 -38.48 -5.19
C GLY A 356 -10.56 -37.20 -4.47
N GLY A 357 -11.48 -36.25 -4.27
CA GLY A 357 -11.19 -35.00 -3.58
C GLY A 357 -10.85 -33.87 -4.55
N LEU A 358 -11.14 -34.03 -5.84
CA LEU A 358 -10.89 -32.96 -6.80
C LEU A 358 -12.07 -32.01 -6.77
N PHE A 359 -11.83 -30.71 -6.62
CA PHE A 359 -12.89 -29.71 -6.73
C PHE A 359 -13.06 -29.29 -8.18
N LYS A 360 -14.25 -29.59 -8.71
CA LYS A 360 -14.57 -29.50 -10.12
C LYS A 360 -15.71 -28.51 -10.32
N PRO A 361 -15.46 -27.40 -11.03
CA PRO A 361 -16.54 -26.54 -11.52
C PRO A 361 -17.72 -27.30 -12.12
N ASN A 362 -18.94 -26.74 -11.99
CA ASN A 362 -20.14 -27.36 -12.50
C ASN A 362 -20.16 -27.34 -14.03
N ASN A 363 -20.10 -28.53 -14.65
CA ASN A 363 -20.00 -28.59 -16.10
C ASN A 363 -21.27 -28.05 -16.78
N ILE A 364 -22.41 -28.00 -16.10
CA ILE A 364 -23.60 -27.43 -16.69
C ILE A 364 -23.37 -25.96 -17.05
N TYR A 365 -22.86 -25.18 -16.13
CA TYR A 365 -22.57 -23.80 -16.44
C TYR A 365 -21.37 -23.69 -17.36
N VAL A 366 -20.40 -24.61 -17.25
CA VAL A 366 -19.28 -24.51 -18.17
C VAL A 366 -19.77 -24.72 -19.60
N ASP A 367 -20.53 -25.77 -19.87
CA ASP A 367 -20.89 -26.10 -21.25
C ASP A 367 -21.92 -25.12 -21.81
N LEU A 368 -22.81 -24.60 -20.96
CA LEU A 368 -23.81 -23.71 -21.46
C LEU A 368 -23.17 -22.35 -21.68
N GLY A 369 -22.14 -22.00 -20.94
CA GLY A 369 -21.36 -20.81 -21.19
C GLY A 369 -20.59 -20.92 -22.49
N ARG A 370 -20.01 -22.09 -22.71
CA ARG A 370 -19.38 -22.33 -24.01
C ARG A 370 -20.40 -22.12 -25.10
N ALA A 371 -21.57 -22.72 -24.96
CA ALA A 371 -22.59 -22.68 -25.99
C ALA A 371 -22.94 -21.23 -26.30
N HIS A 372 -23.01 -20.39 -25.27
CA HIS A 372 -23.35 -18.99 -25.45
C HIS A 372 -22.28 -18.29 -26.28
N TYR A 373 -21.02 -18.55 -25.97
CA TYR A 373 -19.90 -18.07 -26.74
C TYR A 373 -20.00 -18.60 -28.17
N LEU A 374 -20.11 -19.91 -28.31
CA LEU A 374 -20.08 -20.52 -29.64
C LEU A 374 -21.18 -19.97 -30.54
N GLU A 375 -22.34 -19.62 -29.99
CA GLU A 375 -23.48 -19.25 -30.80
C GLU A 375 -23.31 -17.83 -31.32
N ASN A 376 -22.71 -16.94 -30.51
CA ASN A 376 -22.75 -15.52 -30.72
C ASN A 376 -21.40 -14.92 -31.13
N ILE A 377 -20.27 -15.65 -30.99
CA ILE A 377 -18.96 -15.06 -31.19
C ILE A 377 -18.82 -14.45 -32.59
N HIS A 378 -19.34 -15.12 -33.62
CA HIS A 378 -19.21 -14.64 -34.97
C HIS A 378 -19.98 -13.33 -35.13
N ASN A 379 -21.03 -13.16 -34.33
CA ASN A 379 -21.80 -11.92 -34.35
C ASN A 379 -21.00 -10.81 -33.66
N ALA A 380 -20.27 -11.15 -32.59
CA ALA A 380 -19.50 -10.14 -31.89
C ALA A 380 -18.32 -9.69 -32.75
N VAL A 381 -17.68 -10.63 -33.48
CA VAL A 381 -16.56 -10.28 -34.33
C VAL A 381 -17.07 -9.43 -35.49
N ASN A 382 -18.19 -9.84 -36.05
CA ASN A 382 -18.76 -9.17 -37.19
C ASN A 382 -19.08 -7.73 -36.83
N GLN A 383 -19.66 -7.53 -35.65
CA GLN A 383 -19.97 -6.21 -35.13
C GLN A 383 -18.70 -5.40 -34.93
N LEU A 384 -17.61 -5.99 -34.43
CA LEU A 384 -16.39 -5.23 -34.27
C LEU A 384 -15.88 -4.73 -35.62
N ILE A 385 -15.99 -5.57 -36.66
CA ILE A 385 -15.55 -5.21 -38.00
C ILE A 385 -16.46 -4.13 -38.58
N GLU A 386 -17.76 -4.23 -38.35
CA GLU A 386 -18.68 -3.21 -38.82
C GLU A 386 -18.23 -1.85 -38.32
N PHE A 387 -17.72 -1.79 -37.09
CA PHE A 387 -17.29 -0.50 -36.52
C PHE A 387 -16.10 0.08 -37.27
N CYS A 388 -15.29 -0.75 -37.94
CA CYS A 388 -14.08 -0.23 -38.56
C CYS A 388 -14.39 0.58 -39.82
N GLY A 389 -15.39 0.16 -40.58
CA GLY A 389 -15.60 0.73 -41.90
C GLY A 389 -14.47 0.30 -42.83
N ARG A 390 -14.28 1.08 -43.89
CA ARG A 390 -13.29 0.82 -44.94
C ARG A 390 -11.88 0.71 -44.38
N GLY A 391 -11.59 1.40 -43.27
CA GLY A 391 -10.23 1.39 -42.74
C GLY A 391 -9.63 -0.01 -42.72
N VAL A 392 -10.48 -1.03 -42.81
CA VAL A 392 -10.06 -2.42 -42.78
C VAL A 392 -9.74 -2.90 -44.20
N VAL A 393 -10.39 -2.34 -45.22
CA VAL A 393 -10.15 -2.72 -46.61
C VAL A 393 -8.75 -2.23 -46.99
N MET A 394 -8.49 -0.95 -46.73
CA MET A 394 -7.20 -0.39 -47.03
C MET A 394 -6.73 0.42 -45.83
N SER A 395 -5.66 -0.08 -45.23
CA SER A 395 -4.94 0.52 -44.13
C SER A 395 -3.46 0.47 -44.47
N PRO A 396 -2.75 1.61 -44.50
CA PRO A 396 -1.37 1.63 -45.01
C PRO A 396 -0.42 0.73 -44.22
N THR A 397 0.59 0.20 -44.92
CA THR A 397 1.69 -0.49 -44.27
C THR A 397 2.61 0.53 -43.62
N LYS A 398 3.59 0.02 -42.89
CA LYS A 398 4.58 0.88 -42.29
C LYS A 398 5.41 1.53 -43.40
N ALA A 399 5.75 0.75 -44.43
CA ALA A 399 6.51 1.28 -45.56
C ALA A 399 5.77 2.46 -46.21
N ASP A 400 4.43 2.41 -46.30
CA ASP A 400 3.63 3.50 -46.87
C ASP A 400 3.77 4.75 -45.99
N PHE A 401 3.68 4.60 -44.68
CA PHE A 401 3.82 5.77 -43.81
C PHE A 401 5.27 6.26 -43.80
N ASP A 402 6.26 5.41 -44.09
CA ASP A 402 7.65 5.86 -44.05
C ASP A 402 8.08 6.48 -45.38
N HIS A 403 7.24 6.50 -46.40
CA HIS A 403 7.66 7.12 -47.65
C HIS A 403 7.98 8.58 -47.41
N PRO A 404 9.09 9.12 -47.95
CA PRO A 404 9.55 10.46 -47.62
C PRO A 404 8.54 11.55 -48.01
N PHE A 405 7.80 11.36 -49.10
CA PHE A 405 6.89 12.38 -49.55
C PHE A 405 5.45 12.05 -49.19
N LEU A 406 4.97 10.86 -49.55
CA LEU A 406 3.55 10.55 -49.41
C LEU A 406 3.24 10.15 -47.97
N GLY A 407 4.25 9.67 -47.26
CA GLY A 407 4.03 9.13 -45.93
C GLY A 407 3.52 10.20 -44.99
N PRO A 408 4.20 11.36 -44.90
CA PRO A 408 3.69 12.46 -44.09
C PRO A 408 2.31 12.88 -44.55
N LYS A 409 2.01 12.65 -45.83
CA LYS A 409 0.70 13.03 -46.36
C LYS A 409 -0.38 12.08 -45.82
N LEU A 410 -0.03 10.80 -45.64
CA LEU A 410 -0.93 9.81 -45.04
C LEU A 410 -1.15 10.11 -43.57
N GLU A 411 -0.10 10.46 -42.88
CA GLU A 411 -0.19 10.73 -41.46
C GLU A 411 -1.16 11.88 -41.28
N GLU A 412 -1.18 12.77 -42.28
CA GLU A 412 -2.06 13.93 -42.28
C GLU A 412 -3.47 13.49 -42.62
N ALA A 413 -3.60 12.77 -43.73
CA ALA A 413 -4.91 12.37 -44.21
C ALA A 413 -5.67 11.44 -43.26
N LEU A 414 -4.98 10.50 -42.59
CA LEU A 414 -5.67 9.43 -41.87
C LEU A 414 -5.69 9.65 -40.36
N ARG A 415 -5.23 10.80 -39.87
CA ARG A 415 -5.24 11.04 -38.43
C ARG A 415 -6.65 11.37 -37.94
N GLY A 416 -6.82 11.25 -36.62
CA GLY A 416 -8.05 11.67 -35.97
C GLY A 416 -7.77 12.86 -35.06
N THR A 417 -8.85 13.37 -34.46
CA THR A 417 -8.75 14.54 -33.62
C THR A 417 -7.71 14.31 -32.55
N SER A 418 -7.71 13.11 -31.97
CA SER A 418 -6.98 12.88 -30.74
C SER A 418 -6.20 11.58 -30.84
N ILE A 419 -5.85 11.17 -32.06
CA ILE A 419 -5.03 9.99 -32.23
C ILE A 419 -4.34 10.10 -33.57
N SER A 420 -3.06 9.76 -33.65
CA SER A 420 -2.30 9.85 -34.89
C SER A 420 -2.79 8.80 -35.89
N ALA A 421 -2.35 8.97 -37.15
CA ALA A 421 -2.71 8.06 -38.20
C ALA A 421 -2.22 6.67 -37.90
N ARG A 422 -0.98 6.59 -37.41
CA ARG A 422 -0.29 5.34 -37.21
C ARG A 422 -0.96 4.56 -36.09
N ASP A 423 -1.24 5.24 -34.99
CA ASP A 423 -1.84 4.58 -33.85
C ASP A 423 -3.21 4.05 -34.25
N ARG A 424 -4.00 4.87 -34.95
CA ARG A 424 -5.34 4.48 -35.33
C ARG A 424 -5.30 3.32 -36.31
N VAL A 425 -4.37 3.34 -37.25
CA VAL A 425 -4.31 2.23 -38.21
C VAL A 425 -3.84 0.96 -37.49
N SER A 426 -3.14 1.13 -36.39
CA SER A 426 -2.69 -0.05 -35.68
C SER A 426 -3.87 -0.73 -35.02
N ILE A 427 -4.99 0.00 -34.80
CA ILE A 427 -6.15 -0.64 -34.23
C ILE A 427 -6.79 -1.51 -35.31
N PHE A 428 -6.91 -0.96 -36.50
CA PHE A 428 -7.45 -1.71 -37.62
C PHE A 428 -6.62 -2.96 -37.83
N ARG A 429 -5.30 -2.82 -37.87
CA ARG A 429 -4.42 -3.94 -38.18
C ARG A 429 -4.47 -5.02 -37.11
N GLN A 430 -4.68 -4.64 -35.86
CA GLN A 430 -4.84 -5.62 -34.79
C GLN A 430 -6.14 -6.41 -35.00
N ILE A 431 -7.19 -5.72 -35.46
CA ILE A 431 -8.45 -6.36 -35.76
C ILE A 431 -8.31 -7.21 -37.03
N SER A 432 -7.65 -6.72 -38.07
CA SER A 432 -7.46 -7.50 -39.30
C SER A 432 -6.66 -8.78 -39.06
N GLU A 433 -5.61 -8.66 -38.27
CA GLU A 433 -4.73 -9.78 -38.01
C GLU A 433 -5.52 -10.92 -37.36
N ARG A 434 -6.36 -10.57 -36.38
CA ARG A 434 -7.04 -11.57 -35.57
C ARG A 434 -8.24 -12.12 -36.32
N TYR A 435 -8.96 -11.30 -37.11
CA TYR A 435 -10.22 -11.78 -37.66
C TYR A 435 -10.30 -11.82 -39.20
N LEU A 436 -9.24 -11.42 -39.92
CA LEU A 436 -9.31 -11.30 -41.36
C LEU A 436 -8.02 -11.81 -42.01
N THR A 437 -7.33 -12.77 -41.39
CA THR A 437 -6.14 -13.39 -41.95
C THR A 437 -6.30 -14.88 -41.75
N GLN A 438 -5.54 -15.68 -42.49
CA GLN A 438 -5.48 -17.12 -42.28
C GLN A 438 -4.94 -17.33 -40.87
N TRP A 439 -3.88 -16.60 -40.52
CA TRP A 439 -3.30 -16.67 -39.18
C TRP A 439 -4.41 -16.60 -38.14
N GLY A 440 -5.24 -15.56 -38.22
CA GLY A 440 -6.25 -15.35 -37.19
C GLY A 440 -7.43 -16.32 -37.32
N ALA A 441 -7.73 -16.71 -38.56
CA ALA A 441 -8.88 -17.55 -38.84
C ALA A 441 -8.71 -18.88 -38.12
N ARG A 442 -7.48 -19.37 -38.02
CA ARG A 442 -7.26 -20.60 -37.28
C ARG A 442 -7.75 -20.45 -35.85
N HIS A 443 -7.53 -19.29 -35.21
CA HIS A 443 -7.94 -19.14 -33.83
C HIS A 443 -9.44 -19.39 -33.72
N GLU A 444 -10.19 -18.63 -34.51
CA GLU A 444 -11.63 -18.73 -34.51
C GLU A 444 -12.02 -20.17 -34.86
N MET A 445 -11.35 -20.81 -35.83
CA MET A 445 -11.79 -22.14 -36.21
C MET A 445 -11.53 -23.14 -35.08
N PHE A 446 -10.42 -22.95 -34.36
CA PHE A 446 -10.06 -23.80 -33.24
C PHE A 446 -11.13 -23.68 -32.16
N GLU A 447 -11.49 -22.45 -31.79
CA GLU A 447 -12.51 -22.21 -30.77
C GLU A 447 -13.84 -22.84 -31.20
N LYS A 448 -14.11 -22.89 -32.50
CA LYS A 448 -15.39 -23.42 -32.95
C LYS A 448 -15.43 -24.94 -32.74
N PHE A 449 -14.35 -25.65 -33.03
CA PHE A 449 -14.39 -27.10 -33.12
C PHE A 449 -13.54 -27.76 -32.04
N ASN A 450 -13.17 -26.97 -31.03
CA ASN A 450 -12.47 -27.38 -29.81
C ASN A 450 -13.42 -28.19 -28.94
N GLY A 451 -13.05 -29.41 -28.58
CA GLY A 451 -13.94 -30.26 -27.81
C GLY A 451 -15.38 -30.25 -28.36
N THR A 452 -16.36 -30.23 -27.45
CA THR A 452 -17.77 -30.40 -27.80
C THR A 452 -18.29 -29.17 -28.55
N PRO A 453 -18.63 -29.25 -29.84
CA PRO A 453 -19.21 -28.08 -30.51
C PRO A 453 -20.70 -27.86 -30.20
N LEU A 454 -21.21 -26.69 -30.57
CA LEU A 454 -22.51 -26.22 -30.15
C LEU A 454 -23.58 -27.26 -30.41
N TYR A 455 -23.60 -27.85 -31.62
CA TYR A 455 -24.72 -28.72 -31.98
C TYR A 455 -24.72 -29.91 -31.03
N LEU A 456 -23.55 -30.29 -30.52
CA LEU A 456 -23.45 -31.45 -29.65
C LEU A 456 -23.70 -31.04 -28.20
N VAL A 457 -23.32 -29.82 -27.82
CA VAL A 457 -23.69 -29.36 -26.49
C VAL A 457 -25.20 -29.44 -26.38
N ARG A 458 -25.89 -29.10 -27.46
CA ARG A 458 -27.33 -29.08 -27.44
C ARG A 458 -27.83 -30.47 -27.18
N LEU A 459 -27.40 -31.44 -28.00
CA LEU A 459 -27.94 -32.79 -27.90
C LEU A 459 -27.52 -33.45 -26.58
N LEU A 460 -26.33 -33.16 -26.09
CA LEU A 460 -25.91 -33.73 -24.81
C LEU A 460 -26.69 -33.11 -23.65
N THR A 461 -27.20 -31.90 -23.83
CA THR A 461 -27.87 -31.21 -22.73
C THR A 461 -29.11 -32.02 -22.39
N MET A 462 -29.82 -32.46 -23.43
CA MET A 462 -31.10 -33.08 -23.22
C MET A 462 -30.91 -34.52 -22.80
N GLN A 463 -29.68 -35.04 -22.90
CA GLN A 463 -29.41 -36.38 -22.43
C GLN A 463 -29.12 -36.34 -20.94
N ARG A 464 -28.83 -35.18 -20.37
CA ARG A 464 -28.52 -35.14 -18.96
C ARG A 464 -29.76 -35.42 -18.11
N THR A 465 -29.52 -35.91 -16.90
CA THR A 465 -30.58 -36.41 -16.03
C THR A 465 -31.41 -35.25 -15.49
N GLU A 466 -30.74 -34.16 -15.13
CA GLU A 466 -31.44 -32.96 -14.68
C GLU A 466 -32.52 -32.53 -15.67
N TYR A 467 -32.42 -32.86 -16.96
CA TYR A 467 -33.26 -32.22 -17.96
C TYR A 467 -34.16 -33.21 -18.67
N GLN A 468 -34.35 -34.37 -18.07
CA GLN A 468 -35.27 -35.36 -18.60
C GLN A 468 -36.70 -34.94 -18.31
N VAL A 469 -37.64 -35.54 -19.04
CA VAL A 469 -39.02 -35.19 -18.87
C VAL A 469 -39.50 -35.50 -17.45
N ASP A 470 -39.02 -36.58 -16.82
CA ASP A 470 -39.39 -36.90 -15.45
C ASP A 470 -38.41 -36.35 -14.41
N GLY A 471 -37.48 -35.50 -14.85
CA GLY A 471 -36.49 -34.94 -13.95
C GLY A 471 -37.05 -33.71 -13.25
N PRO A 472 -36.23 -33.05 -12.42
CA PRO A 472 -36.72 -31.94 -11.60
C PRO A 472 -37.00 -30.63 -12.34
N LEU A 473 -36.60 -30.51 -13.60
CA LEU A 473 -36.84 -29.26 -14.27
C LEU A 473 -38.30 -29.17 -14.70
N THR A 474 -39.04 -30.24 -14.47
CA THR A 474 -40.43 -30.34 -14.91
C THR A 474 -41.37 -30.26 -13.71
N ASP A 475 -40.80 -30.19 -12.50
CA ASP A 475 -41.55 -30.23 -11.26
C ASP A 475 -42.50 -29.04 -11.20
N LEU A 476 -41.99 -27.84 -11.52
CA LEU A 476 -42.81 -26.66 -11.39
C LEU A 476 -43.97 -26.76 -12.37
N ALA A 477 -43.66 -27.18 -13.58
CA ALA A 477 -44.71 -27.30 -14.56
C ALA A 477 -45.74 -28.33 -14.12
N ARG A 478 -45.29 -29.46 -13.56
CA ARG A 478 -46.24 -30.51 -13.23
C ARG A 478 -47.16 -30.03 -12.12
N GLN A 479 -46.59 -29.32 -11.18
CA GLN A 479 -47.34 -28.81 -10.06
C GLN A 479 -48.41 -27.83 -10.54
N VAL A 480 -48.08 -26.96 -11.49
CA VAL A 480 -49.04 -26.04 -12.05
C VAL A 480 -50.16 -26.79 -12.77
N LEU A 481 -49.83 -27.89 -13.45
CA LEU A 481 -50.84 -28.63 -14.18
C LEU A 481 -51.58 -29.62 -13.30
N GLY A 482 -51.08 -29.89 -12.09
CA GLY A 482 -51.68 -30.91 -11.25
C GLY A 482 -51.43 -32.31 -11.82
N PHE A 483 -50.17 -32.61 -12.16
CA PHE A 483 -49.85 -33.88 -12.80
C PHE A 483 -48.90 -34.67 -11.90
N GLY A 484 -49.10 -35.99 -11.87
CA GLY A 484 -48.04 -36.86 -11.39
C GLY A 484 -46.90 -36.89 -12.39
N ASP A 485 -46.12 -38.00 -12.38
CA ASP A 485 -45.03 -38.25 -13.30
C ASP A 485 -45.58 -38.94 -14.56
N THR A 486 -44.70 -39.20 -15.55
CA THR A 486 -45.04 -39.90 -16.79
C THR A 486 -45.95 -41.09 -16.54
N GLU A 487 -45.59 -41.86 -15.52
CA GLU A 487 -46.21 -43.12 -15.16
C GLU A 487 -47.63 -42.85 -14.67
N ALA A 488 -47.77 -41.85 -13.81
CA ALA A 488 -49.06 -41.51 -13.25
C ALA A 488 -50.01 -41.08 -14.36
N LEU A 489 -49.52 -40.24 -15.28
CA LEU A 489 -50.31 -39.72 -16.39
C LEU A 489 -50.72 -40.83 -17.35
N ALA A 490 -49.77 -41.72 -17.68
CA ALA A 490 -50.01 -42.82 -18.58
C ALA A 490 -51.06 -43.76 -18.00
N ALA A 491 -51.01 -43.90 -16.67
CA ALA A 491 -52.01 -44.69 -15.95
C ALA A 491 -53.40 -44.11 -16.14
N ARG A 492 -53.60 -42.79 -15.95
CA ARG A 492 -54.92 -42.21 -16.09
C ARG A 492 -55.43 -42.44 -17.52
N ALA A 493 -54.58 -42.19 -18.51
CA ALA A 493 -54.95 -42.35 -19.90
C ALA A 493 -55.45 -43.76 -20.16
N ALA A 494 -54.68 -44.75 -19.70
CA ALA A 494 -55.00 -46.14 -19.98
C ALA A 494 -56.34 -46.47 -19.35
N GLU A 495 -56.54 -45.99 -18.12
CA GLU A 495 -57.80 -46.22 -17.44
C GLU A 495 -58.95 -45.58 -18.19
N VAL A 496 -58.75 -44.38 -18.75
CA VAL A 496 -59.83 -43.72 -19.49
C VAL A 496 -60.17 -44.53 -20.74
N GLU A 497 -59.17 -45.21 -21.34
CA GLU A 497 -59.40 -46.11 -22.46
C GLU A 497 -60.22 -47.32 -22.01
N LYS A 498 -59.83 -47.93 -20.88
CA LYS A 498 -60.47 -49.14 -20.39
C LYS A 498 -61.89 -48.86 -19.89
N ASN A 499 -62.20 -47.61 -19.51
CA ASN A 499 -63.52 -47.29 -18.96
C ASN A 499 -64.43 -46.72 -20.06
N SER A 500 -64.13 -47.00 -21.33
CA SER A 500 -64.96 -46.54 -22.45
C SER A 500 -64.95 -47.63 -23.52
N ASN A 501 -65.64 -47.40 -24.65
CA ASN A 501 -65.53 -48.30 -25.79
C ASN A 501 -65.48 -47.51 -27.10
N TRP A 502 -64.44 -47.82 -27.90
CA TRP A 502 -63.90 -46.93 -28.92
C TRP A 502 -63.46 -47.75 -30.15
N MET B 1 29.84 -6.80 -7.70
CA MET B 1 30.09 -5.68 -6.75
C MET B 1 31.53 -5.23 -6.92
N ARG B 2 31.73 -3.94 -7.20
CA ARG B 2 33.04 -3.37 -7.45
C ARG B 2 33.75 -3.01 -6.13
N THR B 3 35.10 -2.96 -6.22
CA THR B 3 35.99 -2.52 -5.16
C THR B 3 36.12 -0.99 -5.22
N GLY B 4 36.54 -0.43 -4.08
CA GLY B 4 37.04 0.94 -4.01
C GLY B 4 37.98 1.26 -5.17
N GLN B 5 38.97 0.38 -5.37
CA GLN B 5 40.00 0.59 -6.38
C GLN B 5 39.37 0.62 -7.76
N GLN B 6 38.42 -0.32 -8.01
CA GLN B 6 37.76 -0.38 -9.31
C GLN B 6 36.96 0.91 -9.52
N TYR B 7 36.26 1.35 -8.45
CA TYR B 7 35.52 2.60 -8.50
C TYR B 7 36.45 3.76 -8.85
N LEU B 8 37.59 3.89 -8.13
CA LEU B 8 38.48 5.02 -8.39
C LEU B 8 38.94 5.00 -9.84
N GLU B 9 39.36 3.82 -10.32
CA GLU B 9 39.91 3.65 -11.67
C GLU B 9 38.89 4.13 -12.69
N SER B 10 37.60 3.81 -12.46
CA SER B 10 36.51 4.18 -13.35
C SER B 10 36.38 5.71 -13.54
N LEU B 11 36.84 6.53 -12.57
CA LEU B 11 36.70 7.98 -12.67
C LEU B 11 37.80 8.61 -13.53
N ARG B 12 38.84 7.84 -13.87
CA ARG B 12 39.94 8.31 -14.69
C ARG B 12 39.70 7.95 -16.15
N ASP B 13 38.78 8.67 -16.79
CA ASP B 13 38.22 8.26 -18.07
C ASP B 13 38.12 9.44 -19.02
N GLY B 14 38.94 10.49 -18.78
CA GLY B 14 39.00 11.67 -19.65
C GLY B 14 37.78 12.60 -19.57
N ARG B 15 36.92 12.41 -18.54
CA ARG B 15 35.82 13.32 -18.23
C ARG B 15 36.30 14.77 -18.16
N GLN B 16 35.46 15.70 -18.65
CA GLN B 16 35.71 17.12 -18.59
C GLN B 16 34.98 17.72 -17.38
N VAL B 17 35.75 18.00 -16.32
CA VAL B 17 35.19 18.40 -15.04
C VAL B 17 35.77 19.75 -14.61
N TYR B 18 34.88 20.75 -14.50
CA TYR B 18 35.22 22.06 -13.99
C TYR B 18 34.74 22.20 -12.54
N VAL B 19 35.66 22.58 -11.64
CA VAL B 19 35.36 22.87 -10.25
C VAL B 19 35.84 24.28 -9.92
N GLY B 20 34.90 25.20 -9.72
CA GLY B 20 35.21 26.60 -9.46
C GLY B 20 35.74 27.30 -10.71
N GLY B 21 35.68 26.60 -11.85
CA GLY B 21 36.19 27.10 -13.12
C GLY B 21 37.52 26.45 -13.53
N GLU B 22 38.18 25.73 -12.63
CA GLU B 22 39.40 25.04 -12.98
C GLU B 22 39.05 23.72 -13.66
N LEU B 23 39.70 23.40 -14.77
CA LEU B 23 39.57 22.08 -15.38
C LEU B 23 40.40 21.07 -14.57
N ILE B 24 39.74 20.02 -14.07
CA ILE B 24 40.36 19.01 -13.22
C ILE B 24 40.86 17.86 -14.09
N ASP B 25 42.18 17.66 -14.09
CA ASP B 25 42.88 16.61 -14.82
C ASP B 25 42.46 15.22 -14.33
N ASP B 26 42.39 15.05 -13.01
CA ASP B 26 42.17 13.76 -12.39
C ASP B 26 41.46 13.96 -11.04
N VAL B 27 40.20 13.50 -11.00
CA VAL B 27 39.30 13.74 -9.88
C VAL B 27 39.74 12.96 -8.66
N THR B 28 40.47 11.85 -8.89
CA THR B 28 40.92 10.99 -7.81
C THR B 28 42.20 11.52 -7.14
N THR B 29 42.86 12.55 -7.72
CA THR B 29 44.13 13.05 -7.17
C THR B 29 44.06 14.56 -6.88
N HIS B 30 43.24 15.31 -7.62
CA HIS B 30 43.17 16.74 -7.37
C HIS B 30 42.73 16.99 -5.91
N PRO B 31 43.42 17.86 -5.15
CA PRO B 31 42.96 18.20 -3.80
C PRO B 31 41.49 18.61 -3.71
N LYS B 32 40.93 19.22 -4.78
CA LYS B 32 39.57 19.75 -4.73
C LYS B 32 38.54 18.63 -4.66
N THR B 33 38.86 17.43 -5.21
CA THR B 33 37.89 16.34 -5.37
C THR B 33 38.30 15.02 -4.71
N SER B 34 39.59 14.84 -4.41
CA SER B 34 40.13 13.51 -4.10
C SER B 34 39.45 12.91 -2.88
N GLY B 35 39.16 13.74 -1.88
CA GLY B 35 38.65 13.31 -0.58
C GLY B 35 37.25 12.69 -0.67
N TYR B 36 36.30 13.35 -1.38
CA TYR B 36 35.01 12.74 -1.61
C TYR B 36 35.14 11.49 -2.50
N ALA B 37 36.00 11.53 -3.52
CA ALA B 37 36.27 10.35 -4.32
C ALA B 37 36.61 9.15 -3.43
N LYS B 38 37.49 9.37 -2.47
CA LYS B 38 37.98 8.31 -1.60
C LYS B 38 36.90 7.89 -0.60
N ALA B 39 35.95 8.78 -0.29
CA ALA B 39 34.90 8.42 0.66
C ALA B 39 33.91 7.49 -0.03
N ILE B 40 33.68 7.68 -1.34
CA ILE B 40 32.80 6.79 -2.09
C ILE B 40 33.53 5.46 -2.33
N ALA B 41 34.86 5.53 -2.54
CA ALA B 41 35.65 4.31 -2.68
C ALA B 41 35.53 3.43 -1.43
N GLU B 42 35.59 4.04 -0.24
CA GLU B 42 35.45 3.32 1.01
C GLU B 42 34.03 2.75 1.08
N TYR B 43 33.05 3.51 0.59
CA TYR B 43 31.65 3.07 0.51
C TYR B 43 31.57 1.71 -0.20
N TYR B 44 32.21 1.59 -1.38
CA TYR B 44 32.18 0.35 -2.16
C TYR B 44 32.86 -0.80 -1.40
N ASP B 45 33.96 -0.51 -0.67
CA ASP B 45 34.76 -1.54 0.00
C ASP B 45 34.01 -2.12 1.18
N LEU B 46 33.23 -1.28 1.88
CA LEU B 46 32.42 -1.74 3.00
C LEU B 46 31.37 -2.74 2.56
N HIS B 47 30.83 -2.57 1.34
CA HIS B 47 29.86 -3.52 0.81
C HIS B 47 30.47 -4.92 0.65
N LEU B 48 31.77 -4.99 0.34
CA LEU B 48 32.43 -6.27 0.16
C LEU B 48 32.86 -6.88 1.50
N ASP B 49 32.93 -6.06 2.56
CA ASP B 49 33.32 -6.49 3.89
C ASP B 49 32.26 -7.44 4.45
N PRO B 50 32.62 -8.71 4.75
CA PRO B 50 31.64 -9.71 5.22
C PRO B 50 31.00 -9.40 6.57
N GLU B 51 31.59 -8.48 7.34
CA GLU B 51 31.04 -8.13 8.63
C GLU B 51 29.67 -7.47 8.43
N HIS B 52 29.49 -6.75 7.32
CA HIS B 52 28.24 -6.03 7.09
C HIS B 52 27.44 -6.60 5.93
N GLN B 53 27.60 -7.90 5.65
CA GLN B 53 26.85 -8.58 4.60
C GLN B 53 25.33 -8.57 4.85
N ASP B 54 24.91 -8.77 6.10
CA ASP B 54 23.49 -8.79 6.46
C ASP B 54 22.78 -7.52 6.02
N VAL B 55 23.35 -6.35 6.33
CA VAL B 55 22.69 -5.05 6.18
C VAL B 55 22.98 -4.41 4.82
N LEU B 56 24.07 -4.81 4.14
CA LEU B 56 24.53 -4.08 2.98
C LEU B 56 24.24 -4.80 1.65
N THR B 57 24.07 -6.13 1.67
CA THR B 57 24.05 -6.92 0.43
C THR B 57 22.84 -7.84 0.38
N PHE B 58 22.59 -8.41 -0.81
CA PHE B 58 21.46 -9.30 -1.00
C PHE B 58 21.68 -10.17 -2.24
N VAL B 59 21.02 -11.34 -2.26
CA VAL B 59 21.08 -12.27 -3.39
C VAL B 59 19.95 -11.95 -4.38
N ASP B 60 20.30 -11.51 -5.60
CA ASP B 60 19.31 -11.03 -6.56
C ASP B 60 18.62 -12.23 -7.22
N ASP B 61 17.62 -11.95 -8.06
CA ASP B 61 16.83 -12.97 -8.75
C ASP B 61 17.71 -13.83 -9.66
N ASP B 62 18.70 -13.21 -10.33
CA ASP B 62 19.67 -13.92 -11.14
C ASP B 62 20.64 -14.78 -10.29
N GLY B 63 20.47 -14.85 -8.96
CA GLY B 63 21.30 -15.69 -8.12
C GLY B 63 22.56 -15.00 -7.58
N VAL B 64 22.88 -13.78 -8.05
CA VAL B 64 24.14 -13.11 -7.75
C VAL B 64 24.03 -12.21 -6.50
N ARG B 65 25.12 -12.09 -5.72
CA ARG B 65 25.16 -11.19 -4.58
C ARG B 65 25.52 -9.76 -5.01
N LYS B 66 24.66 -8.79 -4.64
CA LYS B 66 24.80 -7.39 -5.05
C LYS B 66 24.57 -6.47 -3.85
N SER B 67 24.92 -5.18 -4.05
CA SER B 67 24.72 -4.12 -3.08
C SER B 67 23.24 -3.75 -2.95
N MET B 68 22.83 -3.30 -1.75
CA MET B 68 21.43 -3.00 -1.47
C MET B 68 20.99 -1.72 -2.18
N HIS B 69 21.94 -0.97 -2.77
CA HIS B 69 21.56 0.12 -3.63
C HIS B 69 20.88 -0.37 -4.92
N TRP B 70 20.84 -1.70 -5.15
CA TRP B 70 20.12 -2.30 -6.28
C TRP B 70 18.86 -3.07 -5.87
N PHE B 71 18.53 -3.07 -4.57
CA PHE B 71 17.45 -3.89 -4.02
C PHE B 71 16.10 -3.21 -4.20
N LEU B 72 15.23 -3.84 -5.02
CA LEU B 72 13.83 -3.44 -5.14
C LEU B 72 12.99 -4.10 -4.04
N PRO B 73 12.35 -3.32 -3.13
CA PRO B 73 11.50 -3.91 -2.07
C PRO B 73 10.16 -4.42 -2.59
N ARG B 74 9.75 -5.59 -2.10
CA ARG B 74 8.54 -6.25 -2.58
C ARG B 74 7.56 -6.46 -1.41
N SER B 75 7.94 -5.93 -0.25
CA SER B 75 7.32 -6.27 1.01
C SER B 75 7.53 -5.11 1.98
N LYS B 76 6.68 -5.05 3.01
CA LYS B 76 6.88 -4.13 4.11
C LYS B 76 8.23 -4.41 4.77
N ALA B 77 8.51 -5.70 4.99
CA ALA B 77 9.76 -6.09 5.64
C ALA B 77 10.96 -5.66 4.79
N ASP B 78 10.79 -5.70 3.46
CA ASP B 78 11.83 -5.29 2.54
C ASP B 78 12.07 -3.78 2.66
N ALA B 79 10.99 -2.99 2.64
CA ALA B 79 11.05 -1.55 2.88
C ALA B 79 11.80 -1.22 4.18
N ALA B 80 11.63 -2.04 5.23
CA ALA B 80 12.25 -1.82 6.52
C ALA B 80 13.75 -2.07 6.43
N ARG B 81 14.12 -3.12 5.70
CA ARG B 81 15.50 -3.51 5.50
C ARG B 81 16.23 -2.43 4.69
N ARG B 82 15.49 -1.77 3.80
CA ARG B 82 16.02 -0.65 3.02
C ARG B 82 16.19 0.58 3.92
N ARG B 83 15.26 0.78 4.86
CA ARG B 83 15.38 1.85 5.83
C ARG B 83 16.65 1.66 6.66
N ALA B 84 16.89 0.43 7.18
CA ALA B 84 18.11 0.13 7.92
C ALA B 84 19.36 0.46 7.11
N TYR B 85 19.31 0.22 5.78
CA TYR B 85 20.45 0.42 4.90
C TYR B 85 20.72 1.91 4.66
N HIS B 86 19.66 2.69 4.41
CA HIS B 86 19.87 4.13 4.26
C HIS B 86 20.38 4.68 5.59
N GLU B 87 19.94 4.09 6.71
CA GLU B 87 20.27 4.57 8.04
C GLU B 87 21.74 4.25 8.32
N PHE B 88 22.19 3.06 7.90
CA PHE B 88 23.58 2.67 8.07
C PHE B 88 24.48 3.77 7.49
N TRP B 89 24.13 4.24 6.29
CA TRP B 89 24.97 5.15 5.53
C TRP B 89 24.89 6.58 6.06
N PHE B 90 23.71 7.00 6.56
CA PHE B 90 23.56 8.32 7.14
C PHE B 90 24.48 8.40 8.37
N ARG B 91 24.59 7.29 9.10
CA ARG B 91 25.35 7.20 10.34
C ARG B 91 26.85 7.21 10.04
N HIS B 92 27.29 6.36 9.09
CA HIS B 92 28.65 6.34 8.58
C HIS B 92 29.06 7.70 8.00
N PHE B 93 28.12 8.39 7.34
CA PHE B 93 28.38 9.73 6.86
C PHE B 93 27.89 10.78 7.86
N GLN B 94 27.87 10.41 9.15
CA GLN B 94 27.86 11.34 10.27
C GLN B 94 26.62 12.22 10.25
N GLY B 95 25.44 11.59 10.35
CA GLY B 95 24.16 12.28 10.31
C GLY B 95 23.64 12.45 8.89
N GLY B 96 24.57 12.39 7.92
CA GLY B 96 24.30 12.47 6.50
C GLY B 96 24.97 13.68 5.85
N ILE B 97 26.27 13.89 6.14
CA ILE B 97 26.99 15.02 5.58
C ILE B 97 27.04 14.87 4.06
N PHE B 98 27.06 13.62 3.57
CA PHE B 98 27.00 13.33 2.15
C PHE B 98 25.64 12.71 1.88
N THR B 99 24.81 13.39 1.09
CA THR B 99 23.41 13.03 0.92
C THR B 99 23.20 12.11 -0.29
N ARG B 100 24.24 11.96 -1.15
CA ARG B 100 24.08 11.42 -2.49
C ARG B 100 25.22 10.48 -2.86
N PRO B 101 25.50 9.46 -2.04
CA PRO B 101 26.25 8.29 -2.50
C PRO B 101 25.33 7.50 -3.45
N PRO B 102 25.81 6.40 -4.06
CA PRO B 102 24.93 5.53 -4.85
C PRO B 102 23.64 5.11 -4.14
N ALA B 103 23.70 4.83 -2.84
CA ALA B 103 22.54 4.44 -2.05
C ALA B 103 21.40 5.46 -2.16
N GLY B 104 21.76 6.76 -2.21
CA GLY B 104 20.77 7.82 -2.24
C GLY B 104 20.34 8.14 -3.67
N MET B 105 21.25 7.90 -4.63
CA MET B 105 21.04 8.34 -5.99
C MET B 105 20.31 7.32 -6.86
N HIS B 106 20.54 6.03 -6.64
CA HIS B 106 20.11 5.01 -7.58
C HIS B 106 18.61 4.79 -7.45
N VAL B 107 18.03 5.18 -6.31
CA VAL B 107 16.63 4.94 -6.01
C VAL B 107 15.76 5.59 -7.10
N VAL B 108 16.31 6.56 -7.82
CA VAL B 108 15.54 7.25 -8.85
C VAL B 108 15.12 6.27 -9.97
N MET B 109 15.82 5.14 -10.13
CA MET B 109 15.51 4.22 -11.21
C MET B 109 14.43 3.20 -10.81
N TYR B 110 14.13 3.09 -9.50
CA TYR B 110 13.30 2.00 -9.03
C TYR B 110 11.92 1.98 -9.71
N ALA B 111 11.35 3.16 -9.98
CA ALA B 111 10.01 3.23 -10.55
C ALA B 111 10.03 2.90 -12.05
N GLN B 112 11.18 3.18 -12.71
CA GLN B 112 11.32 2.90 -14.14
C GLN B 112 11.31 1.40 -14.37
N ILE B 113 12.17 0.67 -13.66
CA ILE B 113 12.32 -0.76 -13.86
C ILE B 113 11.06 -1.50 -13.43
N ASP B 114 10.29 -0.93 -12.48
CA ASP B 114 9.05 -1.52 -11.98
C ASP B 114 7.94 -1.49 -13.03
N ASP B 115 7.95 -0.45 -13.87
CA ASP B 115 6.87 -0.18 -14.79
C ASP B 115 7.47 0.47 -16.04
N PRO B 116 8.22 -0.32 -16.86
CA PRO B 116 8.86 0.22 -18.06
C PRO B 116 7.94 0.50 -19.25
N GLU B 117 6.83 -0.23 -19.33
CA GLU B 117 6.12 -0.35 -20.61
C GLU B 117 5.66 1.05 -21.05
N PRO B 118 5.10 1.89 -20.13
CA PRO B 118 4.60 3.22 -20.47
C PRO B 118 5.68 4.15 -21.04
N TRP B 119 6.90 4.01 -20.53
CA TRP B 119 8.01 4.80 -21.04
C TRP B 119 8.11 4.60 -22.55
N GLY B 120 7.89 3.35 -23.02
CA GLY B 120 7.82 3.06 -24.44
C GLY B 120 6.46 3.44 -25.05
N ASP B 121 5.38 2.98 -24.42
CA ASP B 121 4.02 3.20 -24.90
C ASP B 121 3.79 4.69 -25.16
N ASN B 122 4.28 5.59 -24.29
CA ASN B 122 3.96 7.02 -24.34
C ASN B 122 4.92 7.80 -25.25
N ALA B 123 6.01 7.19 -25.71
CA ALA B 123 7.06 7.90 -26.44
C ALA B 123 6.58 8.46 -27.79
N VAL B 124 7.24 9.54 -28.25
CA VAL B 124 7.02 10.14 -29.57
C VAL B 124 8.37 10.23 -30.28
N VAL B 125 8.48 9.50 -31.40
CA VAL B 125 9.72 9.28 -32.12
C VAL B 125 9.56 9.81 -33.55
N ALA B 126 10.66 10.15 -34.21
CA ALA B 126 10.58 10.72 -35.54
C ALA B 126 10.87 9.65 -36.59
N GLY B 127 10.23 9.78 -37.76
CA GLY B 127 10.65 9.10 -38.98
C GLY B 127 10.28 7.61 -39.01
N GLY B 128 9.26 7.23 -38.24
CA GLY B 128 8.83 5.86 -38.18
C GLY B 128 9.85 4.92 -37.56
N ARG B 129 10.88 5.44 -36.90
CA ARG B 129 11.77 4.55 -36.17
C ARG B 129 10.95 3.95 -35.04
N THR B 130 11.09 2.63 -34.81
CA THR B 130 10.54 2.02 -33.61
C THR B 130 11.69 1.56 -32.71
N ILE B 131 11.68 2.10 -31.49
CA ILE B 131 12.74 1.85 -30.52
C ILE B 131 12.08 1.08 -29.38
N SER B 132 12.77 0.05 -28.89
CA SER B 132 12.22 -0.77 -27.82
C SER B 132 12.60 -0.16 -26.46
N PHE B 133 11.91 0.92 -26.08
CA PHE B 133 12.26 1.67 -24.87
C PHE B 133 12.20 0.78 -23.62
N ALA B 134 11.13 0.00 -23.48
CA ALA B 134 10.97 -0.86 -22.32
C ALA B 134 12.12 -1.88 -22.22
N ASP B 135 12.51 -2.46 -23.37
CA ASP B 135 13.63 -3.39 -23.41
C ASP B 135 14.89 -2.64 -22.98
N ASN B 136 15.04 -1.41 -23.48
CA ASN B 136 16.15 -0.55 -23.10
C ASN B 136 16.25 -0.46 -21.58
N ILE B 137 15.12 -0.26 -20.90
CA ILE B 137 15.12 -0.08 -19.45
C ILE B 137 15.53 -1.37 -18.77
N ARG B 138 14.98 -2.49 -19.24
CA ARG B 138 15.25 -3.77 -18.60
C ARG B 138 16.74 -4.08 -18.69
N SER B 139 17.36 -3.80 -19.85
CA SER B 139 18.72 -4.24 -20.08
C SER B 139 19.70 -3.22 -19.51
N GLN B 140 19.31 -1.93 -19.49
CA GLN B 140 20.00 -0.92 -18.67
C GLN B 140 20.09 -1.44 -17.23
N TRP B 141 18.96 -1.87 -16.67
CA TRP B 141 18.93 -2.37 -15.31
C TRP B 141 19.88 -3.55 -15.09
N GLN B 142 19.88 -4.51 -16.03
CA GLN B 142 20.73 -5.69 -15.92
C GLN B 142 22.20 -5.29 -16.04
N ARG B 143 22.55 -4.28 -16.85
CA ARG B 143 23.93 -3.88 -17.00
C ARG B 143 24.41 -3.16 -15.75
N VAL B 144 23.60 -2.22 -15.23
CA VAL B 144 24.10 -1.34 -14.19
C VAL B 144 24.20 -2.12 -12.89
N THR B 145 23.36 -3.15 -12.70
CA THR B 145 23.33 -3.92 -11.44
C THR B 145 24.44 -4.98 -11.47
N THR B 146 24.74 -5.49 -12.66
CA THR B 146 25.74 -6.54 -12.82
C THR B 146 27.13 -5.93 -12.67
N ASP B 147 27.39 -4.80 -13.36
CA ASP B 147 28.69 -4.15 -13.40
C ASP B 147 28.87 -3.17 -12.22
N ASP B 148 27.78 -2.93 -11.45
CA ASP B 148 27.80 -2.03 -10.31
C ASP B 148 28.21 -0.60 -10.69
N VAL B 149 27.58 -0.05 -11.73
CA VAL B 149 27.86 1.31 -12.18
C VAL B 149 27.29 2.32 -11.16
N ALA B 150 27.92 3.49 -11.10
CA ALA B 150 27.46 4.59 -10.26
C ALA B 150 26.72 5.59 -11.15
N LEU B 151 25.52 5.97 -10.72
CA LEU B 151 24.66 6.81 -11.53
C LEU B 151 24.17 8.00 -10.71
N SER B 152 23.99 9.15 -11.37
CA SER B 152 23.39 10.30 -10.72
C SER B 152 22.35 10.92 -11.64
N PRO B 153 21.16 11.28 -11.11
CA PRO B 153 20.14 11.92 -11.94
C PRO B 153 20.43 13.39 -12.24
N MET B 154 20.06 13.86 -13.43
CA MET B 154 19.95 15.28 -13.68
C MET B 154 18.59 15.54 -14.32
N PHE B 155 17.64 16.05 -13.53
CA PHE B 155 16.27 16.18 -13.99
C PHE B 155 15.85 17.66 -14.08
N VAL B 156 16.52 18.53 -13.34
CA VAL B 156 16.15 19.94 -13.25
C VAL B 156 16.69 20.72 -14.47
N ASP B 157 15.85 21.64 -14.96
CA ASP B 157 16.09 22.45 -16.15
C ASP B 157 16.27 23.93 -15.81
N VAL B 158 16.89 24.60 -16.77
CA VAL B 158 17.09 26.08 -16.66
C VAL B 158 15.74 26.76 -16.91
N GLN B 159 15.51 27.89 -16.25
CA GLN B 159 14.26 28.65 -16.45
C GLN B 159 14.36 29.38 -17.80
N PHE B 160 13.22 29.61 -18.46
CA PHE B 160 13.23 30.41 -19.71
C PHE B 160 11.86 31.03 -19.91
N GLU B 170 15.78 28.10 -30.50
CA GLU B 170 16.38 27.07 -29.61
C GLU B 170 16.66 27.66 -28.23
N THR B 171 15.99 27.12 -27.20
CA THR B 171 16.23 27.51 -25.82
C THR B 171 17.53 26.85 -25.37
N PRO B 172 18.16 27.35 -24.27
CA PRO B 172 19.39 26.75 -23.74
C PRO B 172 19.18 25.42 -23.04
N MET B 173 17.92 25.07 -22.80
CA MET B 173 17.57 23.80 -22.17
C MET B 173 18.02 22.65 -23.07
N LEU B 174 18.33 21.49 -22.47
CA LEU B 174 18.69 20.30 -23.24
C LEU B 174 17.53 19.91 -24.15
N SER B 175 17.84 19.59 -25.41
CA SER B 175 16.83 19.22 -26.39
C SER B 175 17.47 18.49 -27.57
N ILE B 176 16.66 17.63 -28.21
CA ILE B 176 17.04 16.84 -29.37
C ILE B 176 17.20 17.75 -30.59
N VAL B 177 18.35 17.70 -31.27
CA VAL B 177 18.58 18.48 -32.49
C VAL B 177 18.77 17.58 -33.72
N GLU B 178 18.85 16.26 -33.51
CA GLU B 178 18.88 15.30 -34.58
C GLU B 178 18.41 13.94 -34.04
N GLN B 179 17.71 13.19 -34.92
CA GLN B 179 17.44 11.77 -34.73
C GLN B 179 17.99 11.04 -35.95
N ASN B 180 18.55 9.85 -35.72
CA ASN B 180 19.10 9.03 -36.80
C ASN B 180 18.98 7.57 -36.38
N ASP B 181 19.43 6.65 -37.25
CA ASP B 181 19.20 5.23 -37.08
C ASP B 181 20.01 4.71 -35.90
N GLN B 182 21.11 5.41 -35.58
CA GLN B 182 22.00 4.96 -34.52
C GLN B 182 21.49 5.45 -33.15
N GLY B 183 20.84 6.62 -33.08
CA GLY B 183 20.40 7.19 -31.81
C GLY B 183 20.08 8.68 -31.93
N ILE B 184 20.26 9.45 -30.83
CA ILE B 184 19.88 10.86 -30.85
C ILE B 184 21.09 11.73 -30.55
N VAL B 185 21.02 12.99 -31.02
CA VAL B 185 21.94 14.04 -30.63
C VAL B 185 21.18 15.11 -29.84
N VAL B 186 21.79 15.59 -28.75
CA VAL B 186 21.17 16.54 -27.83
C VAL B 186 22.12 17.73 -27.61
N ARG B 187 21.56 18.93 -27.46
CA ARG B 187 22.35 20.12 -27.19
C ARG B 187 21.68 20.95 -26.10
N GLY B 188 22.50 21.53 -25.19
CA GLY B 188 22.05 22.46 -24.14
C GLY B 188 22.38 21.99 -22.72
N TRP B 189 21.74 22.63 -21.74
CA TRP B 189 22.07 22.49 -20.33
C TRP B 189 21.12 21.56 -19.60
N LYS B 190 21.67 20.80 -18.63
CA LYS B 190 20.96 20.36 -17.45
C LYS B 190 21.43 21.19 -16.25
N ALA B 191 20.47 21.55 -15.36
CA ALA B 191 20.60 22.73 -14.50
C ALA B 191 21.19 22.39 -13.13
N MET B 192 20.91 21.19 -12.61
CA MET B 192 21.46 20.83 -11.31
C MET B 192 21.51 19.32 -11.19
N GLY B 193 22.61 18.87 -10.58
CA GLY B 193 22.86 17.47 -10.31
C GLY B 193 23.96 17.38 -9.25
N THR B 194 24.01 16.24 -8.56
CA THR B 194 24.88 16.05 -7.41
C THR B 194 25.77 14.83 -7.67
N SER B 195 27.03 14.96 -7.21
CA SER B 195 28.04 13.91 -7.26
C SER B 195 28.53 13.67 -8.70
N LEU B 196 28.29 14.64 -9.58
CA LEU B 196 28.46 14.48 -11.03
C LEU B 196 29.88 14.02 -11.35
N PRO B 197 30.95 14.63 -10.77
CA PRO B 197 32.32 14.19 -11.02
C PRO B 197 32.68 12.80 -10.53
N PHE B 198 31.77 12.14 -9.78
CA PHE B 198 32.10 10.94 -9.00
C PHE B 198 31.22 9.77 -9.42
N VAL B 199 30.47 9.91 -10.53
CA VAL B 199 29.69 8.80 -11.06
C VAL B 199 30.18 8.44 -12.46
N ASN B 200 29.75 7.29 -12.96
CA ASN B 200 30.12 6.83 -14.29
C ASN B 200 29.15 7.36 -15.34
N GLU B 201 27.87 7.46 -14.98
CA GLU B 201 26.81 7.74 -15.94
C GLU B 201 25.78 8.65 -15.31
N LEU B 202 25.19 9.54 -16.12
CA LEU B 202 24.06 10.37 -15.73
C LEU B 202 22.72 9.77 -16.18
N LEU B 203 21.71 9.92 -15.30
CA LEU B 203 20.30 9.70 -15.63
C LEU B 203 19.63 11.03 -15.98
N VAL B 204 19.66 11.41 -17.26
CA VAL B 204 19.03 12.64 -17.68
C VAL B 204 17.52 12.45 -17.74
N GLY B 205 16.77 13.52 -17.44
CA GLY B 205 15.32 13.48 -17.37
C GLY B 205 14.72 14.89 -17.26
N ASN B 206 13.39 14.98 -17.23
CA ASN B 206 12.66 16.23 -17.09
C ASN B 206 11.53 16.06 -16.07
N LEU B 207 11.25 17.16 -15.34
CA LEU B 207 10.00 17.36 -14.64
C LEU B 207 9.19 18.39 -15.44
N TRP B 208 7.94 18.06 -15.77
CA TRP B 208 7.17 18.88 -16.69
C TRP B 208 7.13 20.34 -16.22
N ARG B 209 7.38 21.26 -17.16
CA ARG B 209 7.19 22.69 -16.99
C ARG B 209 6.21 23.14 -18.07
N PRO B 210 5.41 24.20 -17.86
CA PRO B 210 4.64 24.77 -18.96
C PRO B 210 5.47 25.16 -20.19
N GLY B 211 4.99 24.81 -21.39
CA GLY B 211 5.67 25.19 -22.63
C GLY B 211 6.75 24.19 -23.05
N GLN B 212 6.96 23.14 -22.24
CA GLN B 212 7.90 22.06 -22.55
C GLN B 212 7.51 21.40 -23.87
N THR B 213 8.44 21.42 -24.84
CA THR B 213 8.20 20.86 -26.15
C THR B 213 8.56 19.37 -26.13
N SER B 214 8.31 18.73 -27.29
CA SER B 214 8.55 17.31 -27.49
C SER B 214 10.05 17.04 -27.57
N ASP B 215 10.76 17.90 -28.32
CA ASP B 215 12.21 17.87 -28.47
C ASP B 215 12.94 18.05 -27.13
N GLN B 216 12.27 18.66 -26.14
CA GLN B 216 12.84 18.91 -24.82
C GLN B 216 12.54 17.77 -23.84
N THR B 217 11.76 16.77 -24.25
CA THR B 217 11.49 15.65 -23.35
C THR B 217 12.47 14.52 -23.66
N VAL B 218 13.47 14.35 -22.77
CA VAL B 218 14.50 13.34 -22.96
C VAL B 218 14.82 12.64 -21.65
N TYR B 219 14.71 11.30 -21.66
CA TYR B 219 15.12 10.45 -20.55
C TYR B 219 16.13 9.45 -21.08
N ALA B 220 17.35 9.45 -20.53
CA ALA B 220 18.43 8.66 -21.09
C ALA B 220 19.57 8.53 -20.09
N ILE B 221 20.26 7.39 -20.17
CA ILE B 221 21.58 7.19 -19.56
C ILE B 221 22.65 7.80 -20.46
N VAL B 222 23.56 8.60 -19.87
CA VAL B 222 24.65 9.23 -20.61
C VAL B 222 25.95 9.07 -19.82
N PRO B 223 26.96 8.34 -20.36
CA PRO B 223 28.27 8.23 -19.69
C PRO B 223 28.86 9.61 -19.41
N VAL B 224 29.54 9.78 -18.27
CA VAL B 224 30.09 11.09 -17.89
C VAL B 224 31.20 11.53 -18.85
N ASN B 225 31.93 10.59 -19.48
CA ASN B 225 33.02 10.96 -20.39
C ASN B 225 32.60 10.91 -21.86
N THR B 226 31.31 11.06 -22.15
CA THR B 226 30.82 11.15 -23.51
C THR B 226 31.42 12.41 -24.16
N PRO B 227 31.88 12.32 -25.44
CA PRO B 227 32.36 13.50 -26.17
C PRO B 227 31.32 14.62 -26.19
N GLY B 228 31.78 15.83 -25.80
CA GLY B 228 30.97 17.04 -25.82
C GLY B 228 30.24 17.33 -24.50
N LEU B 229 30.32 16.40 -23.51
CA LEU B 229 29.73 16.62 -22.19
C LEU B 229 30.73 17.30 -21.25
N SER B 230 30.33 18.45 -20.73
CA SER B 230 31.11 19.23 -19.78
C SER B 230 30.31 19.37 -18.48
N LEU B 231 30.87 18.84 -17.38
CA LEU B 231 30.38 19.05 -16.02
C LEU B 231 30.90 20.38 -15.48
N VAL B 232 29.98 21.29 -15.15
CA VAL B 232 30.31 22.60 -14.63
C VAL B 232 29.89 22.71 -13.16
N CYS B 233 30.83 22.46 -12.24
CA CYS B 233 30.51 22.33 -10.83
C CYS B 233 30.93 23.57 -10.05
N ARG B 234 30.25 23.72 -8.90
CA ARG B 234 30.56 24.73 -7.91
C ARG B 234 31.98 24.51 -7.36
N GLN B 235 32.56 25.58 -6.81
CA GLN B 235 33.84 25.54 -6.14
C GLN B 235 33.83 24.47 -5.05
N SER B 236 34.97 23.81 -4.86
CA SER B 236 35.12 22.91 -3.73
C SER B 236 35.29 23.69 -2.42
N ASN B 237 34.64 23.20 -1.35
CA ASN B 237 34.83 23.72 -0.01
C ASN B 237 35.64 22.71 0.80
N ALA B 238 36.20 21.70 0.12
CA ALA B 238 37.07 20.73 0.76
C ALA B 238 38.35 21.39 1.29
N THR B 239 38.86 20.90 2.43
CA THR B 239 40.04 21.48 3.07
C THR B 239 40.97 20.34 3.47
N PRO B 240 41.56 19.64 2.48
CA PRO B 240 42.40 18.47 2.76
C PRO B 240 43.75 18.78 3.43
N ASP B 241 44.16 20.07 3.42
CA ASP B 241 45.38 20.53 4.08
C ASP B 241 45.12 21.03 5.52
N ALA B 242 43.87 21.38 5.84
CA ALA B 242 43.54 21.84 7.18
C ALA B 242 43.80 20.75 8.23
N ASP B 243 43.83 21.17 9.50
CA ASP B 243 43.96 20.27 10.64
C ASP B 243 42.57 19.69 10.94
N PRO B 244 42.44 18.35 11.04
CA PRO B 244 41.20 17.69 11.47
C PRO B 244 40.55 18.23 12.75
N TYR B 245 41.33 18.75 13.69
CA TYR B 245 40.78 19.29 14.92
C TYR B 245 40.04 20.59 14.59
N ASP B 246 40.63 21.39 13.68
CA ASP B 246 40.06 22.66 13.28
C ASP B 246 38.82 22.47 12.40
N HIS B 247 38.95 21.59 11.39
CA HIS B 247 37.88 21.38 10.42
C HIS B 247 37.66 19.88 10.29
N PRO B 248 36.82 19.24 11.15
CA PRO B 248 36.66 17.78 11.12
C PRO B 248 35.87 17.19 9.93
N LEU B 249 35.19 18.06 9.16
CA LEU B 249 34.31 17.54 8.12
C LEU B 249 34.83 17.96 6.76
N SER B 250 35.17 19.25 6.61
CA SER B 250 35.69 19.77 5.36
C SER B 250 36.99 19.05 4.95
N THR B 251 37.74 18.51 5.92
CA THR B 251 38.94 17.73 5.63
C THR B 251 38.58 16.40 4.95
N ILE B 252 37.36 15.88 5.20
CA ILE B 252 36.94 14.61 4.62
C ILE B 252 36.75 14.81 3.11
N GLY B 253 36.01 15.85 2.74
CA GLY B 253 35.85 16.21 1.34
C GLY B 253 34.53 16.94 1.12
N ASP B 254 34.15 17.12 -0.15
CA ASP B 254 32.97 17.90 -0.47
C ASP B 254 32.22 17.28 -1.66
N GLU B 255 30.99 16.82 -1.39
CA GLU B 255 30.06 16.32 -2.38
C GLU B 255 29.60 17.44 -3.31
N LEU B 256 30.31 17.62 -4.43
CA LEU B 256 30.07 18.74 -5.32
C LEU B 256 28.74 18.59 -6.05
N ASP B 257 28.15 19.75 -6.36
CA ASP B 257 26.97 19.87 -7.19
C ASP B 257 27.38 20.63 -8.46
N GLY B 258 26.60 20.45 -9.54
CA GLY B 258 26.88 21.19 -10.76
C GLY B 258 25.78 21.15 -11.81
N MET B 259 26.02 21.98 -12.83
CA MET B 259 25.31 22.00 -14.10
C MET B 259 26.07 21.12 -15.09
N ALA B 260 25.47 20.85 -16.26
CA ALA B 260 26.12 20.07 -17.30
C ALA B 260 25.72 20.61 -18.66
N TYR B 261 26.72 20.88 -19.51
CA TYR B 261 26.51 21.34 -20.89
C TYR B 261 26.75 20.17 -21.84
N PHE B 262 25.74 19.93 -22.69
CA PHE B 262 25.79 18.90 -23.74
C PHE B 262 26.05 19.60 -25.07
N ASP B 263 27.25 19.43 -25.62
CA ASP B 263 27.59 20.02 -26.91
C ASP B 263 27.49 19.00 -28.04
N ASP B 264 26.29 18.91 -28.67
CA ASP B 264 25.96 17.90 -29.68
C ASP B 264 26.39 16.53 -29.18
N VAL B 265 25.92 16.16 -28.00
CA VAL B 265 26.25 14.87 -27.43
C VAL B 265 25.37 13.85 -28.12
N PHE B 266 26.01 12.78 -28.62
CA PHE B 266 25.31 11.64 -29.19
C PHE B 266 24.97 10.66 -28.06
N ILE B 267 23.71 10.19 -28.07
CA ILE B 267 23.21 9.14 -27.21
C ILE B 267 22.67 8.05 -28.15
N PRO B 268 23.19 6.79 -28.06
CA PRO B 268 22.65 5.67 -28.84
C PRO B 268 21.28 5.23 -28.32
N TRP B 269 20.45 4.65 -29.21
CA TRP B 269 19.08 4.29 -28.91
C TRP B 269 18.95 3.40 -27.68
N GLU B 270 19.94 2.53 -27.44
CA GLU B 270 19.81 1.56 -26.36
C GLU B 270 19.94 2.25 -25.00
N ASN B 271 20.47 3.48 -25.00
CA ASN B 271 20.64 4.26 -23.76
C ASN B 271 19.46 5.19 -23.50
N VAL B 272 18.51 5.26 -24.44
CA VAL B 272 17.36 6.13 -24.34
C VAL B 272 16.25 5.32 -23.65
N GLN B 273 15.49 5.99 -22.79
CA GLN B 273 14.40 5.38 -22.05
C GLN B 273 13.04 5.97 -22.46
N HIS B 274 13.04 7.19 -23.03
CA HIS B 274 11.83 7.86 -23.51
C HIS B 274 12.22 9.19 -24.17
N ILE B 275 11.53 9.57 -25.24
CA ILE B 275 11.60 10.92 -25.76
C ILE B 275 10.22 11.36 -26.24
N GLY B 276 10.00 12.67 -26.33
CA GLY B 276 9.03 13.23 -27.24
C GLY B 276 7.67 13.59 -26.63
N ASN B 277 7.35 13.11 -25.41
CA ASN B 277 6.00 13.23 -24.90
C ASN B 277 5.96 14.03 -23.59
N PRO B 278 5.79 15.37 -23.68
CA PRO B 278 5.66 16.24 -22.50
C PRO B 278 4.75 15.77 -21.36
N ASP B 279 3.67 15.05 -21.70
CA ASP B 279 2.69 14.62 -20.70
C ASP B 279 3.18 13.38 -19.96
N HIS B 280 4.13 12.66 -20.58
CA HIS B 280 4.86 11.62 -19.85
C HIS B 280 5.59 12.25 -18.66
N ALA B 281 6.11 13.47 -18.86
CA ALA B 281 6.92 14.14 -17.85
C ALA B 281 6.06 14.68 -16.70
N LYS B 282 4.72 14.60 -16.85
CA LYS B 282 3.80 15.16 -15.88
C LYS B 282 3.56 14.17 -14.75
N TRP B 283 3.44 12.88 -15.08
CA TRP B 283 3.02 11.87 -14.13
C TRP B 283 4.21 11.01 -13.70
N TYR B 284 5.10 10.64 -14.63
CA TYR B 284 6.01 9.51 -14.42
C TYR B 284 7.26 9.87 -13.60
N PRO B 285 7.99 10.99 -13.84
CA PRO B 285 9.18 11.30 -13.04
C PRO B 285 8.89 11.61 -11.56
N GLN B 286 7.62 11.99 -11.27
CA GLN B 286 7.11 12.22 -9.94
C GLN B 286 7.11 10.91 -9.14
N ARG B 287 6.84 9.78 -9.81
CA ARG B 287 6.89 8.49 -9.13
C ARG B 287 8.34 8.08 -8.88
N GLN B 288 9.26 8.59 -9.72
CA GLN B 288 10.68 8.36 -9.51
C GLN B 288 11.14 9.17 -8.29
N PHE B 289 10.73 10.44 -8.23
CA PHE B 289 11.17 11.32 -7.17
C PHE B 289 10.55 10.92 -5.83
N ASP B 290 9.45 10.14 -5.85
CA ASP B 290 8.91 9.59 -4.61
C ASP B 290 9.96 8.79 -3.83
N TRP B 291 10.86 8.10 -4.56
CA TRP B 291 11.87 7.26 -3.91
C TRP B 291 13.01 8.12 -3.33
N VAL B 292 13.35 9.22 -3.99
CA VAL B 292 14.32 10.15 -3.45
C VAL B 292 13.77 10.66 -2.11
N HIS B 293 12.53 11.12 -2.15
CA HIS B 293 11.82 11.68 -1.00
C HIS B 293 11.83 10.72 0.20
N ILE B 294 11.62 9.43 -0.04
CA ILE B 294 11.61 8.42 1.02
C ILE B 294 12.96 8.40 1.73
N GLU B 295 14.03 8.30 0.91
CA GLU B 295 15.40 8.21 1.37
C GLU B 295 15.74 9.45 2.22
N THR B 296 15.37 10.62 1.67
CA THR B 296 15.63 11.92 2.24
C THR B 296 14.92 12.04 3.57
N GLN B 297 13.64 11.65 3.59
CA GLN B 297 12.83 11.74 4.79
C GLN B 297 13.50 10.92 5.89
N ILE B 298 14.04 9.77 5.51
CA ILE B 298 14.78 8.97 6.49
C ILE B 298 15.98 9.78 6.99
N ARG B 299 16.68 10.47 6.07
CA ARG B 299 17.85 11.26 6.44
C ARG B 299 17.50 12.41 7.38
N HIS B 300 16.36 13.08 7.15
CA HIS B 300 15.87 14.17 7.98
C HIS B 300 15.86 13.75 9.46
N ALA B 301 15.32 12.55 9.70
CA ALA B 301 15.16 12.09 11.06
C ALA B 301 16.53 11.90 11.72
N VAL B 302 17.50 11.38 10.96
CA VAL B 302 18.80 11.03 11.49
C VAL B 302 19.51 12.34 11.85
N HIS B 303 19.35 13.33 10.97
CA HIS B 303 19.98 14.63 11.15
C HIS B 303 19.44 15.21 12.46
N ALA B 304 18.10 15.20 12.61
CA ALA B 304 17.45 15.69 13.83
C ALA B 304 17.98 14.92 15.04
N GLU B 305 18.27 13.63 14.86
CA GLU B 305 18.89 12.84 15.92
C GLU B 305 20.27 13.44 16.24
N LEU B 306 21.05 13.75 15.21
CA LEU B 306 22.39 14.24 15.44
C LEU B 306 22.30 15.57 16.21
N ILE B 307 21.36 16.43 15.80
CA ILE B 307 21.23 17.76 16.34
C ILE B 307 20.91 17.67 17.83
N VAL B 308 19.93 16.84 18.19
CA VAL B 308 19.48 16.75 19.57
C VAL B 308 20.58 16.13 20.41
N GLY B 309 21.30 15.16 19.85
CA GLY B 309 22.45 14.55 20.52
C GLY B 309 23.56 15.57 20.80
N LEU B 310 23.92 16.35 19.78
CA LEU B 310 24.88 17.44 19.92
C LEU B 310 24.42 18.43 21.00
N ALA B 311 23.13 18.71 21.05
CA ALA B 311 22.63 19.73 21.94
C ALA B 311 22.68 19.20 23.37
N LEU B 312 22.42 17.90 23.53
CA LEU B 312 22.49 17.27 24.83
C LEU B 312 23.91 17.37 25.34
N LEU B 313 24.88 17.05 24.48
CA LEU B 313 26.29 17.02 24.86
C LEU B 313 26.77 18.43 25.22
N LEU B 314 26.38 19.38 24.37
CA LEU B 314 26.81 20.76 24.50
C LEU B 314 26.34 21.34 25.83
N THR B 315 25.05 21.17 26.14
CA THR B 315 24.44 21.82 27.29
C THR B 315 24.93 21.13 28.56
N ASN B 316 25.24 19.83 28.46
CA ASN B 316 25.85 19.13 29.57
C ASN B 316 27.28 19.64 29.76
N ALA B 317 27.99 19.87 28.66
CA ALA B 317 29.37 20.32 28.72
C ALA B 317 29.46 21.74 29.31
N LEU B 318 28.43 22.57 29.08
CA LEU B 318 28.41 23.95 29.54
C LEU B 318 27.70 24.08 30.89
N GLY B 319 27.04 23.02 31.38
CA GLY B 319 26.37 23.06 32.68
C GLY B 319 25.00 23.77 32.66
N THR B 320 24.36 23.86 31.47
CA THR B 320 23.15 24.65 31.29
C THR B 320 21.90 23.77 31.17
N ASN B 321 22.06 22.43 31.21
CA ASN B 321 20.99 21.49 30.85
C ASN B 321 19.99 21.27 31.99
N ASN B 322 20.27 21.84 33.17
CA ASN B 322 19.34 21.87 34.30
C ASN B 322 18.53 23.18 34.35
N ASN B 323 18.91 24.21 33.58
CA ASN B 323 18.07 25.40 33.38
C ASN B 323 16.71 24.96 32.82
N PRO B 324 15.56 25.30 33.46
CA PRO B 324 14.23 25.01 32.91
C PRO B 324 13.91 25.44 31.46
N ILE B 325 14.51 26.55 31.00
CA ILE B 325 14.27 27.05 29.65
C ILE B 325 15.00 26.15 28.67
N VAL B 326 16.27 25.84 28.99
CA VAL B 326 17.12 24.99 28.16
C VAL B 326 16.51 23.60 28.01
N GLN B 327 16.06 23.03 29.12
CA GLN B 327 15.41 21.73 29.16
C GLN B 327 14.18 21.71 28.22
N SER B 328 13.42 22.80 28.27
CA SER B 328 12.20 22.91 27.50
C SER B 328 12.53 22.92 26.01
N GLN B 329 13.56 23.70 25.63
CA GLN B 329 13.97 23.82 24.24
C GLN B 329 14.51 22.48 23.74
N LEU B 330 15.22 21.76 24.63
CA LEU B 330 15.78 20.43 24.36
C LEU B 330 14.65 19.47 24.06
N ALA B 331 13.61 19.49 24.91
CA ALA B 331 12.44 18.68 24.69
C ALA B 331 11.81 18.94 23.32
N ASP B 332 11.81 20.19 22.83
CA ASP B 332 11.26 20.52 21.53
C ASP B 332 12.15 19.96 20.41
N LEU B 333 13.48 19.90 20.64
CA LEU B 333 14.38 19.24 19.69
C LEU B 333 14.13 17.74 19.65
N VAL B 334 13.90 17.14 20.82
CA VAL B 334 13.52 15.75 20.90
C VAL B 334 12.26 15.57 20.06
N ARG B 335 11.30 16.49 20.21
CA ARG B 335 10.04 16.39 19.52
C ARG B 335 10.24 16.52 18.02
N PHE B 336 11.14 17.42 17.61
CA PHE B 336 11.44 17.60 16.19
C PHE B 336 11.91 16.27 15.62
N ARG B 337 12.82 15.60 16.34
CA ARG B 337 13.30 14.32 15.88
C ARG B 337 12.17 13.27 15.81
N GLU B 338 11.36 13.20 16.87
CA GLU B 338 10.40 12.12 16.96
C GLU B 338 9.28 12.35 15.94
N THR B 339 9.04 13.61 15.56
CA THR B 339 8.05 13.86 14.51
C THR B 339 8.55 13.27 13.19
N CYS B 340 9.81 13.55 12.82
CA CYS B 340 10.36 13.01 11.58
C CYS B 340 10.28 11.47 11.60
N LYS B 341 10.69 10.88 12.73
CA LYS B 341 10.66 9.43 12.88
C LYS B 341 9.22 8.90 12.73
N ALA B 342 8.25 9.57 13.38
CA ALA B 342 6.87 9.12 13.35
C ALA B 342 6.35 9.15 11.92
N PHE B 343 6.76 10.13 11.10
CA PHE B 343 6.31 10.18 9.71
C PHE B 343 6.89 9.03 8.87
N ALA B 344 8.18 8.72 9.06
CA ALA B 344 8.84 7.60 8.39
C ALA B 344 8.20 6.26 8.74
N ILE B 345 7.91 6.04 10.03
CA ILE B 345 7.19 4.86 10.49
C ILE B 345 5.79 4.83 9.89
N ALA B 346 5.08 5.96 9.84
CA ALA B 346 3.72 5.91 9.33
C ALA B 346 3.72 5.66 7.82
N ALA B 347 4.75 6.19 7.13
CA ALA B 347 4.81 6.10 5.68
C ALA B 347 4.97 4.64 5.28
N GLU B 348 5.85 3.95 6.01
CA GLU B 348 6.14 2.55 5.75
C GLU B 348 4.95 1.70 6.14
N GLU B 349 4.44 1.93 7.34
CA GLU B 349 3.33 1.16 7.89
C GLU B 349 2.11 1.19 6.96
N THR B 350 1.85 2.31 6.27
CA THR B 350 0.64 2.44 5.44
C THR B 350 0.99 2.38 3.95
N GLY B 351 2.20 1.86 3.64
CA GLY B 351 2.59 1.62 2.26
C GLY B 351 1.77 0.50 1.62
N PHE B 352 1.98 0.32 0.31
CA PHE B 352 1.16 -0.54 -0.54
C PHE B 352 2.02 -1.00 -1.72
N THR B 353 1.68 -2.13 -2.35
CA THR B 353 2.46 -2.63 -3.47
C THR B 353 1.94 -1.98 -4.75
N THR B 354 2.84 -1.63 -5.68
CA THR B 354 2.44 -1.08 -6.98
C THR B 354 1.88 -2.18 -7.88
N ALA B 355 1.48 -1.83 -9.11
CA ALA B 355 1.10 -2.81 -10.12
C ALA B 355 2.19 -3.87 -10.28
N GLY B 356 3.42 -3.40 -10.53
CA GLY B 356 4.57 -4.25 -10.82
C GLY B 356 5.09 -5.07 -9.62
N GLY B 357 4.52 -4.88 -8.41
CA GLY B 357 4.88 -5.66 -7.23
C GLY B 357 5.88 -4.96 -6.30
N LEU B 358 6.09 -3.64 -6.50
CA LEU B 358 7.03 -2.87 -5.70
C LEU B 358 6.32 -2.34 -4.45
N PHE B 359 6.82 -2.69 -3.25
CA PHE B 359 6.28 -2.14 -2.01
C PHE B 359 6.85 -0.75 -1.75
N LYS B 360 5.94 0.23 -1.76
CA LYS B 360 6.27 1.64 -1.75
C LYS B 360 5.65 2.28 -0.50
N PRO B 361 6.47 2.85 0.41
CA PRO B 361 5.95 3.73 1.46
C PRO B 361 4.96 4.76 0.97
N ASN B 362 3.97 5.07 1.84
CA ASN B 362 2.91 6.04 1.58
C ASN B 362 3.49 7.45 1.41
N ASN B 363 3.39 8.01 0.20
CA ASN B 363 4.03 9.29 -0.10
C ASN B 363 3.37 10.46 0.65
N ILE B 364 2.14 10.28 1.16
CA ILE B 364 1.48 11.32 1.93
C ILE B 364 2.25 11.57 3.24
N TYR B 365 2.61 10.52 3.96
CA TYR B 365 3.38 10.70 5.17
C TYR B 365 4.82 11.07 4.85
N VAL B 366 5.39 10.53 3.76
CA VAL B 366 6.76 10.91 3.38
C VAL B 366 6.81 12.43 3.12
N ASP B 367 5.87 12.96 2.32
CA ASP B 367 5.97 14.34 1.86
C ASP B 367 5.64 15.32 2.98
N LEU B 368 4.70 14.94 3.84
CA LEU B 368 4.31 15.82 4.93
C LEU B 368 5.37 15.76 6.04
N GLY B 369 6.07 14.64 6.15
CA GLY B 369 7.22 14.54 7.04
C GLY B 369 8.34 15.48 6.57
N ARG B 370 8.60 15.46 5.26
CA ARG B 370 9.58 16.36 4.68
C ARG B 370 9.17 17.80 4.98
N ALA B 371 7.91 18.15 4.69
CA ALA B 371 7.39 19.47 4.97
C ALA B 371 7.74 19.87 6.41
N HIS B 372 7.46 18.98 7.38
CA HIS B 372 7.66 19.28 8.79
C HIS B 372 9.11 19.66 9.01
N TYR B 373 10.01 18.82 8.48
CA TYR B 373 11.44 19.03 8.53
C TYR B 373 11.75 20.38 7.91
N LEU B 374 11.19 20.60 6.71
CA LEU B 374 11.58 21.74 5.88
C LEU B 374 11.13 23.06 6.51
N GLU B 375 9.99 23.04 7.22
CA GLU B 375 9.45 24.24 7.85
C GLU B 375 10.27 24.59 9.09
N ASN B 376 10.79 23.58 9.82
CA ASN B 376 11.26 23.72 11.19
C ASN B 376 12.78 23.61 11.34
N ILE B 377 13.52 23.07 10.35
CA ILE B 377 14.95 22.79 10.49
C ILE B 377 15.77 24.05 10.81
N HIS B 378 15.49 25.17 10.18
CA HIS B 378 16.28 26.37 10.44
C HIS B 378 16.13 26.77 11.91
N ASN B 379 14.97 26.45 12.54
CA ASN B 379 14.73 26.78 13.93
C ASN B 379 15.50 25.82 14.84
N ALA B 380 15.59 24.54 14.46
CA ALA B 380 16.29 23.59 15.32
C ALA B 380 17.81 23.84 15.27
N VAL B 381 18.34 24.19 14.09
CA VAL B 381 19.73 24.57 13.95
C VAL B 381 20.00 25.88 14.73
N ASN B 382 19.07 26.84 14.59
CA ASN B 382 19.19 28.13 15.25
C ASN B 382 19.24 27.93 16.77
N GLN B 383 18.38 27.05 17.29
CA GLN B 383 18.34 26.75 18.72
C GLN B 383 19.67 26.11 19.17
N LEU B 384 20.24 25.22 18.36
CA LEU B 384 21.48 24.56 18.75
C LEU B 384 22.57 25.62 18.94
N ILE B 385 22.69 26.53 17.96
CA ILE B 385 23.65 27.62 17.99
C ILE B 385 23.42 28.47 19.26
N GLU B 386 22.17 28.78 19.60
CA GLU B 386 21.91 29.58 20.80
C GLU B 386 22.55 28.91 22.03
N PHE B 387 22.46 27.59 22.10
CA PHE B 387 23.01 26.87 23.23
C PHE B 387 24.51 27.10 23.34
N CYS B 388 25.20 27.33 22.21
CA CYS B 388 26.65 27.48 22.24
C CYS B 388 27.08 28.75 22.97
N GLY B 389 26.33 29.84 22.76
CA GLY B 389 26.80 31.14 23.18
C GLY B 389 28.03 31.53 22.37
N ARG B 390 28.97 32.24 23.02
CA ARG B 390 30.08 32.89 22.35
C ARG B 390 31.11 31.88 21.84
N GLY B 391 31.20 30.69 22.45
CA GLY B 391 32.10 29.65 21.98
C GLY B 391 32.14 29.47 20.46
N VAL B 392 31.07 29.88 19.76
CA VAL B 392 30.96 29.75 18.32
C VAL B 392 31.54 30.97 17.59
N VAL B 393 31.73 32.10 18.29
CA VAL B 393 32.36 33.28 17.69
C VAL B 393 33.86 33.05 17.65
N MET B 394 34.45 32.76 18.83
CA MET B 394 35.87 32.46 18.94
C MET B 394 35.99 31.13 19.66
N SER B 395 36.50 30.14 18.93
CA SER B 395 36.99 28.89 19.49
C SER B 395 38.42 28.70 18.99
N PRO B 396 39.39 28.44 19.91
CA PRO B 396 40.81 28.33 19.54
C PRO B 396 41.11 27.18 18.59
N THR B 397 42.07 27.39 17.68
CA THR B 397 42.57 26.36 16.77
C THR B 397 43.42 25.38 17.57
N LYS B 398 43.88 24.32 16.89
CA LYS B 398 44.80 23.36 17.49
C LYS B 398 46.12 24.07 17.77
N ALA B 399 46.54 24.94 16.83
CA ALA B 399 47.76 25.74 16.94
C ALA B 399 47.75 26.59 18.21
N ASP B 400 46.62 27.27 18.50
CA ASP B 400 46.41 28.05 19.72
C ASP B 400 46.61 27.19 20.98
N PHE B 401 45.98 26.00 21.03
CA PHE B 401 46.12 25.08 22.14
C PHE B 401 47.54 24.48 22.18
N ASP B 402 48.24 24.39 21.04
CA ASP B 402 49.60 23.88 21.03
C ASP B 402 50.67 24.92 21.40
N HIS B 403 50.33 26.22 21.53
CA HIS B 403 51.33 27.22 21.92
C HIS B 403 52.01 26.80 23.22
N PRO B 404 53.36 26.84 23.32
CA PRO B 404 54.08 26.39 24.53
C PRO B 404 53.64 27.04 25.84
N PHE B 405 53.36 28.36 25.79
CA PHE B 405 53.05 29.15 26.98
C PHE B 405 51.55 29.42 27.11
N LEU B 406 50.91 29.99 26.06
CA LEU B 406 49.54 30.44 26.13
C LEU B 406 48.57 29.26 26.01
N GLY B 407 49.06 28.15 25.42
CA GLY B 407 48.21 27.03 25.06
C GLY B 407 47.73 26.27 26.28
N PRO B 408 48.61 25.94 27.24
CA PRO B 408 48.14 25.40 28.52
C PRO B 408 47.25 26.38 29.29
N LYS B 409 47.42 27.69 29.05
CA LYS B 409 46.59 28.72 29.65
C LYS B 409 45.16 28.64 29.10
N LEU B 410 45.01 28.29 27.81
CA LEU B 410 43.69 28.11 27.20
C LEU B 410 43.03 26.84 27.71
N GLU B 411 43.79 25.74 27.78
CA GLU B 411 43.32 24.50 28.33
C GLU B 411 42.75 24.77 29.71
N GLU B 412 43.38 25.73 30.42
CA GLU B 412 42.96 26.12 31.75
C GLU B 412 41.72 27.01 31.67
N ALA B 413 41.80 28.07 30.86
CA ALA B 413 40.75 29.08 30.78
C ALA B 413 39.42 28.50 30.29
N LEU B 414 39.45 27.52 29.37
CA LEU B 414 38.26 27.14 28.61
C LEU B 414 37.77 25.73 28.96
N ARG B 415 38.31 25.12 30.03
CA ARG B 415 37.81 23.82 30.49
C ARG B 415 36.51 23.99 31.27
N GLY B 416 35.78 22.88 31.41
CA GLY B 416 34.61 22.77 32.28
C GLY B 416 34.86 21.78 33.41
N THR B 417 33.88 21.65 34.32
CA THR B 417 34.04 20.81 35.50
C THR B 417 34.45 19.40 35.08
N SER B 418 33.87 18.91 33.98
CA SER B 418 33.94 17.49 33.63
C SER B 418 34.26 17.28 32.15
N ILE B 419 34.91 18.27 31.50
CA ILE B 419 35.31 18.14 30.11
C ILE B 419 36.49 19.09 29.83
N SER B 420 37.54 18.57 29.18
CA SER B 420 38.71 19.38 28.85
C SER B 420 38.31 20.53 27.91
N ALA B 421 39.21 21.53 27.82
CA ALA B 421 39.02 22.65 26.91
C ALA B 421 38.93 22.15 25.47
N ARG B 422 39.79 21.19 25.11
CA ARG B 422 39.91 20.67 23.76
C ARG B 422 38.65 19.91 23.37
N ASP B 423 38.16 19.04 24.26
CA ASP B 423 36.99 18.23 23.97
C ASP B 423 35.79 19.14 23.74
N ARG B 424 35.65 20.14 24.61
CA ARG B 424 34.49 21.00 24.61
C ARG B 424 34.51 21.88 23.36
N VAL B 425 35.70 22.36 23.00
CA VAL B 425 35.80 23.25 21.85
C VAL B 425 35.53 22.46 20.55
N SER B 426 35.84 21.16 20.53
CA SER B 426 35.54 20.33 19.37
C SER B 426 34.03 20.10 19.21
N ILE B 427 33.22 20.28 20.27
CA ILE B 427 31.77 20.31 20.12
C ILE B 427 31.38 21.57 19.35
N PHE B 428 32.00 22.69 19.72
CA PHE B 428 31.70 23.97 19.08
C PHE B 428 32.07 23.87 17.59
N ARG B 429 33.25 23.31 17.30
CA ARG B 429 33.76 23.25 15.94
C ARG B 429 32.94 22.30 15.06
N GLN B 430 32.42 21.20 15.63
CA GLN B 430 31.50 20.32 14.93
C GLN B 430 30.23 21.09 14.52
N ILE B 431 29.72 21.91 15.44
CA ILE B 431 28.52 22.70 15.18
C ILE B 431 28.83 23.79 14.15
N SER B 432 29.98 24.47 14.28
CA SER B 432 30.41 25.51 13.35
C SER B 432 30.59 24.96 11.94
N GLU B 433 31.26 23.82 11.86
CA GLU B 433 31.54 23.19 10.58
C GLU B 433 30.24 22.97 9.81
N ARG B 434 29.21 22.40 10.48
CA ARG B 434 27.98 21.99 9.83
C ARG B 434 27.06 23.17 9.52
N TYR B 435 27.00 24.18 10.42
CA TYR B 435 25.96 25.20 10.26
C TYR B 435 26.52 26.62 10.11
N LEU B 436 27.85 26.81 10.09
CA LEU B 436 28.44 28.14 10.03
C LEU B 436 29.63 28.23 9.07
N THR B 437 29.71 27.31 8.09
CA THR B 437 30.72 27.38 7.03
C THR B 437 30.00 27.23 5.70
N GLN B 438 30.67 27.66 4.62
CA GLN B 438 30.15 27.47 3.27
C GLN B 438 30.07 25.96 3.00
N TRP B 439 31.06 25.22 3.48
CA TRP B 439 31.06 23.77 3.42
C TRP B 439 29.74 23.22 3.96
N GLY B 440 29.36 23.64 5.18
CA GLY B 440 28.18 23.10 5.82
C GLY B 440 26.90 23.70 5.25
N ALA B 441 27.00 24.94 4.76
CA ALA B 441 25.87 25.68 4.24
C ALA B 441 25.28 24.96 3.02
N ARG B 442 26.14 24.49 2.12
CA ARG B 442 25.74 23.64 1.01
C ARG B 442 24.78 22.55 1.50
N HIS B 443 25.08 21.86 2.61
CA HIS B 443 24.24 20.77 3.06
C HIS B 443 22.80 21.25 3.30
N GLU B 444 22.64 22.28 4.13
CA GLU B 444 21.33 22.80 4.50
C GLU B 444 20.63 23.30 3.24
N MET B 445 21.38 23.93 2.33
CA MET B 445 20.81 24.49 1.11
C MET B 445 20.34 23.38 0.18
N PHE B 446 21.08 22.26 0.17
CA PHE B 446 20.71 21.06 -0.58
C PHE B 446 19.37 20.53 -0.07
N GLU B 447 19.26 20.34 1.26
CA GLU B 447 18.07 19.76 1.90
C GLU B 447 16.84 20.64 1.68
N LYS B 448 17.05 21.96 1.49
CA LYS B 448 15.97 22.91 1.25
C LYS B 448 15.36 22.71 -0.15
N PHE B 449 16.23 22.58 -1.16
CA PHE B 449 15.83 22.62 -2.56
C PHE B 449 16.04 21.26 -3.23
N ASN B 450 16.12 20.18 -2.45
CA ASN B 450 16.21 18.82 -2.98
C ASN B 450 14.80 18.31 -3.26
N GLY B 451 14.56 17.82 -4.47
CA GLY B 451 13.20 17.48 -4.91
C GLY B 451 12.22 18.63 -4.65
N THR B 452 11.04 18.26 -4.14
CA THR B 452 9.91 19.17 -3.92
C THR B 452 10.16 20.06 -2.69
N PRO B 453 10.38 21.39 -2.83
CA PRO B 453 10.43 22.27 -1.65
C PRO B 453 9.06 22.49 -0.97
N LEU B 454 9.11 23.03 0.25
CA LEU B 454 7.94 23.15 1.12
C LEU B 454 6.77 23.80 0.37
N TYR B 455 7.01 24.93 -0.33
CA TYR B 455 5.91 25.72 -0.87
C TYR B 455 5.16 24.90 -1.93
N LEU B 456 5.88 23.97 -2.57
CA LEU B 456 5.31 23.11 -3.60
C LEU B 456 4.68 21.86 -2.97
N VAL B 457 5.24 21.36 -1.87
CA VAL B 457 4.56 20.30 -1.15
C VAL B 457 3.16 20.79 -0.77
N ARG B 458 3.07 22.07 -0.40
CA ARG B 458 1.82 22.64 0.05
C ARG B 458 0.79 22.61 -1.07
N LEU B 459 1.19 23.04 -2.27
CA LEU B 459 0.25 23.18 -3.38
C LEU B 459 -0.09 21.81 -3.96
N LEU B 460 0.90 20.91 -4.03
CA LEU B 460 0.67 19.53 -4.45
C LEU B 460 -0.28 18.80 -3.51
N THR B 461 -0.26 19.16 -2.22
CA THR B 461 -1.09 18.51 -1.22
C THR B 461 -2.56 18.78 -1.56
N MET B 462 -2.89 20.02 -1.90
CA MET B 462 -4.27 20.39 -2.10
C MET B 462 -4.75 19.91 -3.48
N GLN B 463 -3.80 19.50 -4.35
CA GLN B 463 -4.14 18.93 -5.64
C GLN B 463 -4.43 17.43 -5.53
N ARG B 464 -4.08 16.79 -4.41
CA ARG B 464 -4.33 15.36 -4.22
C ARG B 464 -5.80 15.06 -3.99
N THR B 465 -6.20 13.87 -4.45
CA THR B 465 -7.59 13.45 -4.51
C THR B 465 -8.19 13.36 -3.11
N GLU B 466 -7.40 12.88 -2.14
CA GLU B 466 -7.85 12.70 -0.76
C GLU B 466 -8.24 14.03 -0.11
N TYR B 467 -7.78 15.16 -0.65
CA TYR B 467 -7.92 16.45 0.02
C TYR B 467 -8.76 17.43 -0.82
N GLN B 468 -9.56 16.91 -1.75
CA GLN B 468 -10.48 17.75 -2.50
C GLN B 468 -11.68 18.08 -1.62
N VAL B 469 -12.40 19.15 -2.01
CA VAL B 469 -13.63 19.56 -1.36
C VAL B 469 -14.60 18.37 -1.24
N ASP B 470 -14.78 17.60 -2.33
CA ASP B 470 -15.68 16.44 -2.34
C ASP B 470 -14.98 15.14 -1.95
N GLY B 471 -13.71 15.23 -1.51
CA GLY B 471 -12.97 14.06 -1.09
C GLY B 471 -13.44 13.56 0.28
N PRO B 472 -12.86 12.45 0.77
CA PRO B 472 -13.25 11.88 2.06
C PRO B 472 -12.87 12.72 3.27
N LEU B 473 -12.06 13.77 3.09
CA LEU B 473 -11.64 14.53 4.24
C LEU B 473 -12.73 15.53 4.66
N THR B 474 -13.79 15.71 3.84
CA THR B 474 -14.92 16.56 4.23
C THR B 474 -16.10 15.73 4.73
N ASP B 475 -15.94 14.41 4.82
CA ASP B 475 -17.05 13.52 5.13
C ASP B 475 -17.57 13.84 6.52
N LEU B 476 -16.65 13.90 7.49
CA LEU B 476 -17.04 14.15 8.87
C LEU B 476 -17.72 15.51 8.97
N ALA B 477 -17.15 16.52 8.33
CA ALA B 477 -17.68 17.86 8.41
C ALA B 477 -19.07 17.93 7.77
N ARG B 478 -19.24 17.22 6.64
CA ARG B 478 -20.50 17.24 5.90
C ARG B 478 -21.62 16.63 6.72
N GLN B 479 -21.31 15.50 7.38
CA GLN B 479 -22.26 14.82 8.25
C GLN B 479 -22.70 15.76 9.38
N VAL B 480 -21.74 16.47 9.96
CA VAL B 480 -21.98 17.38 11.08
C VAL B 480 -22.93 18.49 10.67
N LEU B 481 -22.76 19.04 9.46
CA LEU B 481 -23.62 20.09 8.94
C LEU B 481 -24.90 19.55 8.30
N GLY B 482 -24.94 18.25 8.00
CA GLY B 482 -26.00 17.60 7.23
C GLY B 482 -26.15 18.18 5.82
N PHE B 483 -25.23 17.88 4.89
CA PHE B 483 -25.09 18.70 3.69
C PHE B 483 -25.47 17.98 2.38
N GLY B 484 -24.73 16.91 2.06
CA GLY B 484 -24.63 16.39 0.70
C GLY B 484 -23.26 16.71 0.14
N ASP B 485 -23.03 16.49 -1.17
CA ASP B 485 -21.79 16.89 -1.85
C ASP B 485 -22.00 18.26 -2.49
N THR B 486 -20.94 18.80 -3.15
CA THR B 486 -20.95 20.08 -3.83
C THR B 486 -22.21 20.23 -4.68
N GLU B 487 -22.52 19.17 -5.45
CA GLU B 487 -23.60 19.14 -6.42
C GLU B 487 -24.96 19.11 -5.72
N ALA B 488 -25.04 18.41 -4.58
CA ALA B 488 -26.28 18.30 -3.82
C ALA B 488 -26.59 19.63 -3.14
N LEU B 489 -25.55 20.35 -2.72
CA LEU B 489 -25.63 21.69 -2.12
C LEU B 489 -25.94 22.74 -3.17
N ALA B 490 -25.24 22.69 -4.31
CA ALA B 490 -25.48 23.62 -5.40
C ALA B 490 -26.93 23.50 -5.88
N ALA B 491 -27.47 22.27 -5.82
CA ALA B 491 -28.84 21.97 -6.19
C ALA B 491 -29.84 22.75 -5.34
N ARG B 492 -29.71 22.72 -4.00
CA ARG B 492 -30.61 23.45 -3.11
C ARG B 492 -30.57 24.95 -3.42
N ALA B 493 -29.35 25.53 -3.48
CA ALA B 493 -29.13 26.95 -3.75
C ALA B 493 -29.89 27.39 -5.00
N ALA B 494 -29.65 26.69 -6.13
CA ALA B 494 -30.29 27.03 -7.39
C ALA B 494 -31.81 27.02 -7.22
N GLU B 495 -32.33 26.04 -6.47
CA GLU B 495 -33.77 25.91 -6.28
C GLU B 495 -34.33 27.01 -5.38
N VAL B 496 -33.56 27.50 -4.39
CA VAL B 496 -34.00 28.60 -3.54
C VAL B 496 -34.00 29.91 -4.35
N GLU B 497 -33.12 30.03 -5.36
CA GLU B 497 -33.14 31.13 -6.31
C GLU B 497 -34.37 31.06 -7.20
N LYS B 498 -34.66 29.87 -7.74
CA LYS B 498 -35.74 29.67 -8.70
C LYS B 498 -37.12 29.82 -8.07
N ASN B 499 -37.24 29.54 -6.76
CA ASN B 499 -38.52 29.57 -6.04
C ASN B 499 -38.74 30.93 -5.36
N SER B 500 -38.10 32.00 -5.87
CA SER B 500 -38.19 33.33 -5.28
C SER B 500 -38.42 34.38 -6.39
N MET C 1 -24.93 -5.76 29.40
CA MET C 1 -24.97 -4.44 28.74
C MET C 1 -26.28 -3.75 29.11
N ARG C 2 -26.21 -2.53 29.64
CA ARG C 2 -27.38 -1.79 30.07
C ARG C 2 -28.03 -1.07 28.90
N THR C 3 -29.35 -0.87 29.02
CA THR C 3 -30.11 -0.05 28.10
C THR C 3 -29.91 1.42 28.49
N GLY C 4 -30.15 2.31 27.54
CA GLY C 4 -30.39 3.71 27.84
C GLY C 4 -31.34 3.89 29.04
N GLN C 5 -32.49 3.21 29.00
CA GLN C 5 -33.48 3.33 30.07
C GLN C 5 -32.87 2.99 31.43
N GLN C 6 -32.15 1.88 31.52
CA GLN C 6 -31.55 1.46 32.78
C GLN C 6 -30.50 2.49 33.18
N TYR C 7 -29.79 3.05 32.19
CA TYR C 7 -28.78 4.06 32.45
C TYR C 7 -29.41 5.33 33.03
N LEU C 8 -30.51 5.81 32.42
CA LEU C 8 -31.17 7.00 32.91
C LEU C 8 -31.69 6.72 34.33
N GLU C 9 -32.33 5.56 34.51
CA GLU C 9 -32.90 5.19 35.80
C GLU C 9 -31.83 5.20 36.89
N SER C 10 -30.62 4.71 36.60
CA SER C 10 -29.56 4.62 37.60
C SER C 10 -29.12 6.02 38.09
N LEU C 11 -29.43 7.08 37.31
CA LEU C 11 -29.08 8.44 37.68
C LEU C 11 -30.07 9.06 38.67
N ARG C 12 -31.25 8.45 38.86
CA ARG C 12 -32.26 8.96 39.80
C ARG C 12 -32.13 8.26 41.15
N ASP C 13 -31.09 8.62 41.88
CA ASP C 13 -30.60 7.87 43.03
C ASP C 13 -30.31 8.79 44.22
N GLY C 14 -30.92 10.00 44.24
CA GLY C 14 -30.75 10.96 45.33
C GLY C 14 -29.35 11.56 45.45
N ARG C 15 -28.54 11.47 44.39
CA ARG C 15 -27.25 12.15 44.30
C ARG C 15 -27.44 13.65 44.56
N GLN C 16 -26.46 14.27 45.25
CA GLN C 16 -26.44 15.70 45.54
C GLN C 16 -25.58 16.42 44.50
N VAL C 17 -26.23 17.13 43.57
CA VAL C 17 -25.58 17.66 42.38
C VAL C 17 -25.87 19.15 42.25
N TYR C 18 -24.78 19.93 42.25
CA TYR C 18 -24.82 21.37 42.11
C TYR C 18 -24.30 21.72 40.72
N VAL C 19 -25.06 22.57 40.02
CA VAL C 19 -24.73 23.04 38.69
C VAL C 19 -24.96 24.55 38.65
N GLY C 20 -23.86 25.32 38.59
CA GLY C 20 -23.89 26.77 38.67
C GLY C 20 -24.35 27.29 40.03
N GLY C 21 -24.37 26.41 41.04
CA GLY C 21 -24.88 26.73 42.37
C GLY C 21 -26.29 26.19 42.65
N GLU C 22 -26.97 25.68 41.63
CA GLU C 22 -28.33 25.20 41.79
C GLU C 22 -28.34 23.70 42.09
N LEU C 23 -28.97 23.32 43.20
CA LEU C 23 -29.16 21.92 43.52
C LEU C 23 -30.11 21.29 42.50
N ILE C 24 -29.71 20.18 41.87
CA ILE C 24 -30.50 19.56 40.81
C ILE C 24 -31.28 18.38 41.40
N ASP C 25 -32.60 18.54 41.48
CA ASP C 25 -33.53 17.49 41.90
C ASP C 25 -33.27 16.19 41.15
N ASP C 26 -33.21 16.27 39.81
CA ASP C 26 -33.24 15.11 38.93
C ASP C 26 -32.46 15.43 37.66
N VAL C 27 -31.29 14.81 37.52
CA VAL C 27 -30.35 15.08 36.44
C VAL C 27 -30.93 14.71 35.07
N THR C 28 -31.86 13.74 35.02
CA THR C 28 -32.42 13.24 33.78
C THR C 28 -33.50 14.18 33.23
N THR C 29 -34.10 15.04 34.07
CA THR C 29 -35.22 15.87 33.61
C THR C 29 -34.86 17.36 33.62
N HIS C 30 -33.86 17.77 34.43
CA HIS C 30 -33.53 19.18 34.56
C HIS C 30 -33.00 19.74 33.23
N PRO C 31 -33.48 20.90 32.77
CA PRO C 31 -32.99 21.47 31.51
C PRO C 31 -31.48 21.60 31.42
N LYS C 32 -30.78 21.81 32.56
CA LYS C 32 -29.35 22.08 32.52
C LYS C 32 -28.55 20.82 32.16
N THR C 33 -29.11 19.64 32.49
CA THR C 33 -28.35 18.39 32.50
C THR C 33 -28.97 17.36 31.56
N SER C 34 -30.24 17.55 31.14
CA SER C 34 -31.03 16.48 30.58
C SER C 34 -30.48 16.06 29.21
N GLY C 35 -30.12 17.03 28.36
CA GLY C 35 -29.62 16.76 27.02
C GLY C 35 -28.43 15.78 27.02
N TYR C 36 -27.42 16.04 27.86
CA TYR C 36 -26.24 15.21 27.90
C TYR C 36 -26.58 13.84 28.49
N ALA C 37 -27.48 13.81 29.48
CA ALA C 37 -28.02 12.57 30.03
C ALA C 37 -28.57 11.68 28.92
N LYS C 38 -29.38 12.29 28.04
CA LYS C 38 -30.01 11.58 26.94
C LYS C 38 -28.95 11.12 25.93
N ALA C 39 -27.88 11.88 25.72
CA ALA C 39 -26.86 11.48 24.76
C ALA C 39 -26.10 10.23 25.22
N ILE C 40 -25.80 10.13 26.53
CA ILE C 40 -25.12 8.95 27.04
C ILE C 40 -26.09 7.76 27.00
N ALA C 41 -27.39 8.02 27.18
CA ALA C 41 -28.40 6.98 27.16
C ALA C 41 -28.49 6.34 25.77
N GLU C 42 -28.57 7.18 24.73
CA GLU C 42 -28.46 6.80 23.34
C GLU C 42 -27.15 6.02 23.09
N TYR C 43 -26.05 6.44 23.70
CA TYR C 43 -24.75 5.77 23.59
C TYR C 43 -24.89 4.31 23.99
N TYR C 44 -25.59 4.07 25.11
CA TYR C 44 -25.77 2.73 25.65
C TYR C 44 -26.64 1.91 24.68
N ASP C 45 -27.69 2.53 24.13
CA ASP C 45 -28.61 1.84 23.24
C ASP C 45 -27.89 1.34 21.99
N LEU C 46 -27.03 2.18 21.41
CA LEU C 46 -26.33 1.84 20.18
C LEU C 46 -25.49 0.58 20.38
N HIS C 47 -24.87 0.43 21.55
CA HIS C 47 -24.13 -0.79 21.85
C HIS C 47 -25.03 -2.02 21.69
N LEU C 48 -26.32 -1.88 22.03
CA LEU C 48 -27.28 -2.96 21.95
C LEU C 48 -27.79 -3.15 20.52
N ASP C 49 -27.52 -2.19 19.63
CA ASP C 49 -27.99 -2.28 18.25
C ASP C 49 -27.14 -3.29 17.49
N PRO C 50 -27.75 -4.39 16.98
CA PRO C 50 -27.03 -5.36 16.14
C PRO C 50 -26.24 -4.83 14.94
N GLU C 51 -26.69 -3.73 14.34
CA GLU C 51 -25.99 -3.13 13.21
C GLU C 51 -24.56 -2.72 13.60
N HIS C 52 -24.34 -2.36 14.87
CA HIS C 52 -23.04 -1.85 15.30
C HIS C 52 -22.30 -2.86 16.18
N GLN C 53 -22.79 -4.11 16.20
CA GLN C 53 -22.22 -5.16 17.02
C GLN C 53 -20.73 -5.40 16.73
N ASP C 54 -20.32 -5.30 15.45
CA ASP C 54 -18.94 -5.62 15.10
C ASP C 54 -17.96 -4.65 15.76
N VAL C 55 -18.19 -3.34 15.60
CA VAL C 55 -17.25 -2.35 16.10
C VAL C 55 -17.47 -2.07 17.61
N LEU C 56 -18.68 -2.29 18.16
CA LEU C 56 -19.04 -1.76 19.48
C LEU C 56 -18.93 -2.80 20.59
N THR C 57 -19.02 -4.09 20.26
CA THR C 57 -19.13 -5.13 21.29
C THR C 57 -18.07 -6.21 21.06
N PHE C 58 -17.90 -7.06 22.08
CA PHE C 58 -17.04 -8.23 22.00
C PHE C 58 -17.55 -9.30 22.98
N VAL C 59 -17.05 -10.53 22.80
CA VAL C 59 -17.37 -11.64 23.69
C VAL C 59 -16.17 -11.94 24.59
N ASP C 60 -16.40 -11.94 25.91
CA ASP C 60 -15.34 -11.98 26.90
C ASP C 60 -14.90 -13.44 27.11
N ASP C 61 -13.86 -13.63 27.94
CA ASP C 61 -13.43 -14.94 28.42
C ASP C 61 -14.63 -15.80 28.77
N ASP C 62 -15.45 -15.31 29.72
CA ASP C 62 -16.60 -16.01 30.31
C ASP C 62 -17.72 -16.28 29.29
N GLY C 63 -17.66 -15.68 28.10
CA GLY C 63 -18.63 -15.96 27.06
C GLY C 63 -19.76 -14.91 27.00
N VAL C 64 -19.74 -13.93 27.92
CA VAL C 64 -20.76 -12.88 27.96
C VAL C 64 -20.40 -11.81 26.91
N ARG C 65 -21.38 -11.33 26.15
CA ARG C 65 -21.19 -10.23 25.21
C ARG C 65 -21.24 -8.91 25.98
N LYS C 66 -20.12 -8.16 25.93
CA LYS C 66 -19.95 -6.91 26.66
C LYS C 66 -19.49 -5.80 25.70
N SER C 67 -19.70 -4.55 26.14
CA SER C 67 -19.30 -3.37 25.39
C SER C 67 -17.78 -3.22 25.37
N MET C 68 -17.25 -2.70 24.24
CA MET C 68 -15.83 -2.50 24.02
C MET C 68 -15.21 -1.51 25.01
N HIS C 69 -16.02 -0.70 25.70
CA HIS C 69 -15.47 0.16 26.74
C HIS C 69 -14.89 -0.71 27.86
N TRP C 70 -15.17 -2.02 27.85
CA TRP C 70 -14.56 -2.95 28.80
C TRP C 70 -13.48 -3.84 28.17
N PHE C 71 -13.08 -3.59 26.90
CA PHE C 71 -12.17 -4.46 26.17
C PHE C 71 -10.71 -4.11 26.46
N LEU C 72 -9.96 -5.10 26.96
CA LEU C 72 -8.54 -4.96 27.22
C LEU C 72 -7.74 -5.53 26.05
N PRO C 73 -6.95 -4.72 25.31
CA PRO C 73 -6.27 -5.20 24.11
C PRO C 73 -5.04 -6.06 24.43
N ARG C 74 -4.91 -7.21 23.74
CA ARG C 74 -3.84 -8.18 24.02
C ARG C 74 -2.87 -8.28 22.84
N SER C 75 -3.09 -7.46 21.78
CA SER C 75 -2.27 -7.46 20.58
C SER C 75 -2.40 -6.11 19.88
N LYS C 76 -1.53 -5.89 18.88
CA LYS C 76 -1.58 -4.72 18.02
C LYS C 76 -2.95 -4.63 17.36
N ALA C 77 -3.46 -5.78 16.89
CA ALA C 77 -4.73 -5.84 16.19
C ALA C 77 -5.89 -5.44 17.11
N ASP C 78 -5.80 -5.83 18.38
CA ASP C 78 -6.77 -5.42 19.39
C ASP C 78 -6.73 -3.90 19.59
N ALA C 79 -5.52 -3.36 19.70
CA ALA C 79 -5.31 -1.91 19.79
C ALA C 79 -5.94 -1.18 18.60
N ALA C 80 -5.77 -1.70 17.37
CA ALA C 80 -6.35 -1.08 16.19
C ALA C 80 -7.88 -1.14 16.21
N ARG C 81 -8.43 -2.13 16.93
CA ARG C 81 -9.86 -2.33 17.05
C ARG C 81 -10.42 -1.35 18.09
N ARG C 82 -9.63 -1.10 19.14
CA ARG C 82 -9.96 -0.07 20.13
C ARG C 82 -9.88 1.32 19.52
N ARG C 83 -8.86 1.54 18.68
CA ARG C 83 -8.72 2.79 17.96
C ARG C 83 -10.01 3.03 17.17
N ALA C 84 -10.48 2.03 16.43
CA ALA C 84 -11.69 2.18 15.62
C ALA C 84 -12.91 2.42 16.50
N TYR C 85 -12.89 1.92 17.75
CA TYR C 85 -13.98 2.11 18.68
C TYR C 85 -14.00 3.57 19.17
N HIS C 86 -12.83 4.11 19.51
CA HIS C 86 -12.75 5.50 19.95
C HIS C 86 -13.17 6.41 18.78
N GLU C 87 -12.75 6.09 17.55
CA GLU C 87 -13.07 6.90 16.39
C GLU C 87 -14.58 6.92 16.16
N PHE C 88 -15.22 5.73 16.23
CA PHE C 88 -16.66 5.66 16.11
C PHE C 88 -17.28 6.73 17.03
N TRP C 89 -16.84 6.79 18.29
CA TRP C 89 -17.47 7.66 19.27
C TRP C 89 -17.17 9.13 19.03
N PHE C 90 -15.93 9.46 18.64
CA PHE C 90 -15.55 10.84 18.33
C PHE C 90 -16.34 11.32 17.12
N ARG C 91 -16.58 10.42 16.16
CA ARG C 91 -17.32 10.74 14.96
C ARG C 91 -18.80 10.89 15.29
N HIS C 92 -19.36 9.97 16.09
CA HIS C 92 -20.78 10.05 16.46
C HIS C 92 -21.07 11.34 17.24
N PHE C 93 -20.12 11.76 18.08
CA PHE C 93 -20.20 13.03 18.80
C PHE C 93 -19.47 14.16 18.06
N GLN C 94 -19.51 14.14 16.72
CA GLN C 94 -19.30 15.32 15.90
C GLN C 94 -17.89 15.87 16.09
N GLY C 95 -16.88 15.00 15.99
CA GLY C 95 -15.48 15.40 16.02
C GLY C 95 -14.88 15.24 17.41
N GLY C 96 -15.76 15.23 18.42
CA GLY C 96 -15.38 14.92 19.79
C GLY C 96 -15.82 16.01 20.77
N ILE C 97 -17.07 16.46 20.65
CA ILE C 97 -17.63 17.54 21.44
C ILE C 97 -17.78 17.04 22.89
N PHE C 98 -18.14 15.76 23.03
CA PHE C 98 -18.13 15.08 24.32
C PHE C 98 -16.89 14.19 24.37
N THR C 99 -15.96 14.55 25.25
CA THR C 99 -14.62 13.96 25.29
C THR C 99 -14.59 12.74 26.22
N ARG C 100 -15.65 12.58 27.03
CA ARG C 100 -15.62 11.63 28.14
C ARG C 100 -16.94 10.88 28.26
N PRO C 101 -17.38 10.14 27.22
CA PRO C 101 -18.39 9.11 27.42
C PRO C 101 -17.72 8.02 28.27
N PRO C 102 -18.43 6.95 28.71
CA PRO C 102 -17.77 5.78 29.30
C PRO C 102 -16.54 5.20 28.57
N ALA C 103 -16.54 5.28 27.23
CA ALA C 103 -15.45 4.78 26.39
C ALA C 103 -14.12 5.47 26.68
N GLY C 104 -14.18 6.78 26.98
CA GLY C 104 -12.98 7.58 27.25
C GLY C 104 -12.56 7.52 28.72
N MET C 105 -13.52 7.36 29.62
CA MET C 105 -13.29 7.46 31.05
C MET C 105 -12.81 6.14 31.64
N HIS C 106 -13.28 5.00 31.09
CA HIS C 106 -13.07 3.70 31.72
C HIS C 106 -11.62 3.20 31.57
N VAL C 107 -10.86 3.81 30.64
CA VAL C 107 -9.54 3.36 30.22
C VAL C 107 -8.53 3.49 31.36
N VAL C 108 -8.87 4.29 32.40
CA VAL C 108 -8.02 4.47 33.57
C VAL C 108 -7.83 3.14 34.30
N MET C 109 -8.89 2.33 34.35
CA MET C 109 -8.84 1.10 35.11
C MET C 109 -7.94 0.08 34.45
N TYR C 110 -7.72 0.20 33.13
CA TYR C 110 -7.09 -0.87 32.36
C TYR C 110 -5.73 -1.23 32.93
N ALA C 111 -4.93 -0.24 33.35
CA ALA C 111 -3.59 -0.50 33.86
C ALA C 111 -3.67 -1.22 35.21
N GLN C 112 -4.74 -0.94 35.96
CA GLN C 112 -4.94 -1.46 37.30
C GLN C 112 -5.16 -2.97 37.30
N ILE C 113 -6.07 -3.44 36.44
CA ILE C 113 -6.44 -4.86 36.37
C ILE C 113 -5.36 -5.67 35.64
N ASP C 114 -4.62 -5.01 34.74
CA ASP C 114 -3.46 -5.64 34.11
C ASP C 114 -2.45 -6.04 35.19
N ASP C 115 -2.19 -5.11 36.13
CA ASP C 115 -1.16 -5.30 37.15
C ASP C 115 -1.71 -5.00 38.55
N PRO C 116 -2.58 -5.86 39.15
CA PRO C 116 -3.18 -5.56 40.46
C PRO C 116 -2.29 -5.69 41.71
N GLU C 117 -1.30 -6.62 41.69
CA GLU C 117 -0.62 -7.06 42.91
C GLU C 117 0.11 -5.90 43.57
N PRO C 118 0.90 -5.07 42.84
CA PRO C 118 1.61 -3.95 43.48
C PRO C 118 0.74 -2.90 44.15
N TRP C 119 -0.57 -2.84 43.79
CA TRP C 119 -1.52 -1.97 44.46
C TRP C 119 -1.71 -2.44 45.90
N GLY C 120 -1.79 -3.78 46.07
CA GLY C 120 -1.81 -4.42 47.38
C GLY C 120 -0.45 -4.33 48.10
N ASP C 121 0.61 -4.82 47.44
CA ASP C 121 1.92 -5.05 48.06
C ASP C 121 2.55 -3.74 48.55
N ASN C 122 2.23 -2.62 47.90
CA ASN C 122 2.85 -1.34 48.22
C ASN C 122 2.10 -0.65 49.36
N ALA C 123 0.92 -1.14 49.73
CA ALA C 123 -0.01 -0.41 50.58
C ALA C 123 0.61 -0.19 51.97
N VAL C 124 0.09 0.82 52.69
CA VAL C 124 0.44 1.07 54.08
C VAL C 124 -0.87 1.28 54.86
N VAL C 125 -1.33 0.23 55.54
CA VAL C 125 -2.62 0.21 56.23
C VAL C 125 -2.41 0.42 57.75
N ALA C 126 -3.30 1.17 58.38
CA ALA C 126 -3.15 1.50 59.79
C ALA C 126 -3.68 0.36 60.65
N GLY C 127 -3.16 0.29 61.89
CA GLY C 127 -3.48 -0.79 62.80
C GLY C 127 -2.93 -2.10 62.24
N GLY C 128 -3.52 -3.22 62.69
CA GLY C 128 -3.07 -4.52 62.24
C GLY C 128 -3.74 -4.96 60.94
N ARG C 129 -4.67 -4.16 60.42
CA ARG C 129 -5.53 -4.61 59.33
C ARG C 129 -4.71 -4.98 58.09
N THR C 130 -5.02 -6.15 57.52
CA THR C 130 -4.48 -6.52 56.22
C THR C 130 -5.69 -6.67 55.30
N ILE C 131 -5.66 -5.95 54.16
CA ILE C 131 -6.75 -5.99 53.20
C ILE C 131 -6.21 -6.52 51.87
N SER C 132 -7.03 -7.31 51.18
CA SER C 132 -6.62 -7.94 49.93
C SER C 132 -6.95 -7.02 48.75
N PHE C 133 -6.13 -5.97 48.59
CA PHE C 133 -6.36 -4.91 47.61
C PHE C 133 -6.41 -5.47 46.19
N ALA C 134 -5.43 -6.31 45.84
CA ALA C 134 -5.39 -6.98 44.55
C ALA C 134 -6.74 -7.66 44.24
N ASP C 135 -7.25 -8.46 45.19
CA ASP C 135 -8.51 -9.19 45.02
C ASP C 135 -9.68 -8.23 44.83
N ASN C 136 -9.71 -7.15 45.63
CA ASN C 136 -10.70 -6.09 45.49
C ASN C 136 -10.78 -5.66 44.03
N ILE C 137 -9.61 -5.38 43.43
CA ILE C 137 -9.52 -4.90 42.05
C ILE C 137 -10.16 -5.92 41.12
N ARG C 138 -9.90 -7.20 41.34
CA ARG C 138 -10.42 -8.22 40.43
C ARG C 138 -11.95 -8.30 40.53
N SER C 139 -12.50 -8.15 41.75
CA SER C 139 -13.94 -8.29 41.96
C SER C 139 -14.68 -7.03 41.53
N GLN C 140 -14.09 -5.86 41.80
CA GLN C 140 -14.59 -4.58 41.30
C GLN C 140 -14.74 -4.66 39.77
N TRP C 141 -13.69 -5.16 39.10
CA TRP C 141 -13.65 -5.28 37.66
C TRP C 141 -14.75 -6.22 37.17
N GLN C 142 -14.96 -7.35 37.87
CA GLN C 142 -15.99 -8.32 37.49
C GLN C 142 -17.37 -7.69 37.68
N ARG C 143 -17.54 -6.87 38.73
CA ARG C 143 -18.81 -6.23 39.01
C ARG C 143 -19.15 -5.20 37.92
N VAL C 144 -18.23 -4.23 37.71
CA VAL C 144 -18.56 -3.10 36.85
C VAL C 144 -18.71 -3.55 35.39
N THR C 145 -18.00 -4.62 34.99
CA THR C 145 -18.04 -5.08 33.61
C THR C 145 -19.35 -5.81 33.31
N THR C 146 -19.82 -6.67 34.21
CA THR C 146 -21.01 -7.46 33.93
C THR C 146 -22.25 -6.63 34.27
N ASP C 147 -22.19 -5.71 35.26
CA ASP C 147 -23.31 -4.82 35.53
C ASP C 147 -23.30 -3.57 34.63
N ASP C 148 -22.19 -3.34 33.90
CA ASP C 148 -22.03 -2.23 32.96
C ASP C 148 -22.20 -0.88 33.69
N VAL C 149 -21.39 -0.66 34.73
CA VAL C 149 -21.43 0.55 35.52
C VAL C 149 -20.70 1.68 34.80
N ALA C 150 -21.16 2.92 35.02
CA ALA C 150 -20.47 4.09 34.50
C ALA C 150 -19.62 4.72 35.61
N LEU C 151 -18.36 4.98 35.29
CA LEU C 151 -17.34 5.37 36.26
C LEU C 151 -16.60 6.60 35.74
N SER C 152 -16.38 7.59 36.62
CA SER C 152 -15.55 8.73 36.29
C SER C 152 -14.33 8.77 37.19
N PRO C 153 -13.13 8.99 36.64
CA PRO C 153 -11.95 9.21 37.48
C PRO C 153 -11.93 10.61 38.07
N MET C 154 -11.53 10.70 39.34
CA MET C 154 -11.19 11.98 39.94
C MET C 154 -9.82 11.83 40.58
N PHE C 155 -8.79 12.46 39.99
CA PHE C 155 -7.41 12.26 40.43
C PHE C 155 -6.70 13.57 40.80
N VAL C 156 -7.14 14.73 40.29
CA VAL C 156 -6.39 15.96 40.52
C VAL C 156 -6.79 16.57 41.87
N ASP C 157 -5.80 17.22 42.52
CA ASP C 157 -5.91 17.70 43.90
C ASP C 157 -5.73 19.23 43.92
N VAL C 158 -6.29 19.86 44.96
CA VAL C 158 -6.52 21.30 44.98
C VAL C 158 -5.18 22.07 45.02
N GLU C 170 -4.65 19.76 58.86
CA GLU C 170 -5.49 19.08 57.84
C GLU C 170 -5.56 19.95 56.57
N THR C 171 -5.15 19.39 55.43
CA THR C 171 -5.29 20.04 54.13
C THR C 171 -6.76 20.02 53.71
N PRO C 172 -7.26 20.94 52.85
CA PRO C 172 -8.55 20.77 52.19
C PRO C 172 -8.62 19.56 51.26
N MET C 173 -7.45 19.12 50.78
CA MET C 173 -7.27 17.89 50.02
C MET C 173 -7.94 16.71 50.73
N LEU C 174 -8.45 15.77 49.92
CA LEU C 174 -9.08 14.56 50.42
C LEU C 174 -8.04 13.74 51.18
N SER C 175 -8.41 13.33 52.41
CA SER C 175 -7.54 12.50 53.24
C SER C 175 -8.36 11.59 54.14
N ILE C 176 -7.72 10.50 54.56
CA ILE C 176 -8.28 9.52 55.47
C ILE C 176 -8.30 10.15 56.88
N VAL C 177 -9.44 10.09 57.55
CA VAL C 177 -9.60 10.66 58.89
C VAL C 177 -9.95 9.57 59.90
N GLU C 178 -10.31 8.37 59.42
CA GLU C 178 -10.54 7.20 60.25
C GLU C 178 -10.32 5.93 59.40
N GLN C 179 -9.71 4.92 60.03
CA GLN C 179 -9.71 3.55 59.52
C GLN C 179 -10.32 2.64 60.59
N ASN C 180 -11.36 1.87 60.21
CA ASN C 180 -11.99 0.92 61.10
C ASN C 180 -12.11 -0.43 60.37
N ASP C 181 -12.75 -1.42 61.02
CA ASP C 181 -12.80 -2.79 60.52
C ASP C 181 -13.66 -2.90 59.26
N GLN C 182 -14.65 -2.01 59.12
CA GLN C 182 -15.58 -2.09 58.01
C GLN C 182 -15.01 -1.39 56.77
N GLY C 183 -14.23 -0.31 56.96
CA GLY C 183 -13.70 0.44 55.83
C GLY C 183 -12.97 1.69 56.29
N ILE C 184 -12.95 2.74 55.46
CA ILE C 184 -12.30 4.01 55.82
C ILE C 184 -13.28 5.18 55.73
N VAL C 185 -12.84 6.32 56.27
CA VAL C 185 -13.59 7.56 56.22
C VAL C 185 -12.66 8.66 55.70
N VAL C 186 -13.14 9.42 54.71
CA VAL C 186 -12.33 10.38 53.98
C VAL C 186 -13.03 11.75 54.05
N ARG C 187 -12.22 12.82 54.11
CA ARG C 187 -12.77 14.16 54.16
C ARG C 187 -11.89 15.07 53.29
N GLY C 188 -12.55 16.06 52.66
CA GLY C 188 -11.90 17.02 51.78
C GLY C 188 -12.45 16.97 50.36
N TRP C 189 -11.69 17.57 49.43
CA TRP C 189 -12.09 17.79 48.05
C TRP C 189 -11.28 16.91 47.10
N LYS C 190 -11.95 16.44 46.02
CA LYS C 190 -11.28 16.10 44.78
C LYS C 190 -11.50 17.25 43.80
N ALA C 191 -10.42 17.65 43.12
CA ALA C 191 -10.34 18.98 42.52
C ALA C 191 -11.05 19.05 41.17
N MET C 192 -10.99 17.99 40.34
CA MET C 192 -11.67 18.06 39.07
C MET C 192 -11.93 16.67 38.50
N GLY C 193 -13.05 16.61 37.77
CA GLY C 193 -13.56 15.38 37.17
C GLY C 193 -14.66 15.72 36.18
N THR C 194 -14.92 14.80 35.26
CA THR C 194 -15.74 15.08 34.10
C THR C 194 -16.90 14.08 34.06
N SER C 195 -18.07 14.61 33.68
CA SER C 195 -19.31 13.85 33.58
C SER C 195 -19.79 13.36 34.94
N LEU C 196 -19.42 14.03 36.04
CA LEU C 196 -19.70 13.56 37.40
C LEU C 196 -21.20 13.30 37.61
N PRO C 197 -22.13 14.17 37.16
CA PRO C 197 -23.55 13.94 37.40
C PRO C 197 -24.17 12.87 36.50
N PHE C 198 -23.38 12.27 35.60
CA PHE C 198 -23.88 11.33 34.62
C PHE C 198 -23.20 9.95 34.79
N VAL C 199 -22.50 9.73 35.91
CA VAL C 199 -21.95 8.41 36.21
C VAL C 199 -22.56 7.85 37.50
N ASN C 200 -22.25 6.57 37.79
CA ASN C 200 -22.78 5.83 38.93
C ASN C 200 -21.77 5.86 40.08
N GLU C 201 -20.47 5.78 39.74
CA GLU C 201 -19.41 5.62 40.75
C GLU C 201 -18.20 6.43 40.31
N LEU C 202 -17.47 7.00 41.28
CA LEU C 202 -16.19 7.66 41.05
C LEU C 202 -15.00 6.72 41.30
N LEU C 203 -13.94 6.92 40.52
CA LEU C 203 -12.64 6.30 40.73
C LEU C 203 -11.71 7.36 41.31
N VAL C 204 -11.60 7.48 42.63
CA VAL C 204 -10.79 8.54 43.21
C VAL C 204 -9.36 8.01 43.33
N GLY C 205 -8.40 8.88 43.06
CA GLY C 205 -6.98 8.58 43.18
C GLY C 205 -6.15 9.87 43.30
N ASN C 206 -4.83 9.71 43.33
CA ASN C 206 -3.90 10.82 43.42
C ASN C 206 -2.84 10.67 42.34
N LEU C 207 -2.26 11.80 41.91
CA LEU C 207 -0.97 11.80 41.25
C LEU C 207 0.00 12.51 42.19
N TRP C 208 1.22 11.98 42.33
CA TRP C 208 2.11 12.48 43.37
C TRP C 208 2.39 13.97 43.19
N ARG C 209 2.23 14.71 44.30
CA ARG C 209 2.67 16.09 44.45
C ARG C 209 3.65 16.13 45.63
N PRO C 210 4.63 17.08 45.66
CA PRO C 210 5.57 17.17 46.78
C PRO C 210 4.93 17.49 48.14
N GLY C 211 5.25 16.67 49.15
CA GLY C 211 4.72 16.83 50.50
C GLY C 211 3.47 15.98 50.73
N GLN C 212 3.16 15.09 49.78
CA GLN C 212 2.02 14.19 49.87
C GLN C 212 2.23 13.24 51.07
N THR C 213 1.25 13.26 52.01
CA THR C 213 1.30 12.42 53.20
C THR C 213 0.68 11.06 52.89
N SER C 214 0.75 10.18 53.89
CA SER C 214 0.25 8.81 53.77
C SER C 214 -1.28 8.83 53.68
N ASP C 215 -1.92 9.53 54.63
CA ASP C 215 -3.37 9.60 54.76
C ASP C 215 -4.00 10.39 53.61
N GLN C 216 -3.18 11.07 52.79
CA GLN C 216 -3.66 11.79 51.61
C GLN C 216 -3.67 10.88 50.38
N THR C 217 -3.23 9.62 50.50
CA THR C 217 -3.11 8.70 49.37
C THR C 217 -4.28 7.70 49.34
N VAL C 218 -5.25 7.93 48.45
CA VAL C 218 -6.48 7.12 48.39
C VAL C 218 -6.79 6.76 46.94
N TYR C 219 -6.90 5.44 46.65
CA TYR C 219 -7.49 4.94 45.41
C TYR C 219 -8.69 4.06 45.76
N ALA C 220 -9.89 4.45 45.27
CA ALA C 220 -11.11 3.79 45.70
C ALA C 220 -12.27 4.05 44.74
N ILE C 221 -13.20 3.09 44.67
CA ILE C 221 -14.47 3.29 44.02
C ILE C 221 -15.46 3.85 45.04
N VAL C 222 -16.20 4.90 44.63
CA VAL C 222 -17.16 5.57 45.49
C VAL C 222 -18.44 5.86 44.70
N PRO C 223 -19.58 5.21 45.06
CA PRO C 223 -20.86 5.50 44.38
C PRO C 223 -21.19 6.98 44.47
N VAL C 224 -21.78 7.55 43.41
CA VAL C 224 -21.99 8.99 43.34
C VAL C 224 -22.95 9.44 44.45
N ASN C 225 -23.92 8.60 44.85
CA ASN C 225 -24.90 8.98 45.86
C ASN C 225 -24.51 8.52 47.26
N THR C 226 -23.22 8.25 47.50
CA THR C 226 -22.76 7.91 48.84
C THR C 226 -23.17 9.05 49.76
N PRO C 227 -23.66 8.77 51.00
CA PRO C 227 -23.93 9.82 51.98
C PRO C 227 -22.71 10.70 52.25
N GLY C 228 -22.91 12.02 52.18
CA GLY C 228 -21.86 13.00 52.44
C GLY C 228 -21.09 13.48 51.19
N LEU C 229 -21.28 12.83 50.02
CA LEU C 229 -20.63 13.22 48.78
C LEU C 229 -21.43 14.31 48.06
N SER C 230 -20.80 15.45 47.78
CA SER C 230 -21.43 16.52 47.01
C SER C 230 -20.65 16.79 45.73
N LEU C 231 -21.36 16.82 44.60
CA LEU C 231 -20.78 17.13 43.29
C LEU C 231 -21.01 18.62 42.97
N VAL C 232 -19.91 19.38 42.88
CA VAL C 232 -20.00 20.81 42.65
C VAL C 232 -19.56 21.11 41.21
N CYS C 233 -20.55 21.21 40.31
CA CYS C 233 -20.28 21.31 38.89
C CYS C 233 -20.34 22.78 38.45
N ARG C 234 -19.58 23.07 37.39
CA ARG C 234 -19.63 24.34 36.68
C ARG C 234 -21.05 24.54 36.14
N GLN C 235 -21.36 25.79 35.78
CA GLN C 235 -22.66 26.12 35.19
C GLN C 235 -22.83 25.34 33.88
N SER C 236 -24.08 24.98 33.54
CA SER C 236 -24.38 24.41 32.24
C SER C 236 -24.43 25.51 31.17
N ASN C 237 -23.81 25.22 30.02
CA ASN C 237 -23.95 25.99 28.80
C ASN C 237 -24.95 25.30 27.87
N ALA C 238 -25.70 24.30 28.37
CA ALA C 238 -26.73 23.67 27.53
C ALA C 238 -27.77 24.73 27.17
N THR C 239 -28.33 24.64 25.96
CA THR C 239 -29.39 25.55 25.55
C THR C 239 -30.54 24.72 24.98
N PRO C 240 -31.25 23.94 25.82
CA PRO C 240 -32.32 23.05 25.33
C PRO C 240 -33.47 23.72 24.59
N ASP C 241 -33.70 25.02 24.85
CA ASP C 241 -34.83 25.74 24.27
C ASP C 241 -34.40 26.57 23.06
N ALA C 242 -33.11 26.72 22.79
CA ALA C 242 -32.69 27.45 21.61
C ALA C 242 -33.06 26.66 20.37
N ASP C 243 -33.10 27.38 19.23
CA ASP C 243 -33.28 26.80 17.91
C ASP C 243 -31.98 26.12 17.45
N PRO C 244 -32.04 24.85 17.00
CA PRO C 244 -30.86 24.11 16.53
C PRO C 244 -30.09 24.76 15.39
N TYR C 245 -30.79 25.52 14.54
CA TYR C 245 -30.11 26.28 13.50
C TYR C 245 -29.17 27.32 14.13
N ASP C 246 -29.63 27.99 15.19
CA ASP C 246 -28.89 29.06 15.82
C ASP C 246 -27.73 28.47 16.61
N HIS C 247 -28.01 27.46 17.44
CA HIS C 247 -27.03 26.80 18.27
C HIS C 247 -27.09 25.28 18.04
N PRO C 248 -26.38 24.74 17.00
CA PRO C 248 -26.48 23.33 16.62
C PRO C 248 -25.94 22.31 17.60
N LEU C 249 -25.10 22.74 18.55
CA LEU C 249 -24.40 21.82 19.44
C LEU C 249 -24.84 22.01 20.89
N SER C 250 -25.00 23.26 21.36
CA SER C 250 -25.40 23.52 22.74
C SER C 250 -26.83 23.06 23.00
N THR C 251 -27.63 22.91 21.93
CA THR C 251 -28.96 22.33 22.01
C THR C 251 -28.90 20.84 22.36
N ILE C 252 -27.79 20.14 22.07
CA ILE C 252 -27.70 18.71 22.33
C ILE C 252 -27.51 18.51 23.83
N GLY C 253 -26.61 19.30 24.42
CA GLY C 253 -26.23 19.07 25.80
C GLY C 253 -24.85 19.64 26.08
N ASP C 254 -24.46 19.53 27.37
CA ASP C 254 -23.20 20.02 27.91
C ASP C 254 -22.64 18.96 28.87
N GLU C 255 -21.44 18.44 28.54
CA GLU C 255 -20.70 17.50 29.37
C GLU C 255 -20.03 18.22 30.55
N LEU C 256 -20.72 18.27 31.69
CA LEU C 256 -20.31 19.12 32.80
C LEU C 256 -19.08 18.54 33.50
N ASP C 257 -18.22 19.46 33.96
CA ASP C 257 -17.06 19.16 34.80
C ASP C 257 -17.34 19.70 36.19
N GLY C 258 -16.59 19.22 37.19
CA GLY C 258 -16.63 19.85 38.50
C GLY C 258 -15.71 19.22 39.54
N MET C 259 -15.91 19.67 40.78
CA MET C 259 -15.22 19.21 41.97
C MET C 259 -16.20 18.38 42.79
N ALA C 260 -15.67 17.66 43.78
CA ALA C 260 -16.50 16.88 44.68
C ALA C 260 -16.03 17.13 46.12
N TYR C 261 -17.00 17.34 47.04
CA TYR C 261 -16.69 17.44 48.46
C TYR C 261 -17.14 16.15 49.18
N PHE C 262 -16.19 15.54 49.91
CA PHE C 262 -16.43 14.34 50.71
C PHE C 262 -16.52 14.74 52.20
N ASP C 263 -17.76 14.78 52.71
CA ASP C 263 -18.05 15.12 54.09
C ASP C 263 -18.11 13.85 54.97
N ASP C 264 -16.96 13.45 55.53
CA ASP C 264 -16.79 12.21 56.25
C ASP C 264 -17.45 11.06 55.47
N VAL C 265 -17.09 10.89 54.20
CA VAL C 265 -17.67 9.85 53.39
C VAL C 265 -17.08 8.52 53.83
N PHE C 266 -17.91 7.47 53.85
CA PHE C 266 -17.51 6.13 54.22
C PHE C 266 -17.25 5.32 52.95
N ILE C 267 -16.14 4.58 52.96
CA ILE C 267 -15.82 3.65 51.88
C ILE C 267 -15.55 2.29 52.52
N PRO C 268 -16.31 1.24 52.13
CA PRO C 268 -16.00 -0.13 52.57
C PRO C 268 -14.69 -0.65 51.97
N TRP C 269 -14.03 -1.56 52.70
CA TRP C 269 -12.73 -2.07 52.27
C TRP C 269 -12.80 -2.69 50.88
N GLU C 270 -13.95 -3.31 50.57
CA GLU C 270 -14.11 -4.04 49.31
C GLU C 270 -13.90 -3.07 48.14
N ASN C 271 -14.09 -1.76 48.40
CA ASN C 271 -14.05 -0.71 47.39
C ASN C 271 -12.70 0.02 47.31
N VAL C 272 -11.77 -0.33 48.22
CA VAL C 272 -10.50 0.36 48.27
C VAL C 272 -9.53 -0.42 47.40
N GLN C 273 -8.70 0.29 46.62
CA GLN C 273 -7.69 -0.32 45.77
C GLN C 273 -6.28 -0.08 46.31
N HIS C 274 -6.08 1.04 47.00
CA HIS C 274 -4.80 1.33 47.65
C HIS C 274 -4.96 2.54 48.60
N ILE C 275 -4.19 2.52 49.70
CA ILE C 275 -4.00 3.68 50.57
C ILE C 275 -2.56 3.66 51.08
N GLY C 276 -2.05 4.80 51.54
CA GLY C 276 -0.92 4.81 52.47
C GLY C 276 0.40 5.30 51.89
N ASN C 277 0.72 4.94 50.63
CA ASN C 277 2.08 5.03 50.11
C ASN C 277 2.17 6.15 49.09
N PRO C 278 2.79 7.31 49.44
CA PRO C 278 3.10 8.37 48.47
C PRO C 278 3.95 7.99 47.25
N ASP C 279 4.78 6.94 47.40
CA ASP C 279 5.70 6.49 46.36
C ASP C 279 4.96 5.69 45.28
N HIS C 280 3.89 4.99 45.67
CA HIS C 280 2.98 4.34 44.74
C HIS C 280 2.43 5.37 43.73
N ALA C 281 2.13 6.56 44.25
CA ALA C 281 1.39 7.59 43.53
C ALA C 281 2.25 8.24 42.44
N LYS C 282 3.58 8.16 42.59
CA LYS C 282 4.47 8.80 41.63
C LYS C 282 4.74 7.87 40.45
N TRP C 283 4.40 6.58 40.57
CA TRP C 283 4.70 5.60 39.53
C TRP C 283 3.44 5.11 38.81
N TYR C 284 2.40 4.68 39.54
CA TYR C 284 1.35 3.83 38.96
C TYR C 284 0.18 4.62 38.35
N PRO C 285 -0.18 5.85 38.80
CA PRO C 285 -1.23 6.64 38.13
C PRO C 285 -0.93 7.10 36.70
N GLN C 286 0.37 7.34 36.45
CA GLN C 286 0.91 7.69 35.15
C GLN C 286 0.68 6.54 34.17
N ARG C 287 0.85 5.29 34.63
CA ARG C 287 0.53 4.10 33.85
C ARG C 287 -0.96 4.05 33.50
N GLN C 288 -1.82 4.55 34.40
CA GLN C 288 -3.25 4.67 34.14
C GLN C 288 -3.54 5.80 33.14
N PHE C 289 -2.88 6.95 33.33
CA PHE C 289 -3.20 8.12 32.51
C PHE C 289 -2.62 7.93 31.12
N ASP C 290 -1.68 7.00 30.95
CA ASP C 290 -1.21 6.61 29.62
C ASP C 290 -2.39 6.25 28.71
N TRP C 291 -3.41 5.59 29.28
CA TRP C 291 -4.51 5.05 28.48
C TRP C 291 -5.52 6.16 28.12
N VAL C 292 -5.63 7.15 29.00
CA VAL C 292 -6.37 8.37 28.73
C VAL C 292 -5.70 9.12 27.57
N HIS C 293 -4.37 9.24 27.65
CA HIS C 293 -3.55 9.96 26.69
C HIS C 293 -3.76 9.36 25.30
N ILE C 294 -3.70 8.02 25.21
CA ILE C 294 -3.91 7.27 23.98
C ILE C 294 -5.24 7.67 23.34
N GLU C 295 -6.30 7.64 24.14
CA GLU C 295 -7.66 7.97 23.69
C GLU C 295 -7.74 9.43 23.24
N THR C 296 -7.20 10.32 24.08
CA THR C 296 -7.18 11.75 23.79
C THR C 296 -6.53 11.98 22.43
N GLN C 297 -5.37 11.35 22.23
CA GLN C 297 -4.53 11.57 21.04
C GLN C 297 -5.25 11.14 19.76
N ILE C 298 -6.08 10.10 19.86
CA ILE C 298 -6.91 9.70 18.73
C ILE C 298 -7.97 10.78 18.47
N ARG C 299 -8.59 11.29 19.54
CA ARG C 299 -9.55 12.38 19.42
C ARG C 299 -8.95 13.61 18.73
N HIS C 300 -7.70 13.95 19.09
CA HIS C 300 -7.00 15.08 18.48
C HIS C 300 -7.08 14.99 16.96
N ALA C 301 -6.77 13.80 16.45
CA ALA C 301 -6.63 13.59 15.02
C ALA C 301 -7.99 13.76 14.37
N VAL C 302 -9.03 13.26 15.02
CA VAL C 302 -10.38 13.37 14.48
C VAL C 302 -10.81 14.84 14.48
N HIS C 303 -10.43 15.57 15.53
CA HIS C 303 -10.77 16.98 15.66
C HIS C 303 -10.10 17.76 14.51
N ALA C 304 -8.78 17.50 14.31
CA ALA C 304 -8.05 18.13 13.21
C ALA C 304 -8.67 17.77 11.86
N GLU C 305 -9.17 16.53 11.75
CA GLU C 305 -9.91 16.15 10.53
C GLU C 305 -11.15 17.02 10.38
N LEU C 306 -11.90 17.21 11.48
CA LEU C 306 -13.10 18.03 11.44
C LEU C 306 -12.74 19.46 11.01
N ILE C 307 -11.62 19.97 11.53
CA ILE C 307 -11.22 21.34 11.28
C ILE C 307 -10.90 21.53 9.79
N VAL C 308 -9.99 20.72 9.24
CA VAL C 308 -9.70 20.83 7.81
C VAL C 308 -10.99 20.69 6.99
N GLY C 309 -11.84 19.72 7.32
CA GLY C 309 -13.10 19.55 6.59
C GLY C 309 -13.91 20.85 6.57
N LEU C 310 -14.10 21.47 7.75
CA LEU C 310 -14.84 22.71 7.85
C LEU C 310 -14.16 23.79 7.01
N ALA C 311 -12.81 23.78 7.01
CA ALA C 311 -12.04 24.76 6.27
C ALA C 311 -12.25 24.58 4.76
N LEU C 312 -12.19 23.32 4.29
CA LEU C 312 -12.46 23.03 2.88
C LEU C 312 -13.86 23.50 2.46
N LEU C 313 -14.89 23.18 3.25
CA LEU C 313 -16.26 23.57 2.92
C LEU C 313 -16.37 25.09 2.91
N LEU C 314 -15.86 25.72 3.99
CA LEU C 314 -15.95 27.16 4.20
C LEU C 314 -15.27 27.93 3.07
N THR C 315 -14.01 27.59 2.76
CA THR C 315 -13.28 28.35 1.77
C THR C 315 -13.92 28.11 0.41
N ASN C 316 -14.48 26.91 0.21
CA ASN C 316 -15.15 26.58 -1.02
C ASN C 316 -16.43 27.40 -1.14
N ALA C 317 -17.23 27.48 -0.06
CA ALA C 317 -18.47 28.22 -0.09
C ALA C 317 -18.24 29.73 -0.24
N LEU C 318 -17.07 30.22 0.18
CA LEU C 318 -16.76 31.64 0.12
C LEU C 318 -16.09 31.98 -1.21
N GLY C 319 -15.52 30.99 -1.91
CA GLY C 319 -14.86 31.21 -3.20
C GLY C 319 -13.35 31.53 -3.07
N THR C 320 -12.76 31.25 -1.90
CA THR C 320 -11.39 31.69 -1.61
C THR C 320 -10.41 30.52 -1.70
N ASN C 321 -10.87 29.34 -2.13
CA ASN C 321 -10.06 28.13 -2.01
C ASN C 321 -9.03 28.03 -3.15
N ASN C 322 -9.18 28.88 -4.18
CA ASN C 322 -8.26 28.95 -5.31
C ASN C 322 -7.14 29.97 -5.11
N ASN C 323 -7.28 30.87 -4.11
CA ASN C 323 -6.22 31.79 -3.68
C ASN C 323 -5.00 30.97 -3.27
N PRO C 324 -3.79 31.28 -3.78
CA PRO C 324 -2.58 30.58 -3.36
C PRO C 324 -2.26 30.61 -1.86
N ILE C 325 -2.63 31.70 -1.16
CA ILE C 325 -2.35 31.84 0.26
C ILE C 325 -3.25 30.90 1.06
N VAL C 326 -4.54 30.91 0.72
CA VAL C 326 -5.56 30.07 1.34
C VAL C 326 -5.20 28.60 1.08
N GLN C 327 -4.77 28.31 -0.15
CA GLN C 327 -4.28 26.99 -0.51
C GLN C 327 -3.19 26.58 0.49
N SER C 328 -2.16 27.44 0.66
CA SER C 328 -1.04 27.13 1.55
C SER C 328 -1.52 26.89 2.98
N GLN C 329 -2.42 27.73 3.46
CA GLN C 329 -2.90 27.63 4.83
C GLN C 329 -3.67 26.33 5.01
N LEU C 330 -4.53 25.98 4.03
CA LEU C 330 -5.31 24.74 4.04
C LEU C 330 -4.35 23.56 4.08
N ALA C 331 -3.30 23.64 3.24
CA ALA C 331 -2.24 22.65 3.23
C ALA C 331 -1.64 22.44 4.63
N ASP C 332 -1.39 23.50 5.41
CA ASP C 332 -0.87 23.34 6.78
C ASP C 332 -1.95 22.77 7.71
N LEU C 333 -3.25 23.00 7.43
CA LEU C 333 -4.28 22.32 8.21
C LEU C 333 -4.27 20.82 7.91
N VAL C 334 -4.11 20.47 6.62
CA VAL C 334 -4.02 19.07 6.24
C VAL C 334 -2.85 18.44 7.01
N ARG C 335 -1.70 19.14 7.00
CA ARG C 335 -0.47 18.65 7.62
C ARG C 335 -0.64 18.50 9.13
N PHE C 336 -1.40 19.42 9.75
CA PHE C 336 -1.62 19.32 11.19
C PHE C 336 -2.37 18.02 11.49
N ARG C 337 -3.38 17.72 10.65
CA ARG C 337 -4.16 16.50 10.76
C ARG C 337 -3.27 15.27 10.59
N GLU C 338 -2.50 15.27 9.51
CA GLU C 338 -1.71 14.07 9.21
C GLU C 338 -0.61 13.87 10.27
N THR C 339 -0.12 14.96 10.86
CA THR C 339 0.88 14.86 11.92
C THR C 339 0.29 14.10 13.12
N CYS C 340 -0.91 14.49 13.58
CA CYS C 340 -1.56 13.79 14.68
C CYS C 340 -1.80 12.31 14.33
N LYS C 341 -2.26 12.06 13.10
CA LYS C 341 -2.53 10.70 12.64
C LYS C 341 -1.24 9.85 12.64
N ALA C 342 -0.15 10.41 12.12
CA ALA C 342 1.14 9.73 12.06
C ALA C 342 1.62 9.32 13.45
N PHE C 343 1.44 10.21 14.43
CA PHE C 343 1.86 9.88 15.78
C PHE C 343 1.03 8.72 16.32
N ALA C 344 -0.28 8.75 16.07
CA ALA C 344 -1.17 7.66 16.48
C ALA C 344 -0.73 6.33 15.84
N ILE C 345 -0.44 6.36 14.53
CA ILE C 345 0.05 5.17 13.83
C ILE C 345 1.38 4.68 14.41
N ALA C 346 2.32 5.61 14.66
CA ALA C 346 3.63 5.24 15.18
C ALA C 346 3.51 4.71 16.62
N ALA C 347 2.58 5.28 17.41
CA ALA C 347 2.41 4.84 18.78
C ALA C 347 1.99 3.37 18.81
N GLU C 348 0.94 3.07 18.04
CA GLU C 348 0.41 1.72 17.95
C GLU C 348 1.45 0.79 17.36
N GLU C 349 2.09 1.23 16.28
CA GLU C 349 3.03 0.38 15.56
C GLU C 349 4.27 0.01 16.39
N THR C 350 4.64 0.80 17.41
CA THR C 350 5.83 0.54 18.22
C THR C 350 5.44 0.19 19.67
N GLY C 351 4.19 -0.25 19.87
CA GLY C 351 3.71 -0.71 21.17
C GLY C 351 4.37 -2.03 21.60
N PHE C 352 3.92 -2.56 22.73
CA PHE C 352 4.53 -3.72 23.39
C PHE C 352 3.54 -4.24 24.43
N THR C 353 3.66 -5.52 24.79
CA THR C 353 2.81 -6.09 25.83
C THR C 353 3.44 -5.77 27.19
N THR C 354 2.61 -5.48 28.20
CA THR C 354 3.08 -5.24 29.57
C THR C 354 3.40 -6.60 30.21
N ALA C 355 3.81 -6.57 31.49
CA ALA C 355 4.01 -7.79 32.26
C ALA C 355 2.78 -8.70 32.20
N GLY C 356 1.56 -8.11 32.16
CA GLY C 356 0.32 -8.88 32.27
C GLY C 356 -0.31 -9.28 30.93
N GLY C 357 0.33 -8.95 29.81
CA GLY C 357 -0.16 -9.34 28.49
C GLY C 357 -1.06 -8.28 27.85
N LEU C 358 -1.09 -7.07 28.44
CA LEU C 358 -1.79 -5.93 27.85
C LEU C 358 -0.91 -5.31 26.77
N PHE C 359 -1.45 -5.10 25.56
CA PHE C 359 -0.71 -4.45 24.49
C PHE C 359 -0.94 -2.94 24.60
N LYS C 360 0.16 -2.22 24.80
CA LYS C 360 0.17 -0.80 25.12
C LYS C 360 0.86 -0.03 23.99
N PRO C 361 0.16 0.87 23.26
CA PRO C 361 0.81 1.92 22.47
C PRO C 361 2.03 2.56 23.14
N ASN C 362 3.02 2.90 22.32
CA ASN C 362 4.22 3.60 22.75
C ASN C 362 3.86 5.02 23.21
N ASN C 363 4.06 5.26 24.52
CA ASN C 363 3.69 6.53 25.15
C ASN C 363 4.56 7.69 24.64
N ILE C 364 5.73 7.38 24.08
CA ILE C 364 6.59 8.42 23.53
C ILE C 364 5.86 9.08 22.36
N TYR C 365 5.29 8.27 21.47
CA TYR C 365 4.60 8.83 20.32
C TYR C 365 3.24 9.39 20.73
N VAL C 366 2.60 8.78 21.73
CA VAL C 366 1.33 9.29 22.22
C VAL C 366 1.54 10.72 22.73
N ASP C 367 2.45 10.89 23.69
CA ASP C 367 2.59 12.15 24.42
C ASP C 367 3.16 13.25 23.52
N LEU C 368 4.07 12.91 22.61
CA LEU C 368 4.64 13.91 21.72
C LEU C 368 3.61 14.29 20.66
N GLY C 369 2.68 13.37 20.37
CA GLY C 369 1.54 13.67 19.49
C GLY C 369 0.61 14.68 20.13
N ARG C 370 0.28 14.45 21.41
CA ARG C 370 -0.52 15.37 22.18
C ARG C 370 0.12 16.76 22.16
N ALA C 371 1.41 16.80 22.50
CA ALA C 371 2.22 18.00 22.52
C ALA C 371 2.12 18.79 21.21
N HIS C 372 2.21 18.07 20.08
CA HIS C 372 2.11 18.68 18.76
C HIS C 372 0.75 19.33 18.62
N TYR C 373 -0.28 18.62 19.10
CA TYR C 373 -1.66 19.09 19.09
C TYR C 373 -1.75 20.32 19.99
N LEU C 374 -1.30 20.19 21.24
CA LEU C 374 -1.44 21.24 22.26
C LEU C 374 -0.74 22.54 21.86
N GLU C 375 0.37 22.44 21.12
CA GLU C 375 1.19 23.58 20.75
C GLU C 375 0.50 24.40 19.65
N ASN C 376 -0.12 23.71 18.68
CA ASN C 376 -0.53 24.32 17.44
C ASN C 376 -2.05 24.45 17.29
N ILE C 377 -2.86 23.78 18.14
CA ILE C 377 -4.32 23.75 17.99
C ILE C 377 -4.92 25.15 17.89
N HIS C 378 -4.51 26.08 18.77
CA HIS C 378 -5.04 27.43 18.81
C HIS C 378 -4.70 28.16 17.51
N ASN C 379 -3.57 27.79 16.90
CA ASN C 379 -3.18 28.33 15.58
C ASN C 379 -4.12 27.78 14.50
N ALA C 380 -4.48 26.49 14.61
CA ALA C 380 -5.33 25.86 13.61
C ALA C 380 -6.75 26.43 13.68
N VAL C 381 -7.26 26.63 14.91
CA VAL C 381 -8.57 27.21 15.12
C VAL C 381 -8.59 28.66 14.62
N ASN C 382 -7.58 29.44 15.03
CA ASN C 382 -7.48 30.85 14.65
C ASN C 382 -7.50 30.99 13.14
N GLN C 383 -6.77 30.09 12.45
CA GLN C 383 -6.74 30.03 10.99
C GLN C 383 -8.14 29.74 10.42
N LEU C 384 -8.88 28.79 10.98
CA LEU C 384 -10.23 28.48 10.49
C LEU C 384 -11.11 29.74 10.60
N ILE C 385 -10.94 30.47 11.70
CA ILE C 385 -11.70 31.70 11.94
C ILE C 385 -11.27 32.78 10.94
N GLU C 386 -9.97 32.91 10.65
CA GLU C 386 -9.54 33.88 9.64
C GLU C 386 -10.31 33.66 8.34
N PHE C 387 -10.54 32.39 7.97
CA PHE C 387 -11.19 32.05 6.71
C PHE C 387 -12.61 32.63 6.64
N CYS C 388 -13.26 32.82 7.79
CA CYS C 388 -14.67 33.20 7.80
C CYS C 388 -14.86 34.66 7.42
N GLY C 389 -13.93 35.53 7.83
CA GLY C 389 -14.14 36.98 7.73
C GLY C 389 -15.24 37.43 8.70
N ARG C 390 -15.92 38.52 8.31
CA ARG C 390 -17.01 39.13 9.07
C ARG C 390 -18.13 38.13 9.37
N GLY C 391 -18.28 37.10 8.52
CA GLY C 391 -19.37 36.15 8.61
C GLY C 391 -19.71 35.70 10.03
N VAL C 392 -18.71 35.66 10.93
CA VAL C 392 -18.93 35.13 12.28
C VAL C 392 -19.51 36.19 13.21
N VAL C 393 -19.45 37.48 12.83
CA VAL C 393 -20.08 38.56 13.57
C VAL C 393 -21.48 38.82 13.03
N MET C 394 -21.59 38.70 11.70
CA MET C 394 -22.70 39.19 10.88
C MET C 394 -23.93 38.31 11.03
N SER C 395 -23.68 37.02 11.32
CA SER C 395 -24.46 35.87 10.87
C SER C 395 -25.89 35.82 11.41
N PRO C 396 -26.93 35.94 10.54
CA PRO C 396 -28.32 36.00 10.99
C PRO C 396 -28.85 34.75 11.68
N THR C 397 -29.85 34.97 12.53
CA THR C 397 -30.51 33.87 13.23
C THR C 397 -31.52 33.25 12.27
N LYS C 398 -32.11 32.13 12.68
CA LYS C 398 -33.17 31.51 11.92
C LYS C 398 -34.39 32.45 11.90
N ALA C 399 -34.67 33.10 13.02
CA ALA C 399 -35.75 34.08 13.06
C ALA C 399 -35.51 35.21 12.05
N ASP C 400 -34.24 35.64 11.86
CA ASP C 400 -33.93 36.69 10.90
C ASP C 400 -34.24 36.23 9.47
N PHE C 401 -33.91 34.97 9.15
CA PHE C 401 -34.16 34.41 7.83
C PHE C 401 -35.66 34.14 7.62
N ASP C 402 -36.41 33.82 8.71
CA ASP C 402 -37.83 33.53 8.62
C ASP C 402 -38.70 34.79 8.64
N HIS C 403 -38.10 35.98 8.83
CA HIS C 403 -38.90 37.21 8.78
C HIS C 403 -39.60 37.31 7.42
N PRO C 404 -40.92 37.64 7.39
CA PRO C 404 -41.68 37.66 6.14
C PRO C 404 -41.12 38.56 5.04
N PHE C 405 -40.65 39.77 5.39
CA PHE C 405 -40.19 40.71 4.38
C PHE C 405 -38.66 40.65 4.26
N LEU C 406 -37.93 40.77 5.37
CA LEU C 406 -36.48 40.96 5.32
C LEU C 406 -35.77 39.63 5.12
N GLY C 407 -36.41 38.53 5.54
CA GLY C 407 -35.82 37.21 5.47
C GLY C 407 -35.44 36.85 4.03
N PRO C 408 -36.41 36.82 3.08
CA PRO C 408 -36.10 36.62 1.68
C PRO C 408 -34.96 37.51 1.16
N LYS C 409 -34.88 38.75 1.68
CA LYS C 409 -33.85 39.72 1.31
C LYS C 409 -32.46 39.28 1.77
N LEU C 410 -32.39 38.66 2.97
CA LEU C 410 -31.14 38.11 3.52
C LEU C 410 -30.67 36.91 2.69
N GLU C 411 -31.61 36.04 2.29
CA GLU C 411 -31.32 34.85 1.51
C GLU C 411 -30.74 35.23 0.15
N GLU C 412 -31.23 36.36 -0.40
CA GLU C 412 -30.73 36.99 -1.60
C GLU C 412 -29.33 37.55 -1.35
N ALA C 413 -29.19 38.39 -0.29
CA ALA C 413 -27.97 39.15 -0.07
C ALA C 413 -26.80 38.29 0.42
N LEU C 414 -27.05 37.22 1.18
CA LEU C 414 -25.97 36.50 1.82
C LEU C 414 -25.66 35.17 1.14
N ARG C 415 -26.30 34.86 -0.01
CA ARG C 415 -26.05 33.60 -0.72
C ARG C 415 -24.71 33.64 -1.47
N GLY C 416 -24.18 32.45 -1.74
CA GLY C 416 -23.05 32.27 -2.64
C GLY C 416 -23.51 31.78 -4.00
N THR C 417 -22.54 31.69 -4.92
CA THR C 417 -22.77 31.19 -6.27
C THR C 417 -23.46 29.83 -6.20
N SER C 418 -22.94 28.93 -5.35
CA SER C 418 -23.29 27.51 -5.42
C SER C 418 -23.76 27.00 -4.06
N ILE C 419 -24.23 27.92 -3.20
CA ILE C 419 -24.70 27.56 -1.86
C ILE C 419 -25.65 28.66 -1.41
N SER C 420 -26.74 28.27 -0.74
CA SER C 420 -27.75 29.20 -0.25
C SER C 420 -27.22 29.99 0.95
N ALA C 421 -27.91 31.08 1.29
CA ALA C 421 -27.53 31.91 2.43
C ALA C 421 -27.52 31.07 3.70
N ARG C 422 -28.55 30.23 3.86
CA ARG C 422 -28.80 29.53 5.11
C ARG C 422 -27.68 28.52 5.34
N ASP C 423 -27.38 27.76 4.29
CA ASP C 423 -26.39 26.72 4.36
C ASP C 423 -25.02 27.32 4.69
N ARG C 424 -24.67 28.42 4.01
CA ARG C 424 -23.38 29.03 4.21
C ARG C 424 -23.31 29.57 5.64
N VAL C 425 -24.41 30.18 6.11
CA VAL C 425 -24.41 30.75 7.44
C VAL C 425 -24.29 29.63 8.48
N SER C 426 -24.79 28.43 8.15
CA SER C 426 -24.70 27.33 9.09
C SER C 426 -23.25 26.86 9.24
N ILE C 427 -22.40 27.20 8.26
CA ILE C 427 -20.99 26.85 8.38
C ILE C 427 -20.34 27.76 9.42
N PHE C 428 -20.65 29.06 9.32
CA PHE C 428 -20.17 30.06 10.28
C PHE C 428 -20.60 29.67 11.69
N ARG C 429 -21.92 29.45 11.86
CA ARG C 429 -22.52 29.11 13.15
C ARG C 429 -21.94 27.82 13.74
N GLN C 430 -21.58 26.86 12.89
CA GLN C 430 -20.96 25.63 13.39
C GLN C 430 -19.57 25.95 13.97
N ILE C 431 -18.84 26.86 13.30
CA ILE C 431 -17.53 27.30 13.75
C ILE C 431 -17.67 28.19 15.01
N SER C 432 -18.63 29.12 15.03
CA SER C 432 -18.87 30.00 16.18
C SER C 432 -19.24 29.20 17.43
N GLU C 433 -20.09 28.18 17.26
CA GLU C 433 -20.52 27.35 18.36
C GLU C 433 -19.30 26.70 19.02
N ARG C 434 -18.43 26.12 18.19
CA ARG C 434 -17.32 25.32 18.68
C ARG C 434 -16.22 26.21 19.28
N TYR C 435 -15.95 27.37 18.68
CA TYR C 435 -14.72 28.10 19.01
C TYR C 435 -14.97 29.54 19.49
N LEU C 436 -16.23 30.00 19.58
CA LEU C 436 -16.52 31.39 19.91
C LEU C 436 -17.74 31.47 20.84
N THR C 437 -17.94 30.45 21.69
CA THR C 437 -18.97 30.44 22.71
C THR C 437 -18.36 29.90 23.99
N GLN C 438 -19.07 30.09 25.11
CA GLN C 438 -18.67 29.49 26.37
C GLN C 438 -18.75 27.98 26.20
N TRP C 439 -19.87 27.54 25.59
CA TRP C 439 -20.15 26.14 25.35
C TRP C 439 -18.91 25.50 24.71
N GLY C 440 -18.42 26.10 23.62
CA GLY C 440 -17.27 25.54 22.91
C GLY C 440 -15.95 25.74 23.66
N ALA C 441 -15.81 26.86 24.37
CA ALA C 441 -14.56 27.22 25.01
C ALA C 441 -14.15 26.13 26.02
N ARG C 442 -15.16 25.54 26.68
CA ARG C 442 -14.91 24.41 27.58
C ARG C 442 -14.24 23.25 26.84
N HIS C 443 -14.67 22.96 25.59
CA HIS C 443 -14.05 21.88 24.83
C HIS C 443 -12.54 22.14 24.74
N GLU C 444 -12.18 23.31 24.19
CA GLU C 444 -10.78 23.65 23.96
C GLU C 444 -10.02 23.67 25.30
N MET C 445 -10.67 24.14 26.39
CA MET C 445 -10.00 24.25 27.67
C MET C 445 -9.79 22.87 28.33
N PHE C 446 -10.79 21.99 28.21
CA PHE C 446 -10.61 20.60 28.61
C PHE C 446 -9.40 20.01 27.88
N GLU C 447 -9.36 20.15 26.54
CA GLU C 447 -8.28 19.58 25.74
C GLU C 447 -6.93 20.12 26.21
N LYS C 448 -6.89 21.38 26.67
CA LYS C 448 -5.63 22.03 27.00
C LYS C 448 -5.07 21.45 28.32
N PHE C 449 -5.94 21.26 29.33
CA PHE C 449 -5.46 20.94 30.67
C PHE C 449 -5.88 19.52 31.03
N ASN C 450 -6.31 18.77 30.01
CA ASN C 450 -6.60 17.35 30.10
C ASN C 450 -5.33 16.56 30.35
N GLY C 451 -5.27 15.83 31.47
CA GLY C 451 -4.04 15.15 31.86
C GLY C 451 -2.83 16.10 31.82
N THR C 452 -1.68 15.59 31.39
CA THR C 452 -0.42 16.31 31.53
C THR C 452 -0.33 17.40 30.43
N PRO C 453 -0.23 18.70 30.79
CA PRO C 453 -0.14 19.76 29.79
C PRO C 453 1.23 19.93 29.11
N LEU C 454 1.24 20.72 28.02
CA LEU C 454 2.37 20.90 27.11
C LEU C 454 3.69 21.16 27.86
N TYR C 455 3.71 22.16 28.75
CA TYR C 455 4.95 22.55 29.41
C TYR C 455 5.44 21.37 30.23
N LEU C 456 4.51 20.51 30.71
CA LEU C 456 4.87 19.38 31.55
C LEU C 456 5.30 18.17 30.69
N VAL C 457 4.71 18.04 29.48
CA VAL C 457 5.15 16.98 28.58
C VAL C 457 6.64 17.18 28.34
N ARG C 458 7.03 18.46 28.20
CA ARG C 458 8.38 18.87 27.87
C ARG C 458 9.32 18.47 29.01
N LEU C 459 8.97 18.84 30.23
CA LEU C 459 9.84 18.57 31.36
C LEU C 459 9.96 17.07 31.62
N LEU C 460 8.87 16.32 31.36
CA LEU C 460 8.86 14.87 31.53
C LEU C 460 9.65 14.18 30.41
N THR C 461 9.65 14.77 29.21
CA THR C 461 10.30 14.12 28.09
C THR C 461 11.75 13.89 28.47
N MET C 462 12.35 14.91 29.13
CA MET C 462 13.78 14.95 29.34
C MET C 462 14.15 14.12 30.56
N GLN C 463 13.16 13.70 31.36
CA GLN C 463 13.44 12.83 32.49
C GLN C 463 13.52 11.38 32.04
N ARG C 464 13.08 11.08 30.81
CA ARG C 464 13.08 9.71 30.30
C ARG C 464 14.49 9.21 30.04
N THR C 465 14.68 7.91 30.28
CA THR C 465 15.96 7.20 30.12
C THR C 465 16.44 7.32 28.66
N GLU C 466 15.51 7.21 27.70
CA GLU C 466 15.82 7.34 26.28
C GLU C 466 16.59 8.64 25.99
N TYR C 467 16.32 9.74 26.72
CA TYR C 467 16.70 11.09 26.27
C TYR C 467 17.76 11.73 27.18
N GLN C 468 18.37 10.93 28.05
CA GLN C 468 19.42 11.39 28.95
C GLN C 468 20.73 11.54 28.20
N VAL C 469 21.66 12.28 28.81
CA VAL C 469 22.97 12.60 28.25
C VAL C 469 23.71 11.30 27.89
N ASP C 470 23.71 10.31 28.78
CA ASP C 470 24.44 9.05 28.57
C ASP C 470 23.56 8.02 27.86
N GLY C 471 22.42 8.46 27.34
CA GLY C 471 21.45 7.56 26.75
C GLY C 471 21.62 7.46 25.24
N PRO C 472 20.78 6.64 24.57
CA PRO C 472 21.04 6.23 23.20
C PRO C 472 20.92 7.39 22.21
N LEU C 473 20.17 8.44 22.58
CA LEU C 473 19.93 9.55 21.67
C LEU C 473 21.21 10.34 21.37
N THR C 474 22.29 10.18 22.18
CA THR C 474 23.55 10.86 21.89
C THR C 474 24.57 9.91 21.28
N ASP C 475 24.22 8.64 21.06
CA ASP C 475 25.16 7.66 20.51
C ASP C 475 25.74 8.19 19.19
N LEU C 476 24.88 8.69 18.28
CA LEU C 476 25.35 9.19 17.00
C LEU C 476 26.27 10.40 17.19
N ALA C 477 25.85 11.37 18.02
CA ALA C 477 26.66 12.56 18.27
C ALA C 477 28.03 12.18 18.85
N ARG C 478 28.06 11.17 19.72
CA ARG C 478 29.29 10.71 20.36
C ARG C 478 30.23 10.14 19.30
N GLN C 479 29.72 9.27 18.40
CA GLN C 479 30.59 8.57 17.46
C GLN C 479 31.25 9.60 16.52
N VAL C 480 30.49 10.64 16.13
CA VAL C 480 30.96 11.73 15.29
C VAL C 480 32.09 12.53 15.97
N LEU C 481 31.94 12.78 17.27
CA LEU C 481 32.92 13.56 18.03
C LEU C 481 34.08 12.68 18.48
N GLY C 482 33.91 11.35 18.48
CA GLY C 482 34.93 10.45 18.98
C GLY C 482 34.99 10.45 20.51
N PHE C 483 33.82 10.38 21.14
CA PHE C 483 33.69 10.48 22.58
C PHE C 483 33.24 9.14 23.15
N GLY C 484 33.79 8.77 24.32
CA GLY C 484 33.18 7.78 25.20
C GLY C 484 32.00 8.39 25.97
N ASP C 485 31.67 7.80 27.13
CA ASP C 485 30.59 8.28 27.99
C ASP C 485 31.06 9.49 28.81
N THR C 486 30.16 10.02 29.67
CA THR C 486 30.47 11.21 30.44
C THR C 486 31.53 10.91 31.50
N GLU C 487 31.72 9.63 31.88
CA GLU C 487 32.80 9.26 32.76
C GLU C 487 34.12 9.27 31.96
N ALA C 488 34.15 8.53 30.84
CA ALA C 488 35.33 8.48 29.98
C ALA C 488 35.79 9.91 29.67
N LEU C 489 34.83 10.81 29.39
CA LEU C 489 35.11 12.19 29.04
C LEU C 489 35.66 12.98 30.23
N ALA C 490 35.04 12.80 31.40
CA ALA C 490 35.43 13.49 32.63
C ALA C 490 36.80 13.02 33.09
N ALA C 491 37.10 11.73 32.81
CA ALA C 491 38.37 11.10 33.12
C ALA C 491 39.51 11.74 32.33
N ARG C 492 39.29 12.02 31.05
CA ARG C 492 40.29 12.68 30.23
C ARG C 492 40.48 14.12 30.71
N ALA C 493 39.41 14.73 31.25
CA ALA C 493 39.45 16.08 31.79
C ALA C 493 40.39 16.16 33.00
N ALA C 494 40.23 15.20 33.93
CA ALA C 494 41.02 15.08 35.15
C ALA C 494 42.47 14.67 34.83
N GLU C 495 42.66 13.92 33.74
CA GLU C 495 43.99 13.51 33.32
C GLU C 495 44.82 14.71 32.84
N VAL C 496 44.19 15.67 32.14
CA VAL C 496 44.92 16.79 31.56
C VAL C 496 45.21 17.84 32.63
N GLU C 497 44.48 17.82 33.75
CA GLU C 497 44.84 18.63 34.91
C GLU C 497 46.17 18.11 35.48
N LYS C 498 46.19 16.84 35.89
CA LYS C 498 47.40 16.19 36.37
C LYS C 498 48.36 15.90 35.19
#